data_7RU0
#
_entry.id   7RU0
#
_cell.length_a   1.00
_cell.length_b   1.00
_cell.length_c   1.00
_cell.angle_alpha   90.00
_cell.angle_beta   90.00
_cell.angle_gamma   90.00
#
_symmetry.space_group_name_H-M   'P 1'
#
loop_
_entity.id
_entity.type
_entity.pdbx_description
1 polymer SthK
2 non-polymer "ADENOSINE-3',5'-CYCLIC-MONOPHOSPHATE"
#
_entity_poly.entity_id   1
_entity_poly.type   'polypeptide(L)'
_entity_poly.pdbx_seq_one_letter_code
;MAKDIGINSDPNSSSVDKLMKSSGVSNPTYTLVWKVWILAVTLYYAIRIPLTLVFPSLFSPLLPLDILASLALIADIPLD
LAFESRRTSGRKPTLLAPSRLPDLLAALPLDLLVFALHLPSPLSLLSLVRLLKLISVQASATRILSYRINPALLRLLSLV
GFILLAAHGIACGWMSLQPPSENPAGTRYLSAFYWTITTLTTIGYGDITPSTPTQTVYTIVIELLGAAMYGLVIGNIASL
VSKLDAAKLLHRERVERVTAFLSYKRISPELQRRIIEYFDYLWETRRGYEEREVLKELPHPLRLAVAMEIHGDVIEKVPL
FKGAGEEFIRDIILHLEPVIYGPGEYIIRAGEMGSDVYFINRGSVEVLSADEKTRYAILSEGQFFGEMALILRAPRTATV
RARAFCDLYRLDKETFDRILSRYPEIAAQIQELAVRRKELESSGLVPRGSVKHHHH
;
_entity_poly.pdbx_strand_id   A,B,C,D
#
loop_
_chem_comp.id
_chem_comp.type
_chem_comp.name
_chem_comp.formula
CMP non-polymer ADENOSINE-3',5'-CYCLIC-MONOPHOSPHATE 'C10 H12 N5 O6 P'
#
# COMPACT_ATOMS: atom_id res chain seq x y z
N THR A 29 -24.91 24.40 19.74
CA THR A 29 -24.38 24.84 21.02
C THR A 29 -23.76 26.22 20.92
N TYR A 30 -23.14 26.67 22.01
CA TYR A 30 -22.49 27.97 22.05
C TYR A 30 -20.98 27.91 22.15
N THR A 31 -20.43 26.76 22.57
CA THR A 31 -18.99 26.66 22.80
C THR A 31 -18.20 26.61 21.49
N LEU A 32 -18.81 26.13 20.40
CA LEU A 32 -18.13 26.14 19.11
C LEU A 32 -17.90 27.56 18.62
N VAL A 33 -18.81 28.48 18.92
CA VAL A 33 -18.59 29.90 18.62
C VAL A 33 -17.40 30.42 19.39
N TRP A 34 -17.25 29.96 20.63
CA TRP A 34 -16.09 30.36 21.43
C TRP A 34 -14.79 29.81 20.85
N LYS A 35 -14.79 28.56 20.39
CA LYS A 35 -13.61 28.03 19.73
C LYS A 35 -13.28 28.78 18.44
N VAL A 36 -14.28 29.13 17.64
CA VAL A 36 -13.95 29.85 16.40
C VAL A 36 -13.49 31.26 16.71
N TRP A 37 -13.99 31.87 17.80
CA TRP A 37 -13.56 33.23 18.11
C TRP A 37 -12.13 33.22 18.65
N ILE A 38 -11.78 32.24 19.50
CA ILE A 38 -10.40 32.14 19.97
C ILE A 38 -9.47 31.77 18.82
N LEU A 39 -9.96 30.97 17.86
CA LEU A 39 -9.18 30.70 16.64
C LEU A 39 -8.92 32.00 15.88
N ALA A 40 -9.93 32.86 15.76
CA ALA A 40 -9.75 34.14 15.10
C ALA A 40 -8.75 35.00 15.86
N VAL A 41 -8.79 34.95 17.19
CA VAL A 41 -7.85 35.72 18.01
C VAL A 41 -6.42 35.22 17.80
N THR A 42 -6.23 33.89 17.74
CA THR A 42 -4.90 33.37 17.49
C THR A 42 -4.41 33.70 16.08
N LEU A 43 -5.30 33.72 15.09
CA LEU A 43 -4.89 34.17 13.77
C LEU A 43 -4.53 35.64 13.77
N TYR A 44 -5.30 36.44 14.50
CA TYR A 44 -5.02 37.87 14.68
C TYR A 44 -3.62 38.07 15.24
N TYR A 45 -3.26 37.32 16.28
CA TYR A 45 -1.92 37.44 16.84
C TYR A 45 -0.86 36.95 15.86
N ALA A 46 -1.12 35.82 15.19
CA ALA A 46 -0.13 35.27 14.25
C ALA A 46 0.13 36.21 13.08
N ILE A 47 -0.85 37.03 12.70
CA ILE A 47 -0.63 37.99 11.62
C ILE A 47 -0.02 39.29 12.15
N ARG A 48 -0.40 39.71 13.37
CA ARG A 48 -0.09 41.05 13.86
C ARG A 48 1.21 41.13 14.66
N ILE A 49 1.50 40.14 15.52
CA ILE A 49 2.68 40.23 16.38
C ILE A 49 3.98 40.32 15.61
N PRO A 50 4.24 39.51 14.57
CA PRO A 50 5.46 39.74 13.77
C PRO A 50 5.50 41.12 13.13
N LEU A 51 4.35 41.64 12.69
CA LEU A 51 4.30 42.99 12.14
C LEU A 51 4.68 44.03 13.18
N THR A 52 4.21 43.87 14.41
CA THR A 52 4.61 44.77 15.48
C THR A 52 6.09 44.64 15.82
N LEU A 53 6.64 43.43 15.71
CA LEU A 53 8.08 43.24 15.87
C LEU A 53 8.84 44.04 14.82
N VAL A 54 8.44 43.92 13.56
CA VAL A 54 9.13 44.66 12.50
C VAL A 54 8.74 46.14 12.53
N PHE A 55 7.45 46.44 12.72
CA PHE A 55 6.97 47.82 12.74
C PHE A 55 6.56 48.20 14.16
N PRO A 56 7.38 48.98 14.88
CA PRO A 56 6.93 49.49 16.20
C PRO A 56 5.90 50.60 16.11
N SER A 57 5.58 51.08 14.89
CA SER A 57 4.55 52.09 14.71
C SER A 57 3.16 51.59 15.08
N LEU A 58 2.93 50.28 15.08
CA LEU A 58 1.67 49.70 15.52
C LEU A 58 1.61 49.68 17.04
N PHE A 59 0.57 49.01 17.58
CA PHE A 59 0.35 48.77 19.00
C PHE A 59 -0.06 50.06 19.73
N SER A 60 0.03 51.19 19.07
CA SER A 60 -0.39 52.45 19.67
C SER A 60 -1.91 52.68 19.53
N PRO A 61 -2.52 52.52 18.32
CA PRO A 61 -3.99 52.70 18.25
C PRO A 61 -4.76 51.43 18.57
N LEU A 62 -4.08 50.30 18.53
CA LEU A 62 -4.71 48.98 18.66
C LEU A 62 -4.90 48.54 20.11
N LEU A 63 -4.47 49.35 21.06
CA LEU A 63 -4.54 49.01 22.49
C LEU A 63 -5.92 48.54 22.96
N PRO A 64 -7.06 49.14 22.58
CA PRO A 64 -8.35 48.50 22.91
C PRO A 64 -8.51 47.11 22.31
N LEU A 65 -8.26 46.97 21.00
CA LEU A 65 -8.26 45.66 20.35
C LEU A 65 -7.16 44.73 20.86
N ASP A 66 -6.13 45.25 21.52
CA ASP A 66 -5.14 44.38 22.15
C ASP A 66 -5.55 43.94 23.54
N ILE A 67 -6.13 44.82 24.35
CA ILE A 67 -6.56 44.44 25.68
C ILE A 67 -7.75 43.48 25.63
N LEU A 68 -8.67 43.67 24.67
CA LEU A 68 -9.79 42.74 24.58
C LEU A 68 -9.31 41.35 24.14
N ALA A 69 -8.36 41.31 23.20
CA ALA A 69 -7.80 40.02 22.78
C ALA A 69 -7.04 39.36 23.91
N SER A 70 -6.29 40.15 24.69
CA SER A 70 -5.54 39.57 25.81
C SER A 70 -6.47 39.02 26.88
N LEU A 71 -7.54 39.75 27.22
CA LEU A 71 -8.47 39.24 28.22
C LEU A 71 -9.21 38.00 27.72
N ALA A 72 -9.55 37.97 26.43
CA ALA A 72 -10.16 36.77 25.87
C ALA A 72 -9.21 35.59 25.91
N LEU A 73 -7.93 35.81 25.61
CA LEU A 73 -6.96 34.72 25.59
C LEU A 73 -6.62 34.22 26.99
N ILE A 74 -6.65 35.09 28.00
CA ILE A 74 -6.37 34.63 29.35
C ILE A 74 -7.59 34.00 30.02
N ALA A 75 -8.79 34.27 29.52
CA ALA A 75 -10.01 33.67 30.02
C ALA A 75 -10.39 32.42 29.24
N ASP A 76 -9.44 31.48 29.13
CA ASP A 76 -9.73 30.20 28.49
C ASP A 76 -9.18 28.98 29.22
N ILE A 77 -8.33 29.14 30.24
CA ILE A 77 -7.73 27.99 30.90
C ILE A 77 -8.75 27.07 31.58
N PRO A 78 -9.71 27.56 32.39
CA PRO A 78 -10.48 26.59 33.21
C PRO A 78 -11.53 25.81 32.42
N LEU A 79 -11.79 26.15 31.16
CA LEU A 79 -12.79 25.45 30.36
C LEU A 79 -12.17 24.18 29.80
N ASP A 80 -12.14 23.14 30.65
CA ASP A 80 -11.60 21.85 30.23
C ASP A 80 -12.58 21.13 29.29
N LEU A 81 -13.87 21.23 29.56
CA LEU A 81 -14.88 20.57 28.73
C LEU A 81 -15.97 21.56 28.32
N ARG A 100 -1.83 21.47 28.64
CA ARG A 100 -2.16 22.76 29.22
C ARG A 100 -0.95 23.70 29.21
N LEU A 101 0.21 23.14 28.87
CA LEU A 101 1.43 23.95 28.79
C LEU A 101 1.34 25.07 27.75
N PRO A 102 0.90 24.84 26.49
CA PRO A 102 0.83 25.97 25.56
C PRO A 102 -0.11 27.08 26.01
N ASP A 103 -1.26 26.74 26.58
CA ASP A 103 -2.21 27.75 27.04
C ASP A 103 -1.61 28.59 28.17
N LEU A 104 -0.95 27.95 29.13
CA LEU A 104 -0.35 28.67 30.23
C LEU A 104 0.81 29.54 29.76
N LEU A 105 1.63 29.03 28.84
CA LEU A 105 2.75 29.82 28.34
C LEU A 105 2.28 31.00 27.49
N ALA A 106 1.19 30.84 26.75
CA ALA A 106 0.67 31.95 25.96
C ALA A 106 -0.10 32.95 26.81
N ALA A 107 -0.69 32.52 27.93
CA ALA A 107 -1.57 33.39 28.70
C ALA A 107 -0.83 34.38 29.58
N LEU A 108 0.47 34.19 29.80
CA LEU A 108 1.22 35.11 30.64
C LEU A 108 1.36 36.46 29.93
N PRO A 109 1.11 37.58 30.62
CA PRO A 109 1.01 38.90 29.96
C PRO A 109 2.38 39.49 29.60
N LEU A 110 3.11 38.79 28.72
CA LEU A 110 4.37 39.32 28.24
C LEU A 110 4.16 40.50 27.28
N ASP A 111 3.10 40.46 26.47
CA ASP A 111 2.71 41.62 25.69
C ASP A 111 2.13 42.69 26.60
N LEU A 112 1.96 43.90 26.02
CA LEU A 112 1.69 45.17 26.69
C LEU A 112 2.91 45.64 27.49
N LEU A 113 3.96 44.82 27.53
CA LEU A 113 5.24 45.17 28.12
C LEU A 113 6.39 45.09 27.14
N VAL A 114 6.35 44.14 26.19
CA VAL A 114 7.43 43.97 25.21
C VAL A 114 7.62 45.25 24.40
N PHE A 115 6.53 45.90 24.02
CA PHE A 115 6.58 47.08 23.17
C PHE A 115 6.40 48.38 23.94
N ALA A 116 6.01 48.33 25.21
CA ALA A 116 5.89 49.52 26.04
C ALA A 116 7.23 49.86 26.70
N LEU A 117 7.79 48.91 27.46
CA LEU A 117 9.13 49.09 28.01
C LEU A 117 10.22 48.95 26.95
N HIS A 118 9.85 48.50 25.75
CA HIS A 118 10.64 48.48 24.53
C HIS A 118 11.73 47.41 24.50
N LEU A 119 12.04 46.79 25.66
CA LEU A 119 12.61 45.45 25.85
C LEU A 119 13.49 44.99 24.70
N PRO A 120 14.73 45.54 24.58
CA PRO A 120 15.51 45.51 23.32
C PRO A 120 15.54 44.19 22.54
N SER A 121 15.75 44.34 21.23
CA SER A 121 15.42 43.30 20.25
C SER A 121 15.98 41.90 20.51
N PRO A 122 17.24 41.69 20.95
CA PRO A 122 17.70 40.29 21.12
C PRO A 122 16.90 39.49 22.14
N LEU A 123 16.35 40.13 23.17
CA LEU A 123 15.55 39.43 24.17
C LEU A 123 14.05 39.50 23.89
N SER A 124 13.63 40.15 22.81
CA SER A 124 12.21 40.25 22.48
C SER A 124 11.70 39.07 21.65
N LEU A 125 12.60 38.17 21.22
CA LEU A 125 12.19 37.02 20.42
C LEU A 125 11.37 36.01 21.21
N LEU A 126 11.32 36.13 22.54
CA LEU A 126 10.45 35.27 23.35
C LEU A 126 8.98 35.65 23.25
N SER A 127 8.64 36.71 22.52
CA SER A 127 7.24 37.05 22.27
C SER A 127 6.55 36.04 21.36
N LEU A 128 7.28 35.15 20.71
CA LEU A 128 6.69 34.19 19.78
C LEU A 128 6.04 33.00 20.48
N VAL A 129 6.15 32.90 21.81
CA VAL A 129 5.63 31.75 22.54
C VAL A 129 4.11 31.82 22.65
N ARG A 130 3.51 32.90 22.16
CA ARG A 130 2.05 33.03 22.16
C ARG A 130 1.39 32.24 21.04
N LEU A 131 2.14 31.78 20.04
CA LEU A 131 1.55 31.08 18.91
C LEU A 131 1.40 29.57 19.14
N LEU A 132 1.83 29.06 20.30
CA LEU A 132 1.76 27.64 20.59
C LEU A 132 0.33 27.11 20.74
N LYS A 133 -0.69 27.97 20.69
CA LYS A 133 -2.07 27.52 20.63
C LYS A 133 -2.39 26.82 19.30
N LEU A 134 -1.48 26.91 18.31
CA LEU A 134 -1.64 26.17 17.06
C LEU A 134 -1.76 24.67 17.31
N ILE A 135 -0.94 24.12 18.21
CA ILE A 135 -1.00 22.69 18.51
C ILE A 135 -2.37 22.33 19.10
N SER A 136 -2.84 23.14 20.04
CA SER A 136 -4.13 22.87 20.68
C SER A 136 -5.28 22.95 19.69
N VAL A 137 -5.28 23.97 18.83
CA VAL A 137 -6.39 24.13 17.89
C VAL A 137 -6.33 23.05 16.80
N GLN A 138 -5.13 22.63 16.39
CA GLN A 138 -5.01 21.56 15.41
C GLN A 138 -5.46 20.23 16.00
N ALA A 139 -5.18 20.00 17.29
CA ALA A 139 -5.68 18.80 17.94
C ALA A 139 -7.19 18.84 18.08
N SER A 140 -7.74 20.00 18.44
CA SER A 140 -9.18 20.14 18.63
C SER A 140 -9.93 20.19 17.29
N ALA A 141 -9.25 20.48 16.19
CA ALA A 141 -9.89 20.47 14.88
C ALA A 141 -10.42 19.10 14.48
N THR A 142 -9.88 18.03 15.05
CA THR A 142 -10.45 16.71 14.86
C THR A 142 -11.72 16.50 15.67
N ARG A 143 -11.83 17.15 16.83
CA ARG A 143 -13.00 17.02 17.69
C ARG A 143 -14.00 18.15 17.45
N ILE A 144 -14.43 18.28 16.20
CA ILE A 144 -15.49 19.23 15.86
C ILE A 144 -16.54 18.52 14.99
N PRO A 151 -10.93 13.11 4.38
CA PRO A 151 -9.63 13.77 4.25
C PRO A 151 -9.77 15.25 3.93
N ALA A 152 -10.97 15.80 4.14
CA ALA A 152 -11.24 17.19 3.79
C ALA A 152 -10.59 18.17 4.75
N LEU A 153 -10.29 17.74 5.98
CA LEU A 153 -9.74 18.65 6.99
C LEU A 153 -8.57 18.09 7.77
N LEU A 154 -8.28 16.80 7.71
CA LEU A 154 -7.19 16.24 8.52
C LEU A 154 -5.82 16.69 7.99
N ARG A 155 -5.61 16.57 6.68
CA ARG A 155 -4.35 16.95 6.07
C ARG A 155 -4.53 18.02 4.98
N LEU A 156 -5.62 18.77 5.03
CA LEU A 156 -5.86 19.85 4.09
C LEU A 156 -5.82 21.21 4.76
N LEU A 157 -6.69 21.44 5.76
CA LEU A 157 -6.69 22.71 6.48
C LEU A 157 -5.55 22.83 7.47
N SER A 158 -5.07 21.70 7.98
CA SER A 158 -3.90 21.69 8.85
C SER A 158 -2.58 21.84 8.10
N LEU A 159 -2.60 21.83 6.77
CA LEU A 159 -1.37 21.93 5.98
C LEU A 159 -1.28 23.22 5.17
N VAL A 160 -2.28 23.53 4.33
CA VAL A 160 -2.18 24.74 3.53
C VAL A 160 -2.32 26.00 4.39
N GLY A 161 -3.18 25.96 5.41
CA GLY A 161 -3.28 27.09 6.33
C GLY A 161 -2.01 27.26 7.15
N PHE A 162 -1.42 26.15 7.60
CA PHE A 162 -0.14 26.21 8.30
C PHE A 162 0.94 26.75 7.38
N ILE A 163 0.93 26.35 6.11
CA ILE A 163 1.91 26.85 5.15
C ILE A 163 1.77 28.35 4.97
N LEU A 164 0.52 28.84 4.85
CA LEU A 164 0.31 30.28 4.67
C LEU A 164 0.73 31.07 5.89
N LEU A 165 0.35 30.61 7.09
CA LEU A 165 0.75 31.31 8.31
C LEU A 165 2.27 31.31 8.48
N ALA A 166 2.91 30.16 8.23
CA ALA A 166 4.36 30.08 8.34
C ALA A 166 5.03 30.98 7.31
N ALA A 167 4.46 31.05 6.10
CA ALA A 167 5.01 31.91 5.05
C ALA A 167 4.95 33.37 5.47
N HIS A 168 3.81 33.80 6.02
CA HIS A 168 3.68 35.17 6.50
C HIS A 168 4.71 35.46 7.59
N GLY A 169 4.81 34.55 8.56
CA GLY A 169 5.75 34.76 9.66
C GLY A 169 7.19 34.84 9.20
N ILE A 170 7.57 33.98 8.25
CA ILE A 170 8.97 33.92 7.86
C ILE A 170 9.28 35.06 6.91
N ALA A 171 8.29 35.54 6.15
CA ALA A 171 8.51 36.74 5.35
C ALA A 171 8.70 37.96 6.24
N CYS A 172 7.92 38.07 7.33
CA CYS A 172 8.14 39.15 8.28
C CYS A 172 9.51 39.04 8.95
N GLY A 173 9.92 37.81 9.28
CA GLY A 173 11.24 37.64 9.85
C GLY A 173 12.35 38.00 8.88
N TRP A 174 12.20 37.64 7.61
CA TRP A 174 13.20 38.03 6.62
C TRP A 174 13.21 39.53 6.42
N MET A 175 12.05 40.17 6.58
CA MET A 175 11.99 41.63 6.57
C MET A 175 12.79 42.21 7.72
N SER A 176 12.85 41.51 8.86
CA SER A 176 13.47 42.10 10.05
C SER A 176 14.96 42.36 9.83
N LEU A 177 15.73 41.54 9.37
CA LEU A 177 17.20 41.71 9.20
C LEU A 177 17.49 42.30 7.82
N GLN A 178 16.92 43.40 7.47
CA GLN A 178 17.23 44.19 6.29
C GLN A 178 17.75 45.55 6.73
N PRO A 179 18.60 46.18 5.92
CA PRO A 179 18.93 47.59 6.16
C PRO A 179 17.71 48.48 6.04
N PRO A 180 17.62 49.53 6.85
CA PRO A 180 16.45 50.42 6.80
C PRO A 180 16.39 51.25 5.53
N SER A 181 15.45 50.92 4.64
CA SER A 181 15.30 51.58 3.36
C SER A 181 14.15 52.60 3.43
N GLU A 182 13.89 53.27 2.32
CA GLU A 182 12.82 54.26 2.22
C GLU A 182 11.86 53.79 1.13
N ASN A 183 10.91 52.95 1.52
CA ASN A 183 9.87 52.48 0.62
C ASN A 183 8.60 52.26 1.44
N PRO A 184 7.43 52.31 0.80
CA PRO A 184 6.19 52.01 1.52
C PRO A 184 6.18 50.61 2.11
N ALA A 185 5.55 50.48 3.28
CA ALA A 185 5.51 49.19 3.96
C ALA A 185 4.72 48.16 3.17
N GLY A 186 3.69 48.57 2.45
CA GLY A 186 2.89 47.63 1.67
C GLY A 186 3.68 46.98 0.55
N THR A 187 4.36 47.79 -0.26
CA THR A 187 5.10 47.24 -1.39
C THR A 187 6.32 46.45 -0.91
N ARG A 188 6.93 46.84 0.20
CA ARG A 188 8.04 46.07 0.75
C ARG A 188 7.53 44.74 1.31
N TYR A 189 6.34 44.73 1.89
CA TYR A 189 5.76 43.48 2.36
C TYR A 189 5.45 42.55 1.19
N LEU A 190 4.91 43.08 0.10
CA LEU A 190 4.68 42.27 -1.09
C LEU A 190 5.99 41.74 -1.66
N SER A 191 7.04 42.55 -1.70
CA SER A 191 8.33 42.09 -2.20
C SER A 191 8.92 40.99 -1.30
N ALA A 192 8.82 41.16 0.01
CA ALA A 192 9.34 40.16 0.94
C ALA A 192 8.58 38.86 0.82
N PHE A 193 7.24 38.92 0.76
CA PHE A 193 6.45 37.71 0.58
C PHE A 193 6.71 37.07 -0.79
N TYR A 194 7.01 37.89 -1.80
CA TYR A 194 7.36 37.37 -3.12
C TYR A 194 8.65 36.55 -3.06
N TRP A 195 9.69 37.10 -2.42
CA TRP A 195 10.94 36.36 -2.27
C TRP A 195 10.72 35.11 -1.43
N THR A 196 9.90 35.23 -0.38
CA THR A 196 9.63 34.10 0.51
C THR A 196 8.94 32.97 -0.24
N ILE A 197 7.84 33.25 -0.94
CA ILE A 197 7.15 32.22 -1.70
C ILE A 197 8.00 31.71 -2.87
N THR A 198 8.98 32.52 -3.32
CA THR A 198 9.94 32.04 -4.32
C THR A 198 10.87 30.99 -3.75
N THR A 199 11.39 31.19 -2.54
CA THR A 199 12.38 30.27 -1.99
C THR A 199 11.77 29.14 -1.16
N LEU A 200 10.58 29.37 -0.59
CA LEU A 200 9.86 28.34 0.16
C LEU A 200 9.25 27.27 -0.74
N THR A 201 8.89 27.63 -1.98
CA THR A 201 8.21 26.71 -2.88
C THR A 201 9.16 26.18 -3.95
N THR A 202 10.45 26.50 -3.83
CA THR A 202 11.52 25.99 -4.70
C THR A 202 11.27 26.36 -6.16
N ILE A 203 11.32 27.66 -6.42
CA ILE A 203 11.23 28.20 -7.78
C ILE A 203 12.57 28.75 -8.25
N GLY A 204 13.14 29.69 -7.49
CA GLY A 204 14.49 30.16 -7.74
C GLY A 204 14.65 31.15 -8.88
N TYR A 205 14.03 32.33 -8.77
CA TYR A 205 14.30 33.40 -9.73
C TYR A 205 15.67 34.03 -9.50
N GLY A 206 15.88 34.58 -8.32
CA GLY A 206 17.16 35.16 -7.96
C GLY A 206 17.26 36.67 -8.10
N ASP A 207 16.14 37.35 -8.37
CA ASP A 207 16.18 38.82 -8.44
C ASP A 207 16.47 39.43 -7.07
N ILE A 208 16.14 38.74 -5.99
CA ILE A 208 16.45 39.18 -4.63
C ILE A 208 17.38 38.14 -4.02
N THR A 209 18.57 38.57 -3.61
CA THR A 209 19.57 37.67 -3.04
C THR A 209 20.15 38.27 -1.77
N PRO A 210 20.57 37.42 -0.84
CA PRO A 210 21.22 37.92 0.38
C PRO A 210 22.57 38.55 0.08
N SER A 211 22.95 39.51 0.92
CA SER A 211 24.23 40.20 0.75
C SER A 211 25.11 40.13 1.99
N THR A 212 24.53 40.23 3.20
CA THR A 212 25.30 40.19 4.43
C THR A 212 25.50 38.74 4.88
N PRO A 213 26.58 38.46 5.62
CA PRO A 213 26.80 37.09 6.11
C PRO A 213 25.67 36.59 7.01
N THR A 214 25.05 37.46 7.81
CA THR A 214 23.95 37.03 8.66
C THR A 214 22.71 36.69 7.85
N GLN A 215 22.42 37.47 6.80
CA GLN A 215 21.34 37.12 5.90
C GLN A 215 21.65 35.86 5.11
N THR A 216 22.92 35.62 4.78
CA THR A 216 23.28 34.35 4.13
C THR A 216 23.10 33.17 5.07
N VAL A 217 23.33 33.36 6.37
CA VAL A 217 23.07 32.29 7.31
C VAL A 217 21.57 32.06 7.44
N TYR A 218 20.79 33.14 7.51
CA TYR A 218 19.35 32.97 7.61
C TYR A 218 18.78 32.30 6.38
N THR A 219 19.28 32.66 5.19
CA THR A 219 18.75 32.02 3.99
C THR A 219 19.16 30.55 3.88
N ILE A 220 20.25 30.12 4.53
CA ILE A 220 20.55 28.68 4.53
C ILE A 220 19.44 27.91 5.24
N VAL A 221 19.11 28.33 6.46
CA VAL A 221 18.13 27.59 7.24
C VAL A 221 16.72 27.78 6.68
N ILE A 222 16.40 28.95 6.11
CA ILE A 222 15.08 29.07 5.52
C ILE A 222 14.98 28.26 4.23
N GLU A 223 16.07 28.16 3.45
CA GLU A 223 16.05 27.29 2.27
C GLU A 223 15.81 25.85 2.67
N LEU A 224 16.53 25.37 3.68
CA LEU A 224 16.38 23.99 4.14
C LEU A 224 14.96 23.75 4.64
N LEU A 225 14.47 24.61 5.54
CA LEU A 225 13.16 24.39 6.15
C LEU A 225 12.05 24.54 5.12
N GLY A 226 12.17 25.51 4.22
CA GLY A 226 11.14 25.71 3.22
C GLY A 226 11.06 24.59 2.20
N ALA A 227 12.21 24.09 1.74
CA ALA A 227 12.16 22.96 0.81
C ALA A 227 11.77 21.67 1.50
N ALA A 228 12.00 21.56 2.82
CA ALA A 228 11.43 20.45 3.58
C ALA A 228 9.93 20.57 3.64
N MET A 229 9.41 21.76 3.93
CA MET A 229 7.97 21.93 4.10
C MET A 229 7.27 21.70 2.76
N TYR A 230 7.83 22.28 1.69
CA TYR A 230 7.26 22.13 0.35
C TYR A 230 7.20 20.67 -0.04
N GLY A 231 8.35 19.96 0.05
CA GLY A 231 8.35 18.56 -0.31
C GLY A 231 7.42 17.74 0.55
N LEU A 232 7.40 18.02 1.86
CA LEU A 232 6.54 17.28 2.78
C LEU A 232 5.07 17.42 2.40
N VAL A 233 4.60 18.66 2.26
CA VAL A 233 3.17 18.88 2.01
C VAL A 233 2.79 18.38 0.62
N ILE A 234 3.65 18.59 -0.39
CA ILE A 234 3.29 18.19 -1.74
C ILE A 234 3.29 16.68 -1.88
N GLY A 235 4.28 15.99 -1.29
CA GLY A 235 4.25 14.55 -1.29
C GLY A 235 3.09 13.98 -0.49
N ASN A 236 2.74 14.64 0.62
CA ASN A 236 1.60 14.21 1.41
C ASN A 236 0.30 14.31 0.60
N ILE A 237 0.10 15.44 -0.07
CA ILE A 237 -1.10 15.62 -0.86
C ILE A 237 -1.11 14.66 -2.06
N ALA A 238 0.06 14.41 -2.67
CA ALA A 238 0.11 13.47 -3.79
C ALA A 238 -0.23 12.05 -3.35
N SER A 239 0.27 11.64 -2.18
CA SER A 239 -0.08 10.33 -1.65
C SER A 239 -1.50 10.28 -1.10
N LEU A 240 -2.09 11.44 -0.80
CA LEU A 240 -3.44 11.47 -0.26
C LEU A 240 -4.50 11.52 -1.35
N VAL A 241 -4.22 12.14 -2.49
CA VAL A 241 -5.21 12.12 -3.56
C VAL A 241 -5.29 10.71 -4.15
N SER A 242 -4.20 9.95 -4.08
CA SER A 242 -4.31 8.53 -4.39
C SER A 242 -5.07 7.76 -3.33
N LYS A 243 -5.34 8.38 -2.17
CA LYS A 243 -6.28 7.83 -1.20
C LYS A 243 -7.58 8.61 -1.11
N LEU A 244 -7.61 9.85 -1.61
CA LEU A 244 -8.81 10.67 -1.53
C LEU A 244 -9.94 10.03 -2.33
N ASP A 245 -11.18 10.25 -1.88
CA ASP A 245 -12.36 9.53 -2.35
C ASP A 245 -12.08 8.04 -2.62
N ALA A 246 -11.64 7.37 -1.55
CA ALA A 246 -11.16 5.99 -1.57
C ALA A 246 -12.22 4.96 -1.98
N ALA A 247 -13.48 5.37 -2.11
CA ALA A 247 -14.51 4.50 -2.67
C ALA A 247 -14.41 4.33 -4.19
N LYS A 248 -14.31 5.42 -4.95
CA LYS A 248 -14.10 5.27 -6.39
C LYS A 248 -12.72 4.70 -6.72
N LEU A 249 -11.68 5.06 -5.97
CA LEU A 249 -10.34 4.51 -6.21
C LEU A 249 -10.24 3.03 -5.86
N LEU A 250 -10.74 2.60 -4.71
CA LEU A 250 -10.72 1.16 -4.42
C LEU A 250 -11.71 0.40 -5.29
N HIS A 251 -12.97 0.84 -5.39
CA HIS A 251 -13.91 0.03 -6.14
C HIS A 251 -13.54 -0.03 -7.62
N ARG A 252 -13.29 1.12 -8.26
CA ARG A 252 -12.99 1.03 -9.69
C ARG A 252 -11.83 0.09 -9.96
N GLU A 253 -10.86 -0.05 -9.03
CA GLU A 253 -9.78 -1.00 -9.30
C GLU A 253 -10.28 -2.42 -9.08
N ARG A 254 -11.32 -2.56 -8.25
CA ARG A 254 -11.93 -3.87 -8.04
C ARG A 254 -12.56 -4.34 -9.34
N VAL A 255 -13.27 -3.41 -10.00
CA VAL A 255 -13.83 -3.68 -11.33
C VAL A 255 -12.71 -3.90 -12.33
N GLU A 256 -11.63 -3.12 -12.23
CA GLU A 256 -10.58 -3.18 -13.24
C GLU A 256 -9.95 -4.56 -13.27
N ARG A 257 -9.61 -5.12 -12.10
CA ARG A 257 -8.88 -6.39 -12.08
C ARG A 257 -9.73 -7.49 -12.73
N VAL A 258 -11.01 -7.57 -12.33
CA VAL A 258 -11.89 -8.62 -12.85
C VAL A 258 -12.08 -8.43 -14.35
N THR A 259 -12.57 -7.23 -14.73
CA THR A 259 -12.79 -6.89 -16.14
C THR A 259 -11.55 -7.22 -16.95
N ALA A 260 -10.37 -6.88 -16.41
CA ALA A 260 -9.12 -7.03 -17.12
C ALA A 260 -8.90 -8.49 -17.47
N PHE A 261 -9.15 -9.38 -16.50
CA PHE A 261 -8.83 -10.78 -16.79
C PHE A 261 -9.91 -11.44 -17.62
N LEU A 262 -11.18 -11.10 -17.39
CA LEU A 262 -12.26 -11.63 -18.22
C LEU A 262 -12.21 -11.10 -19.65
N SER A 263 -11.58 -9.95 -19.88
CA SER A 263 -11.32 -9.46 -21.23
C SER A 263 -9.97 -9.92 -21.76
N TYR A 264 -9.08 -10.41 -20.90
CA TYR A 264 -7.95 -11.18 -21.38
C TYR A 264 -8.41 -12.50 -22.00
N LYS A 265 -9.40 -13.14 -21.38
CA LYS A 265 -10.18 -14.15 -22.06
C LYS A 265 -11.22 -13.47 -22.96
N ARG A 266 -11.97 -14.27 -23.71
CA ARG A 266 -13.01 -13.76 -24.59
C ARG A 266 -14.36 -14.30 -24.17
N ILE A 267 -15.30 -13.39 -23.97
CA ILE A 267 -16.59 -13.66 -23.36
C ILE A 267 -17.66 -13.09 -24.27
N SER A 268 -18.81 -13.76 -24.37
CA SER A 268 -19.81 -13.42 -25.35
C SER A 268 -20.44 -12.05 -25.05
N PRO A 269 -20.91 -11.35 -26.09
CA PRO A 269 -21.52 -10.01 -25.86
C PRO A 269 -22.73 -10.02 -24.95
N GLU A 270 -23.55 -11.06 -24.99
CA GLU A 270 -24.66 -11.17 -24.04
C GLU A 270 -24.22 -11.69 -22.68
N LEU A 271 -22.93 -12.00 -22.51
CA LEU A 271 -22.35 -12.18 -21.19
C LEU A 271 -21.33 -11.10 -20.82
N GLN A 272 -20.79 -10.38 -21.80
CA GLN A 272 -20.14 -9.10 -21.50
C GLN A 272 -21.12 -8.13 -20.84
N ARG A 273 -22.32 -8.02 -21.38
CA ARG A 273 -23.40 -7.40 -20.62
C ARG A 273 -23.80 -8.31 -19.47
N ARG A 274 -24.37 -7.70 -18.42
CA ARG A 274 -24.71 -8.31 -17.13
C ARG A 274 -23.49 -8.55 -16.25
N ILE A 275 -22.28 -8.47 -16.80
CA ILE A 275 -21.08 -8.45 -15.97
C ILE A 275 -20.77 -7.02 -15.58
N ILE A 276 -20.46 -6.19 -16.59
CA ILE A 276 -20.34 -4.75 -16.36
C ILE A 276 -21.66 -4.16 -15.88
N GLU A 277 -22.78 -4.78 -16.23
CA GLU A 277 -24.06 -4.25 -15.77
C GLU A 277 -24.41 -4.73 -14.37
N TYR A 278 -23.87 -5.87 -13.92
CA TYR A 278 -23.97 -6.19 -12.50
C TYR A 278 -23.08 -5.29 -11.67
N PHE A 279 -21.90 -4.94 -12.19
CA PHE A 279 -21.09 -3.92 -11.53
C PHE A 279 -21.75 -2.55 -11.56
N ASP A 280 -22.54 -2.26 -12.60
CA ASP A 280 -23.29 -0.99 -12.63
C ASP A 280 -24.42 -0.98 -11.61
N TYR A 281 -25.12 -2.11 -11.46
CA TYR A 281 -26.13 -2.20 -10.42
C TYR A 281 -25.51 -2.12 -9.03
N LEU A 282 -24.33 -2.70 -8.86
CA LEU A 282 -23.63 -2.61 -7.57
C LEU A 282 -22.97 -1.25 -7.39
N TRP A 283 -22.91 -0.44 -8.44
CA TRP A 283 -22.31 0.89 -8.45
C TRP A 283 -23.36 1.98 -8.29
N GLU A 284 -24.61 1.70 -8.63
CA GLU A 284 -25.71 2.66 -8.53
C GLU A 284 -26.67 2.36 -7.39
N THR A 285 -27.04 1.09 -7.21
CA THR A 285 -27.91 0.73 -6.10
C THR A 285 -27.12 0.53 -4.81
N ARG A 286 -25.91 -0.02 -4.91
CA ARG A 286 -25.07 -0.27 -3.75
C ARG A 286 -23.81 0.58 -3.70
N ARG A 287 -23.47 1.28 -4.79
CA ARG A 287 -22.31 2.17 -4.84
C ARG A 287 -21.01 1.43 -4.53
N GLY A 288 -20.76 0.41 -5.33
CA GLY A 288 -19.52 -0.35 -5.25
C GLY A 288 -19.18 -1.09 -3.98
N TYR A 289 -20.09 -1.93 -3.50
CA TYR A 289 -20.02 -2.42 -2.13
C TYR A 289 -20.82 -3.70 -1.95
N GLU A 290 -20.18 -4.72 -1.39
CA GLU A 290 -20.87 -5.84 -0.78
C GLU A 290 -20.89 -5.60 0.72
N GLU A 291 -21.78 -6.30 1.41
CA GLU A 291 -22.13 -5.93 2.78
C GLU A 291 -21.46 -6.79 3.85
N ARG A 292 -21.55 -8.11 3.73
CA ARG A 292 -21.19 -8.97 4.84
C ARG A 292 -19.68 -9.02 5.08
N GLU A 293 -18.87 -8.94 4.02
CA GLU A 293 -17.41 -8.97 4.15
C GLU A 293 -16.87 -7.77 4.93
N VAL A 294 -17.63 -6.69 5.04
CA VAL A 294 -17.22 -5.53 5.83
C VAL A 294 -17.91 -5.46 7.20
N LEU A 295 -19.01 -6.18 7.41
CA LEU A 295 -19.67 -6.12 8.71
C LEU A 295 -19.28 -7.22 9.70
N LYS A 296 -18.35 -8.13 9.40
CA LYS A 296 -17.84 -8.99 10.48
C LYS A 296 -17.18 -8.21 11.62
N GLU A 297 -16.33 -7.22 11.31
CA GLU A 297 -15.55 -6.62 12.40
C GLU A 297 -16.43 -5.83 13.37
N LEU A 298 -17.64 -5.45 12.95
CA LEU A 298 -18.57 -4.79 13.86
C LEU A 298 -19.16 -5.83 14.82
N PRO A 299 -19.22 -5.54 16.13
CA PRO A 299 -19.55 -6.58 17.12
C PRO A 299 -20.94 -7.19 16.94
N HIS A 300 -21.15 -8.31 17.65
CA HIS A 300 -22.39 -9.08 17.51
C HIS A 300 -23.64 -8.33 17.96
N PRO A 301 -23.69 -7.70 19.14
CA PRO A 301 -24.84 -6.81 19.40
C PRO A 301 -24.89 -5.65 18.44
N LEU A 302 -23.75 -5.24 17.89
CA LEU A 302 -23.75 -4.16 16.93
C LEU A 302 -24.15 -4.66 15.54
N ARG A 303 -24.01 -5.84 15.19
CA ARG A 303 -24.57 -6.32 13.92
C ARG A 303 -26.07 -6.43 14.15
N LEU A 304 -26.48 -6.82 15.44
CA LEU A 304 -27.91 -6.84 15.72
C LEU A 304 -28.54 -5.47 15.50
N ALA A 305 -27.96 -4.44 16.13
CA ALA A 305 -28.53 -3.09 16.06
C ALA A 305 -28.47 -2.52 14.65
N VAL A 306 -27.30 -2.58 14.00
CA VAL A 306 -27.16 -1.98 12.68
C VAL A 306 -28.04 -2.72 11.67
N ALA A 307 -28.14 -4.04 11.79
CA ALA A 307 -28.95 -4.79 10.83
C ALA A 307 -30.44 -4.56 11.04
N MET A 308 -30.90 -4.46 12.29
CA MET A 308 -32.33 -4.17 12.48
C MET A 308 -32.66 -2.74 12.09
N GLU A 309 -31.68 -1.82 12.16
CA GLU A 309 -31.94 -0.46 11.68
C GLU A 309 -31.96 -0.40 10.16
N ILE A 310 -31.08 -1.16 9.50
CA ILE A 310 -30.90 -1.01 8.05
C ILE A 310 -31.91 -1.84 7.28
N HIS A 311 -32.04 -3.13 7.63
CA HIS A 311 -32.98 -4.02 6.95
C HIS A 311 -34.40 -3.84 7.49
N GLY A 312 -34.88 -2.60 7.52
CA GLY A 312 -36.25 -2.30 7.84
C GLY A 312 -37.23 -2.43 6.69
N ASP A 313 -36.71 -2.71 5.50
CA ASP A 313 -37.54 -2.83 4.29
C ASP A 313 -38.16 -4.22 4.20
N VAL A 314 -37.37 -5.27 4.38
CA VAL A 314 -37.87 -6.63 4.21
C VAL A 314 -38.88 -7.00 5.30
N ILE A 315 -38.69 -6.50 6.52
CA ILE A 315 -39.52 -6.89 7.66
C ILE A 315 -40.74 -5.96 7.79
N GLU A 316 -41.73 -6.43 8.57
CA GLU A 316 -43.01 -5.79 8.93
C GLU A 316 -43.83 -5.21 7.76
N LYS A 317 -43.69 -5.77 6.56
CA LYS A 317 -44.61 -5.50 5.46
C LYS A 317 -45.20 -6.75 4.82
N VAL A 318 -44.48 -7.88 4.88
CA VAL A 318 -45.12 -9.14 4.49
C VAL A 318 -45.76 -9.72 5.74
N PRO A 319 -46.92 -10.37 5.65
CA PRO A 319 -47.59 -10.91 6.86
C PRO A 319 -46.77 -11.91 7.65
N LEU A 320 -45.78 -12.57 7.03
CA LEU A 320 -44.84 -13.36 7.81
C LEU A 320 -44.06 -12.47 8.79
N PHE A 321 -43.49 -11.38 8.28
CA PHE A 321 -42.53 -10.59 9.05
C PHE A 321 -43.17 -9.56 9.97
N LYS A 322 -44.45 -9.22 9.79
CA LYS A 322 -45.11 -8.34 10.74
C LYS A 322 -45.79 -9.14 11.85
N GLY A 323 -45.79 -8.56 13.05
CA GLY A 323 -46.38 -9.21 14.21
C GLY A 323 -45.66 -10.46 14.65
N ALA A 324 -44.40 -10.63 14.24
CA ALA A 324 -43.65 -11.84 14.52
C ALA A 324 -42.78 -11.72 15.77
N GLY A 325 -43.17 -10.89 16.73
CA GLY A 325 -42.32 -10.80 17.91
C GLY A 325 -41.02 -10.04 17.70
N GLU A 326 -40.04 -10.38 18.55
CA GLU A 326 -38.75 -9.70 18.57
C GLU A 326 -37.55 -10.63 18.49
N GLU A 327 -37.65 -11.86 19.00
CA GLU A 327 -36.47 -12.72 19.03
C GLU A 327 -36.09 -13.24 17.64
N PHE A 328 -37.05 -13.35 16.72
CA PHE A 328 -36.74 -13.35 15.30
C PHE A 328 -35.81 -12.21 14.89
N ILE A 329 -36.30 -10.96 14.95
CA ILE A 329 -35.62 -9.88 14.23
C ILE A 329 -34.18 -9.74 14.72
N ARG A 330 -33.89 -10.09 15.98
CA ARG A 330 -32.48 -10.21 16.34
C ARG A 330 -31.82 -11.49 15.81
N ASP A 331 -32.54 -12.61 15.75
CA ASP A 331 -31.86 -13.87 15.42
C ASP A 331 -31.60 -14.06 13.93
N ILE A 332 -32.43 -13.50 13.06
CA ILE A 332 -32.41 -13.87 11.65
C ILE A 332 -31.98 -12.72 10.73
N ILE A 333 -32.00 -11.48 11.20
CA ILE A 333 -31.67 -10.37 10.30
C ILE A 333 -30.17 -10.29 10.05
N LEU A 334 -29.36 -10.87 10.95
CA LEU A 334 -27.95 -11.09 10.65
C LEU A 334 -27.79 -12.23 9.64
N HIS A 335 -28.63 -13.26 9.73
CA HIS A 335 -28.63 -14.33 8.74
C HIS A 335 -29.34 -13.94 7.46
N LEU A 336 -30.01 -12.78 7.42
CA LEU A 336 -30.66 -12.29 6.21
C LEU A 336 -29.60 -11.85 5.21
N GLU A 337 -29.30 -12.70 4.22
CA GLU A 337 -28.21 -12.47 3.30
C GLU A 337 -28.78 -12.12 1.93
N PRO A 338 -28.48 -10.95 1.37
CA PRO A 338 -29.05 -10.56 0.08
C PRO A 338 -28.20 -10.97 -1.11
N VAL A 339 -28.88 -11.26 -2.22
CA VAL A 339 -28.26 -11.50 -3.52
C VAL A 339 -29.04 -10.73 -4.57
N ILE A 340 -28.39 -10.55 -5.72
CA ILE A 340 -28.93 -9.80 -6.85
C ILE A 340 -28.95 -10.72 -8.06
N TYR A 341 -30.04 -10.68 -8.81
CA TYR A 341 -30.22 -11.52 -9.99
C TYR A 341 -30.57 -10.64 -11.17
N GLY A 342 -30.00 -10.93 -12.32
CA GLY A 342 -30.25 -10.14 -13.50
C GLY A 342 -31.44 -10.63 -14.30
N PRO A 343 -31.75 -9.95 -15.40
CA PRO A 343 -32.90 -10.35 -16.22
C PRO A 343 -32.74 -11.75 -16.79
N GLY A 344 -33.85 -12.48 -16.84
CA GLY A 344 -33.90 -13.78 -17.50
C GLY A 344 -32.89 -14.79 -17.01
N GLU A 345 -32.68 -14.85 -15.69
CA GLU A 345 -31.66 -15.70 -15.10
C GLU A 345 -32.32 -16.86 -14.36
N TYR A 346 -31.83 -18.07 -14.62
CA TYR A 346 -32.38 -19.27 -13.99
C TYR A 346 -31.80 -19.48 -12.60
N ILE A 347 -32.59 -20.12 -11.75
CA ILE A 347 -32.17 -20.52 -10.42
C ILE A 347 -32.35 -22.02 -10.22
N ILE A 348 -33.52 -22.54 -10.58
CA ILE A 348 -33.87 -23.94 -10.42
C ILE A 348 -34.42 -24.42 -11.76
N ARG A 349 -34.44 -25.74 -11.96
CA ARG A 349 -34.78 -26.27 -13.28
C ARG A 349 -36.13 -27.00 -13.31
N ALA A 350 -36.29 -28.12 -12.63
CA ALA A 350 -37.62 -28.70 -12.47
C ALA A 350 -37.90 -29.20 -11.06
N GLY A 351 -37.03 -30.09 -10.57
CA GLY A 351 -37.28 -30.87 -9.37
C GLY A 351 -36.07 -31.10 -8.51
N GLU A 352 -35.15 -30.14 -8.50
CA GLU A 352 -33.88 -30.26 -7.80
C GLU A 352 -34.09 -30.39 -6.28
N MET A 353 -32.99 -30.63 -5.59
CA MET A 353 -32.96 -30.70 -4.13
C MET A 353 -32.44 -29.39 -3.55
N GLY A 354 -32.68 -29.21 -2.26
CA GLY A 354 -32.14 -28.05 -1.55
C GLY A 354 -32.69 -26.73 -2.04
N SER A 355 -34.01 -26.65 -2.24
CA SER A 355 -34.66 -25.43 -2.71
C SER A 355 -35.13 -24.65 -1.48
N ASP A 356 -34.28 -23.73 -1.02
CA ASP A 356 -34.61 -22.96 0.17
C ASP A 356 -35.74 -21.96 -0.14
N VAL A 357 -36.27 -21.36 0.92
CA VAL A 357 -37.46 -20.52 0.81
C VAL A 357 -37.08 -19.12 0.35
N TYR A 358 -37.75 -18.65 -0.71
CA TYR A 358 -37.37 -17.45 -1.44
C TYR A 358 -38.23 -16.29 -0.97
N PHE A 359 -37.60 -15.26 -0.39
CA PHE A 359 -38.29 -14.08 0.11
C PHE A 359 -38.06 -12.94 -0.88
N ILE A 360 -39.10 -12.61 -1.66
CA ILE A 360 -39.03 -11.51 -2.62
C ILE A 360 -39.51 -10.23 -1.94
N ASN A 361 -38.66 -9.21 -1.95
CA ASN A 361 -39.00 -7.91 -1.36
C ASN A 361 -39.70 -6.99 -2.36
N ARG A 362 -39.04 -6.71 -3.48
CA ARG A 362 -39.62 -5.90 -4.54
C ARG A 362 -39.22 -6.45 -5.90
N GLY A 363 -40.12 -6.30 -6.86
CA GLY A 363 -39.95 -6.87 -8.18
C GLY A 363 -40.93 -7.99 -8.44
N SER A 364 -41.29 -8.15 -9.72
CA SER A 364 -42.24 -9.15 -10.18
C SER A 364 -41.54 -10.20 -11.02
N VAL A 365 -41.75 -11.47 -10.66
CA VAL A 365 -41.17 -12.61 -11.35
C VAL A 365 -42.26 -13.57 -11.79
N GLU A 366 -42.19 -14.02 -13.03
CA GLU A 366 -43.17 -14.93 -13.60
C GLU A 366 -42.87 -16.36 -13.18
N VAL A 367 -43.91 -17.18 -13.08
CA VAL A 367 -43.74 -18.62 -12.90
C VAL A 367 -44.39 -19.33 -14.09
N LEU A 368 -43.64 -20.24 -14.71
CA LEU A 368 -44.10 -21.00 -15.86
C LEU A 368 -43.98 -22.49 -15.57
N SER A 369 -44.37 -23.30 -16.56
CA SER A 369 -44.29 -24.74 -16.42
C SER A 369 -42.85 -25.22 -16.62
N ALA A 370 -42.66 -26.54 -16.57
CA ALA A 370 -41.33 -27.10 -16.83
C ALA A 370 -40.84 -26.76 -18.23
N ASP A 371 -41.76 -26.64 -19.18
CA ASP A 371 -41.45 -26.13 -20.51
C ASP A 371 -41.82 -24.65 -20.59
N GLU A 372 -41.61 -24.06 -21.78
CA GLU A 372 -41.86 -22.65 -21.99
C GLU A 372 -43.36 -22.33 -22.11
N LYS A 373 -44.20 -23.34 -22.31
CA LYS A 373 -45.61 -23.11 -22.59
C LYS A 373 -46.39 -23.16 -21.27
N THR A 374 -47.67 -22.76 -21.33
CA THR A 374 -48.64 -22.82 -20.23
C THR A 374 -48.17 -21.98 -19.03
N ARG A 375 -48.14 -20.67 -19.28
CA ARG A 375 -47.98 -19.62 -18.28
C ARG A 375 -48.82 -19.87 -17.04
N TYR A 376 -48.17 -19.93 -15.87
CA TYR A 376 -48.91 -20.11 -14.62
C TYR A 376 -49.47 -18.80 -14.08
N ALA A 377 -48.58 -17.90 -13.65
CA ALA A 377 -48.96 -16.70 -12.92
C ALA A 377 -47.79 -15.77 -12.61
N ILE A 378 -48.10 -14.62 -12.01
CA ILE A 378 -47.12 -13.61 -11.63
C ILE A 378 -47.00 -13.61 -10.11
N LEU A 379 -45.76 -13.60 -9.61
CA LEU A 379 -45.49 -13.46 -8.19
C LEU A 379 -44.76 -12.15 -7.98
N SER A 380 -45.16 -11.40 -6.95
CA SER A 380 -44.76 -10.00 -6.87
C SER A 380 -44.57 -9.61 -5.41
N GLU A 381 -44.62 -8.32 -5.12
CA GLU A 381 -44.30 -7.81 -3.80
C GLU A 381 -45.29 -8.31 -2.75
N GLY A 382 -44.81 -8.36 -1.51
CA GLY A 382 -45.64 -8.67 -0.36
C GLY A 382 -45.86 -10.14 -0.09
N GLN A 383 -45.26 -11.04 -0.88
CA GLN A 383 -45.44 -12.47 -0.68
C GLN A 383 -44.10 -13.20 -0.71
N PHE A 384 -44.15 -14.54 -0.70
CA PHE A 384 -42.95 -15.36 -0.71
C PHE A 384 -43.31 -16.74 -1.25
N PHE A 385 -42.28 -17.50 -1.62
CA PHE A 385 -42.46 -18.90 -2.00
C PHE A 385 -41.15 -19.64 -1.71
N GLY A 386 -41.10 -20.91 -2.11
CA GLY A 386 -39.93 -21.74 -1.89
C GLY A 386 -39.99 -22.64 -0.67
N GLU A 387 -41.16 -22.82 -0.08
CA GLU A 387 -41.26 -23.39 1.27
C GLU A 387 -41.54 -24.88 1.31
N MET A 388 -42.29 -25.46 0.35
CA MET A 388 -42.63 -26.88 0.48
C MET A 388 -41.49 -27.82 0.10
N ALA A 389 -40.24 -27.35 0.03
CA ALA A 389 -39.12 -28.25 -0.21
C ALA A 389 -38.74 -29.01 1.05
N LEU A 390 -38.67 -28.32 2.19
CA LEU A 390 -38.20 -28.88 3.45
C LEU A 390 -39.32 -29.30 4.38
N ILE A 391 -40.43 -28.56 4.42
CA ILE A 391 -41.52 -28.92 5.34
C ILE A 391 -42.22 -30.19 4.85
N LEU A 392 -42.41 -30.32 3.54
CA LEU A 392 -43.07 -31.49 2.97
C LEU A 392 -42.10 -32.61 2.59
N ARG A 393 -40.80 -32.35 2.65
CA ARG A 393 -39.74 -33.33 2.36
C ARG A 393 -39.92 -33.94 0.96
N ALA A 394 -40.30 -33.12 0.00
CA ALA A 394 -40.73 -33.59 -1.31
C ALA A 394 -39.93 -32.90 -2.40
N PRO A 395 -39.81 -33.53 -3.58
CA PRO A 395 -39.21 -32.85 -4.74
C PRO A 395 -40.08 -31.71 -5.22
N ARG A 396 -39.55 -30.95 -6.18
CA ARG A 396 -40.06 -29.63 -6.50
C ARG A 396 -40.72 -29.63 -7.88
N THR A 397 -41.64 -28.69 -8.09
CA THR A 397 -42.27 -28.41 -9.38
C THR A 397 -42.30 -26.89 -9.52
N ALA A 398 -41.24 -26.33 -10.10
CA ALA A 398 -41.17 -24.88 -10.25
C ALA A 398 -40.10 -24.49 -11.26
N THR A 399 -40.37 -23.38 -11.96
CA THR A 399 -39.42 -22.74 -12.87
C THR A 399 -39.48 -21.24 -12.61
N VAL A 400 -38.32 -20.61 -12.55
CA VAL A 400 -38.21 -19.20 -12.19
C VAL A 400 -37.25 -18.50 -13.14
N ARG A 401 -37.64 -17.28 -13.54
CA ARG A 401 -36.76 -16.32 -14.20
C ARG A 401 -36.92 -14.97 -13.51
N ALA A 402 -36.23 -13.96 -14.03
CA ALA A 402 -36.31 -12.61 -13.48
C ALA A 402 -36.48 -11.59 -14.60
N ARG A 403 -37.34 -10.60 -14.35
CA ARG A 403 -37.59 -9.57 -15.36
C ARG A 403 -36.40 -8.62 -15.51
N ALA A 404 -35.81 -8.20 -14.40
CA ALA A 404 -34.78 -7.18 -14.44
C ALA A 404 -33.78 -7.46 -13.32
N PHE A 405 -33.00 -6.44 -12.96
CA PHE A 405 -32.02 -6.54 -11.87
C PHE A 405 -32.75 -6.54 -10.54
N CYS A 406 -33.23 -7.72 -10.16
CA CYS A 406 -34.08 -7.90 -9.00
C CYS A 406 -33.25 -8.27 -7.77
N ASP A 407 -33.68 -7.79 -6.62
CA ASP A 407 -33.05 -8.06 -5.34
C ASP A 407 -33.83 -9.15 -4.61
N LEU A 408 -33.13 -10.19 -4.16
CA LEU A 408 -33.78 -11.30 -3.48
C LEU A 408 -32.92 -11.73 -2.31
N TYR A 409 -33.55 -12.05 -1.19
CA TYR A 409 -32.84 -12.35 0.04
C TYR A 409 -32.69 -13.86 0.17
N ARG A 410 -31.47 -14.32 0.41
CA ARG A 410 -31.19 -15.75 0.47
C ARG A 410 -30.57 -16.10 1.81
N LEU A 411 -31.33 -16.80 2.64
CA LEU A 411 -30.88 -17.23 3.95
C LEU A 411 -30.69 -18.74 3.96
N ASP A 412 -29.93 -19.22 4.94
CA ASP A 412 -29.57 -20.62 4.99
C ASP A 412 -30.71 -21.46 5.55
N LYS A 413 -30.53 -22.78 5.55
CA LYS A 413 -31.63 -23.69 5.85
C LYS A 413 -31.56 -24.29 7.25
N GLU A 414 -30.36 -24.57 7.76
CA GLU A 414 -30.26 -25.27 9.04
C GLU A 414 -30.72 -24.38 10.19
N THR A 415 -30.36 -23.09 10.16
CA THR A 415 -30.87 -22.15 11.15
C THR A 415 -32.37 -21.95 11.00
N PHE A 416 -32.88 -21.97 9.76
CA PHE A 416 -34.32 -21.81 9.53
C PHE A 416 -35.10 -22.92 10.23
N ASP A 417 -34.69 -24.19 10.01
CA ASP A 417 -35.39 -25.29 10.65
C ASP A 417 -35.09 -25.38 12.14
N ARG A 418 -33.94 -24.84 12.57
CA ARG A 418 -33.67 -24.77 14.00
C ARG A 418 -34.63 -23.80 14.69
N ILE A 419 -34.95 -22.68 14.06
CA ILE A 419 -35.71 -21.64 14.74
C ILE A 419 -37.21 -21.83 14.56
N LEU A 420 -37.65 -22.40 13.42
CA LEU A 420 -39.07 -22.67 13.24
C LEU A 420 -39.61 -23.68 14.24
N SER A 421 -38.74 -24.58 14.74
CA SER A 421 -39.19 -25.56 15.73
C SER A 421 -39.54 -24.91 17.07
N ARG A 422 -38.88 -23.79 17.39
CA ARG A 422 -39.12 -23.10 18.66
C ARG A 422 -40.33 -22.18 18.60
N TYR A 423 -40.97 -22.07 17.44
CA TYR A 423 -42.07 -21.12 17.23
C TYR A 423 -43.26 -21.78 16.53
N PRO A 424 -44.23 -22.28 17.29
CA PRO A 424 -45.45 -22.84 16.68
C PRO A 424 -46.24 -21.83 15.86
N GLU A 425 -46.40 -20.60 16.36
CA GLU A 425 -47.30 -19.64 15.72
C GLU A 425 -46.84 -19.29 14.31
N ILE A 426 -45.53 -19.12 14.10
CA ILE A 426 -45.09 -18.59 12.82
C ILE A 426 -44.79 -19.72 11.85
N ALA A 427 -44.41 -20.90 12.35
CA ALA A 427 -44.40 -22.07 11.48
C ALA A 427 -45.80 -22.42 11.01
N ALA A 428 -46.81 -22.22 11.86
CA ALA A 428 -48.19 -22.31 11.40
C ALA A 428 -48.53 -21.23 10.38
N GLN A 429 -47.98 -20.02 10.57
CA GLN A 429 -48.20 -18.93 9.60
C GLN A 429 -47.62 -19.29 8.24
N ILE A 430 -46.42 -19.89 8.24
CA ILE A 430 -45.88 -20.52 7.04
C ILE A 430 -46.83 -21.59 6.53
N GLN A 431 -47.46 -22.33 7.45
CA GLN A 431 -48.16 -23.55 7.09
C GLN A 431 -49.45 -23.29 6.32
N GLU A 432 -50.21 -22.21 6.64
CA GLU A 432 -51.44 -22.07 5.87
C GLU A 432 -51.14 -21.71 4.42
N LEU A 433 -50.19 -20.82 4.19
CA LEU A 433 -49.77 -20.51 2.83
C LEU A 433 -49.10 -21.70 2.15
N ALA A 434 -48.51 -22.61 2.94
CA ALA A 434 -48.03 -23.86 2.35
C ALA A 434 -49.18 -24.76 1.92
N VAL A 435 -50.26 -24.79 2.69
CA VAL A 435 -51.32 -25.77 2.44
C VAL A 435 -52.43 -25.21 1.55
N ARG A 436 -52.58 -23.89 1.49
CA ARG A 436 -53.63 -23.28 0.68
C ARG A 436 -53.03 -22.28 -0.30
N THR B 29 -22.61 3.64 -32.93
CA THR B 29 -23.72 4.57 -32.74
C THR B 29 -23.39 5.93 -33.33
N TYR B 30 -24.29 6.90 -33.12
CA TYR B 30 -24.10 8.26 -33.62
C TYR B 30 -23.87 9.28 -32.52
N THR B 31 -24.24 8.96 -31.27
CA THR B 31 -24.15 9.95 -30.20
C THR B 31 -22.72 10.20 -29.75
N LEU B 32 -21.83 9.22 -29.94
CA LEU B 32 -20.42 9.43 -29.60
C LEU B 32 -19.79 10.47 -30.51
N VAL B 33 -20.22 10.52 -31.77
CA VAL B 33 -19.78 11.59 -32.68
C VAL B 33 -20.24 12.94 -32.15
N TRP B 34 -21.45 12.98 -31.59
CA TRP B 34 -21.95 14.23 -31.02
C TRP B 34 -21.14 14.64 -29.79
N LYS B 35 -20.78 13.68 -28.93
CA LYS B 35 -19.92 14.00 -27.80
C LYS B 35 -18.54 14.49 -28.24
N VAL B 36 -17.95 13.87 -29.27
CA VAL B 36 -16.63 14.34 -29.68
C VAL B 36 -16.72 15.70 -30.35
N TRP B 37 -17.85 15.99 -31.02
CA TRP B 37 -17.97 17.29 -31.68
C TRP B 37 -18.19 18.39 -30.64
N ILE B 38 -19.01 18.12 -29.61
CA ILE B 38 -19.17 19.11 -28.55
C ILE B 38 -17.88 19.27 -27.76
N LEU B 39 -17.10 18.19 -27.61
CA LEU B 39 -15.77 18.30 -27.01
C LEU B 39 -14.88 19.22 -27.84
N ALA B 40 -14.93 19.09 -29.16
CA ALA B 40 -14.15 19.95 -30.03
C ALA B 40 -14.61 21.40 -29.89
N VAL B 41 -15.92 21.60 -29.75
CA VAL B 41 -16.47 22.95 -29.57
C VAL B 41 -15.99 23.56 -28.26
N THR B 42 -15.98 22.77 -27.19
CA THR B 42 -15.49 23.27 -25.91
C THR B 42 -13.99 23.58 -25.96
N LEU B 43 -13.21 22.76 -26.67
CA LEU B 43 -11.80 23.08 -26.85
C LEU B 43 -11.62 24.35 -27.66
N TYR B 44 -12.45 24.51 -28.71
CA TYR B 44 -12.47 25.73 -29.53
C TYR B 44 -12.69 26.96 -28.65
N TYR B 45 -13.68 26.90 -27.76
CA TYR B 45 -13.94 28.03 -26.87
C TYR B 45 -12.78 28.23 -25.89
N ALA B 46 -12.25 27.14 -25.33
CA ALA B 46 -11.18 27.26 -24.35
C ALA B 46 -9.91 27.84 -24.95
N ILE B 47 -9.70 27.65 -26.25
CA ILE B 47 -8.53 28.24 -26.91
C ILE B 47 -8.82 29.67 -27.38
N ARG B 48 -10.06 29.95 -27.82
CA ARG B 48 -10.38 31.18 -28.52
C ARG B 48 -10.87 32.31 -27.60
N ILE B 49 -11.72 32.00 -26.62
CA ILE B 49 -12.30 33.05 -25.78
C ILE B 49 -11.26 33.87 -25.02
N PRO B 50 -10.25 33.28 -24.37
CA PRO B 50 -9.19 34.12 -23.79
C PRO B 50 -8.45 34.97 -24.82
N LEU B 51 -8.24 34.43 -26.03
CA LEU B 51 -7.61 35.21 -27.08
C LEU B 51 -8.47 36.41 -27.47
N THR B 52 -9.79 36.22 -27.55
CA THR B 52 -10.68 37.35 -27.83
C THR B 52 -10.71 38.35 -26.68
N LEU B 53 -10.57 37.87 -25.45
CA LEU B 53 -10.42 38.78 -24.31
C LEU B 53 -9.19 39.65 -24.47
N VAL B 54 -8.04 39.03 -24.78
CA VAL B 54 -6.82 39.80 -24.95
C VAL B 54 -6.83 40.57 -26.27
N PHE B 55 -7.26 39.92 -27.35
CA PHE B 55 -7.30 40.53 -28.68
C PHE B 55 -8.74 40.80 -29.10
N PRO B 56 -9.21 42.05 -29.02
CA PRO B 56 -10.55 42.36 -29.57
C PRO B 56 -10.61 42.39 -31.08
N SER B 57 -9.46 42.24 -31.77
CA SER B 57 -9.44 42.18 -33.22
C SER B 57 -10.13 40.94 -33.78
N LEU B 58 -10.27 39.89 -32.98
CA LEU B 58 -11.01 38.71 -33.39
C LEU B 58 -12.51 38.95 -33.26
N PHE B 59 -13.30 37.88 -33.45
CA PHE B 59 -14.75 37.86 -33.29
C PHE B 59 -15.46 38.60 -34.41
N SER B 60 -14.71 39.31 -35.25
CA SER B 60 -15.31 40.01 -36.38
C SER B 60 -15.48 39.08 -37.58
N PRO B 61 -14.45 38.29 -38.03
CA PRO B 61 -14.67 37.39 -39.16
C PRO B 61 -15.24 36.04 -38.75
N LEU B 62 -15.15 35.72 -37.47
CA LEU B 62 -15.48 34.41 -36.93
C LEU B 62 -16.97 34.27 -36.59
N LEU B 63 -17.76 35.32 -36.80
CA LEU B 63 -19.18 35.32 -36.46
C LEU B 63 -19.98 34.13 -37.01
N PRO B 64 -19.80 33.68 -38.27
CA PRO B 64 -20.45 32.41 -38.65
C PRO B 64 -20.01 31.21 -37.82
N LEU B 65 -18.68 31.03 -37.68
CA LEU B 65 -18.13 29.99 -36.80
C LEU B 65 -18.45 30.23 -35.32
N ASP B 66 -18.86 31.43 -34.93
CA ASP B 66 -19.30 31.65 -33.56
C ASP B 66 -20.78 31.33 -33.38
N ILE B 67 -21.63 31.71 -34.35
CA ILE B 67 -23.05 31.42 -34.23
C ILE B 67 -23.32 29.92 -34.36
N LEU B 68 -22.57 29.22 -35.22
CA LEU B 68 -22.78 27.78 -35.32
C LEU B 68 -22.36 27.07 -34.04
N ALA B 69 -21.24 27.50 -33.44
CA ALA B 69 -20.79 26.93 -32.18
C ALA B 69 -21.78 27.23 -31.06
N SER B 70 -22.32 28.45 -31.04
CA SER B 70 -23.29 28.81 -30.01
C SER B 70 -24.57 27.98 -30.13
N LEU B 71 -25.09 27.82 -31.36
CA LEU B 71 -26.30 27.03 -31.52
C LEU B 71 -26.06 25.56 -31.18
N ALA B 72 -24.88 25.04 -31.53
CA ALA B 72 -24.55 23.67 -31.14
C ALA B 72 -24.46 23.52 -29.62
N LEU B 73 -23.88 24.51 -28.94
CA LEU B 73 -23.73 24.42 -27.49
C LEU B 73 -25.05 24.61 -26.76
N ILE B 74 -25.98 25.39 -27.31
CA ILE B 74 -27.27 25.54 -26.65
C ILE B 74 -28.23 24.39 -26.96
N ALA B 75 -27.97 23.65 -28.03
CA ALA B 75 -28.78 22.48 -28.39
C ALA B 75 -28.18 21.19 -27.81
N ASP B 76 -27.93 21.19 -26.50
CA ASP B 76 -27.46 19.98 -25.84
C ASP B 76 -28.14 19.67 -24.51
N ILE B 77 -28.95 20.58 -23.95
CA ILE B 77 -29.54 20.33 -22.63
C ILE B 77 -30.49 19.13 -22.60
N PRO B 78 -31.45 18.96 -23.53
CA PRO B 78 -32.47 17.93 -23.28
C PRO B 78 -32.00 16.51 -23.51
N LEU B 79 -30.79 16.30 -24.06
CA LEU B 79 -30.27 14.96 -24.32
C LEU B 79 -29.69 14.38 -23.03
N ASP B 80 -30.59 13.88 -22.17
CA ASP B 80 -30.14 13.28 -20.92
C ASP B 80 -29.50 11.92 -21.16
N LEU B 81 -30.02 11.14 -22.10
CA LEU B 81 -29.48 9.82 -22.39
C LEU B 81 -29.26 9.64 -23.89
N ARG B 100 -26.52 19.49 -14.11
CA ARG B 100 -27.07 20.27 -15.21
C ARG B 100 -26.74 21.75 -15.06
N LEU B 101 -26.19 22.11 -13.90
CA LEU B 101 -25.78 23.50 -13.65
C LEU B 101 -24.72 24.00 -14.62
N PRO B 102 -23.61 23.27 -14.88
CA PRO B 102 -22.62 23.82 -15.85
C PRO B 102 -23.20 24.02 -17.25
N ASP B 103 -24.03 23.09 -17.73
CA ASP B 103 -24.61 23.24 -19.06
C ASP B 103 -25.51 24.45 -19.15
N LEU B 104 -26.35 24.66 -18.14
CA LEU B 104 -27.25 25.81 -18.14
C LEU B 104 -26.48 27.12 -18.02
N LEU B 105 -25.44 27.15 -17.18
CA LEU B 105 -24.65 28.36 -17.02
C LEU B 105 -23.85 28.69 -18.28
N ALA B 106 -23.37 27.67 -18.99
CA ALA B 106 -22.64 27.91 -20.23
C ALA B 106 -23.56 28.24 -21.40
N ALA B 107 -24.80 27.75 -21.37
CA ALA B 107 -25.69 27.89 -22.52
C ALA B 107 -26.32 29.27 -22.64
N LEU B 108 -26.27 30.09 -21.60
CA LEU B 108 -26.86 31.42 -21.67
C LEU B 108 -26.05 32.30 -22.62
N PRO B 109 -26.69 33.03 -23.53
CA PRO B 109 -25.97 33.75 -24.61
C PRO B 109 -25.29 35.02 -24.14
N LEU B 110 -24.32 34.87 -23.23
CA LEU B 110 -23.54 36.02 -22.78
C LEU B 110 -22.57 36.48 -23.88
N ASP B 111 -22.01 35.56 -24.65
CA ASP B 111 -21.25 35.93 -25.83
C ASP B 111 -22.20 36.45 -26.92
N LEU B 112 -21.58 37.04 -27.96
CA LEU B 112 -22.21 37.87 -28.99
C LEU B 112 -22.69 39.21 -28.42
N LEU B 113 -22.56 39.37 -27.11
CA LEU B 113 -22.83 40.63 -26.42
C LEU B 113 -21.63 41.17 -25.67
N VAL B 114 -20.78 40.30 -25.11
CA VAL B 114 -19.61 40.73 -24.36
C VAL B 114 -18.69 41.58 -25.21
N PHE B 115 -18.51 41.19 -26.48
CA PHE B 115 -17.59 41.87 -27.37
C PHE B 115 -18.28 42.80 -28.36
N ALA B 116 -19.61 42.74 -28.46
CA ALA B 116 -20.35 43.65 -29.32
C ALA B 116 -20.68 44.95 -28.58
N LEU B 117 -21.38 44.85 -27.44
CA LEU B 117 -21.62 46.01 -26.59
C LEU B 117 -20.36 46.47 -25.86
N HIS B 118 -19.30 45.65 -25.90
CA HIS B 118 -17.93 45.94 -25.47
C HIS B 118 -17.75 45.96 -23.95
N LEU B 119 -18.86 45.97 -23.19
CA LEU B 119 -19.01 45.48 -21.80
C LEU B 119 -17.73 45.55 -20.98
N PRO B 120 -17.31 46.77 -20.54
CA PRO B 120 -15.92 47.03 -20.11
C PRO B 120 -15.24 45.99 -19.22
N SER B 121 -13.91 45.97 -19.31
CA SER B 121 -13.11 44.82 -18.88
C SER B 121 -13.34 44.30 -17.46
N PRO B 122 -13.51 45.12 -16.40
CA PRO B 122 -13.67 44.52 -15.06
C PRO B 122 -14.89 43.61 -14.93
N LEU B 123 -15.97 43.89 -15.66
CA LEU B 123 -17.17 43.05 -15.62
C LEU B 123 -17.21 42.00 -16.72
N SER B 124 -16.21 41.93 -17.59
CA SER B 124 -16.18 40.94 -18.66
C SER B 124 -15.56 39.61 -18.24
N LEU B 125 -15.01 39.53 -17.02
CA LEU B 125 -14.41 38.28 -16.56
C LEU B 125 -15.43 37.18 -16.30
N LEU B 126 -16.72 37.50 -16.28
CA LEU B 126 -17.75 36.47 -16.18
C LEU B 126 -17.95 35.69 -17.48
N SER B 127 -17.23 36.03 -18.55
CA SER B 127 -17.26 35.24 -19.77
C SER B 127 -16.61 33.88 -19.62
N LEU B 128 -15.88 33.64 -18.53
CA LEU B 128 -15.17 32.38 -18.34
C LEU B 128 -16.07 31.25 -17.85
N VAL B 129 -17.34 31.53 -17.57
CA VAL B 129 -18.25 30.53 -17.03
C VAL B 129 -18.67 29.53 -18.11
N ARG B 130 -18.25 29.77 -19.35
CA ARG B 130 -18.56 28.84 -20.44
C ARG B 130 -17.67 27.60 -20.44
N LEU B 131 -16.57 27.60 -19.69
CA LEU B 131 -15.64 26.48 -19.70
C LEU B 131 -16.01 25.39 -18.70
N LEU B 132 -17.08 25.58 -17.91
CA LEU B 132 -17.47 24.60 -16.91
C LEU B 132 -17.96 23.27 -17.49
N LYS B 133 -18.08 23.15 -18.82
CA LYS B 133 -18.34 21.86 -19.44
C LYS B 133 -17.17 20.89 -19.28
N LEU B 134 -16.01 21.38 -18.82
CA LEU B 134 -14.88 20.51 -18.52
C LEU B 134 -15.24 19.44 -17.50
N ILE B 135 -15.99 19.82 -16.46
CA ILE B 135 -16.39 18.84 -15.43
C ILE B 135 -17.27 17.77 -16.06
N SER B 136 -18.25 18.19 -16.87
CA SER B 136 -19.17 17.24 -17.49
C SER B 136 -18.44 16.28 -18.43
N VAL B 137 -17.53 16.81 -19.26
CA VAL B 137 -16.85 15.96 -20.23
C VAL B 137 -15.85 15.04 -19.51
N GLN B 138 -15.22 15.51 -18.43
CA GLN B 138 -14.32 14.65 -17.68
C GLN B 138 -15.07 13.54 -16.96
N ALA B 139 -16.29 13.84 -16.48
CA ALA B 139 -17.11 12.80 -15.88
C ALA B 139 -17.58 11.80 -16.94
N SER B 140 -17.96 12.29 -18.12
CA SER B 140 -18.44 11.43 -19.19
C SER B 140 -17.30 10.66 -19.86
N ALA B 141 -16.06 11.12 -19.71
CA ALA B 141 -14.92 10.40 -20.29
C ALA B 141 -14.75 9.00 -19.70
N THR B 142 -15.26 8.76 -18.49
CA THR B 142 -15.28 7.41 -17.95
C THR B 142 -16.36 6.55 -18.60
N ARG B 143 -17.47 7.16 -19.03
CA ARG B 143 -18.58 6.43 -19.65
C ARG B 143 -18.48 6.46 -21.17
N ILE B 144 -17.34 6.00 -21.68
CA ILE B 144 -17.16 5.84 -23.12
C ILE B 144 -16.61 4.45 -23.42
N PRO B 151 -5.44 2.46 -16.73
CA PRO B 151 -4.98 3.79 -16.33
C PRO B 151 -4.59 4.66 -17.53
N ALA B 152 -5.02 4.25 -18.73
CA ALA B 152 -4.64 4.94 -19.94
C ALA B 152 -5.38 6.27 -20.11
N LEU B 153 -6.53 6.44 -19.47
CA LEU B 153 -7.34 7.64 -19.65
C LEU B 153 -7.88 8.24 -18.37
N LEU B 154 -7.85 7.53 -17.24
CA LEU B 154 -8.44 8.07 -16.02
C LEU B 154 -7.60 9.22 -15.45
N ARG B 155 -6.29 9.02 -15.35
CA ARG B 155 -5.39 10.05 -14.83
C ARG B 155 -4.30 10.43 -15.82
N LEU B 156 -4.53 10.20 -17.11
CA LEU B 156 -3.59 10.58 -18.15
C LEU B 156 -4.15 11.68 -19.05
N LEU B 157 -5.29 11.44 -19.70
CA LEU B 157 -5.90 12.46 -20.55
C LEU B 157 -6.60 13.54 -19.75
N SER B 158 -7.09 13.20 -18.56
CA SER B 158 -7.68 14.18 -17.66
C SER B 158 -6.65 15.05 -16.94
N LEU B 159 -5.35 14.75 -17.07
CA LEU B 159 -4.32 15.52 -16.40
C LEU B 159 -3.42 16.30 -17.34
N VAL B 160 -2.80 15.66 -18.33
CA VAL B 160 -1.90 16.39 -19.22
C VAL B 160 -2.69 17.33 -20.13
N GLY B 161 -3.87 16.92 -20.59
CA GLY B 161 -4.70 17.81 -21.37
C GLY B 161 -5.22 18.99 -20.56
N PHE B 162 -5.61 18.72 -19.30
CA PHE B 162 -6.01 19.79 -18.41
C PHE B 162 -4.85 20.74 -18.14
N ILE B 163 -3.63 20.19 -17.98
CA ILE B 163 -2.46 21.02 -17.76
C ILE B 163 -2.21 21.92 -18.97
N LEU B 164 -2.32 21.37 -20.18
CA LEU B 164 -2.09 22.17 -21.39
C LEU B 164 -3.14 23.26 -21.55
N LEU B 165 -4.42 22.93 -21.36
CA LEU B 165 -5.48 23.93 -21.47
C LEU B 165 -5.32 25.01 -20.42
N ALA B 166 -5.02 24.62 -19.17
CA ALA B 166 -4.81 25.60 -18.11
C ALA B 166 -3.60 26.47 -18.40
N ALA B 167 -2.53 25.89 -18.95
CA ALA B 167 -1.34 26.64 -19.31
C ALA B 167 -1.65 27.70 -20.36
N HIS B 168 -2.41 27.31 -21.39
CA HIS B 168 -2.81 28.26 -22.43
C HIS B 168 -3.63 29.39 -21.82
N GLY B 169 -4.62 29.04 -20.99
CA GLY B 169 -5.47 30.06 -20.41
C GLY B 169 -4.71 31.02 -19.52
N ILE B 170 -3.77 30.50 -18.73
CA ILE B 170 -3.08 31.36 -17.76
C ILE B 170 -2.01 32.17 -18.47
N ALA B 171 -1.45 31.65 -19.58
CA ALA B 171 -0.54 32.47 -20.37
C ALA B 171 -1.28 33.62 -21.03
N CYS B 172 -2.49 33.37 -21.53
CA CYS B 172 -3.30 34.47 -22.07
C CYS B 172 -3.67 35.48 -20.99
N GLY B 173 -3.98 34.99 -19.78
CA GLY B 173 -4.27 35.91 -18.69
C GLY B 173 -3.07 36.73 -18.29
N TRP B 174 -1.88 36.12 -18.26
CA TRP B 174 -0.68 36.87 -17.95
C TRP B 174 -0.37 37.88 -19.06
N MET B 175 -0.73 37.54 -20.30
CA MET B 175 -0.64 38.51 -21.39
C MET B 175 -1.55 39.71 -21.15
N SER B 176 -2.70 39.49 -20.49
CA SER B 176 -3.67 40.57 -20.38
C SER B 176 -3.12 41.74 -19.56
N LEU B 177 -2.56 41.62 -18.48
CA LEU B 177 -2.07 42.73 -17.62
C LEU B 177 -0.62 43.05 -17.98
N GLN B 178 -0.32 43.34 -19.20
CA GLN B 178 0.94 43.86 -19.68
C GLN B 178 0.73 45.25 -20.26
N PRO B 179 1.74 46.11 -20.22
CA PRO B 179 1.68 47.36 -20.98
C PRO B 179 1.59 47.10 -22.47
N PRO B 180 0.85 47.93 -23.21
CA PRO B 180 0.72 47.71 -24.66
C PRO B 180 2.00 47.98 -25.43
N SER B 181 2.64 46.92 -25.92
CA SER B 181 3.89 47.01 -26.63
C SER B 181 3.65 46.92 -28.13
N GLU B 182 4.73 46.98 -28.91
CA GLU B 182 4.67 46.89 -30.37
C GLU B 182 5.48 45.69 -30.81
N ASN B 183 4.84 44.52 -30.81
CA ASN B 183 5.46 43.29 -31.27
C ASN B 183 4.38 42.43 -31.89
N PRO B 184 4.75 41.51 -32.79
CA PRO B 184 3.76 40.59 -33.37
C PRO B 184 3.09 39.75 -32.29
N ALA B 185 1.81 39.45 -32.52
CA ALA B 185 1.04 38.67 -31.55
C ALA B 185 1.57 37.25 -31.41
N GLY B 186 2.08 36.67 -32.51
CA GLY B 186 2.60 35.31 -32.44
C GLY B 186 3.82 35.19 -31.54
N THR B 187 4.81 36.05 -31.75
CA THR B 187 6.03 35.96 -30.95
C THR B 187 5.77 36.35 -29.50
N ARG B 188 4.84 37.28 -29.26
CA ARG B 188 4.49 37.62 -27.89
C ARG B 188 3.75 36.48 -27.21
N TYR B 189 2.92 35.75 -27.97
CA TYR B 189 2.25 34.58 -27.41
C TYR B 189 3.25 33.49 -27.06
N LEU B 190 4.24 33.27 -27.93
CA LEU B 190 5.29 32.30 -27.62
C LEU B 190 6.09 32.72 -26.40
N SER B 191 6.42 34.02 -26.27
CA SER B 191 7.15 34.49 -25.10
C SER B 191 6.33 34.33 -23.82
N ALA B 192 5.03 34.64 -23.88
CA ALA B 192 4.17 34.51 -22.71
C ALA B 192 4.04 33.05 -22.29
N PHE B 193 3.82 32.15 -23.27
CA PHE B 193 3.73 30.73 -22.96
C PHE B 193 5.07 30.20 -22.46
N TYR B 194 6.18 30.77 -22.94
CA TYR B 194 7.51 30.38 -22.45
C TYR B 194 7.66 30.72 -20.98
N TRP B 195 7.31 31.96 -20.60
CA TRP B 195 7.38 32.34 -19.18
C TRP B 195 6.42 31.50 -18.36
N THR B 196 5.23 31.23 -18.89
CA THR B 196 4.23 30.45 -18.18
C THR B 196 4.74 29.03 -17.91
N ILE B 197 5.20 28.32 -18.94
CA ILE B 197 5.72 26.97 -18.74
C ILE B 197 7.00 26.98 -17.91
N THR B 198 7.71 28.11 -17.86
CA THR B 198 8.86 28.25 -16.96
C THR B 198 8.43 28.30 -15.50
N THR B 199 7.37 29.05 -15.18
CA THR B 199 6.99 29.21 -13.77
C THR B 199 5.97 28.18 -13.30
N LEU B 200 5.18 27.62 -14.21
CA LEU B 200 4.22 26.56 -13.90
C LEU B 200 4.89 25.22 -13.64
N THR B 201 6.04 24.97 -14.26
CA THR B 201 6.70 23.67 -14.15
C THR B 201 7.92 23.76 -13.23
N THR B 202 8.11 24.90 -12.56
CA THR B 202 9.14 25.12 -11.55
C THR B 202 10.55 24.90 -12.12
N ILE B 203 10.90 25.77 -13.07
CA ILE B 203 12.24 25.80 -13.64
C ILE B 203 13.02 27.03 -13.17
N GLY B 204 12.48 28.22 -13.38
CA GLY B 204 13.05 29.44 -12.83
C GLY B 204 14.25 30.00 -13.55
N TYR B 205 14.09 30.41 -14.80
CA TYR B 205 15.17 31.13 -15.49
C TYR B 205 15.28 32.56 -14.98
N GLY B 206 14.21 33.33 -15.12
CA GLY B 206 14.18 34.70 -14.62
C GLY B 206 14.44 35.77 -15.67
N ASP B 207 14.51 35.41 -16.94
CA ASP B 207 14.68 36.43 -17.99
C ASP B 207 13.47 37.34 -18.09
N ILE B 208 12.29 36.85 -17.71
CA ILE B 208 11.07 37.65 -17.68
C ILE B 208 10.60 37.70 -16.23
N THR B 209 10.48 38.91 -15.69
CA THR B 209 10.08 39.09 -14.31
C THR B 209 9.01 40.17 -14.20
N PRO B 210 8.12 40.07 -13.21
CA PRO B 210 7.12 41.12 -13.01
C PRO B 210 7.75 42.43 -12.57
N SER B 211 7.09 43.53 -12.91
CA SER B 211 7.57 44.86 -12.56
C SER B 211 6.55 45.67 -11.78
N THR B 212 5.25 45.58 -12.13
CA THR B 212 4.21 46.34 -11.44
C THR B 212 3.72 45.58 -10.22
N PRO B 213 3.22 46.28 -9.21
CA PRO B 213 2.68 45.58 -8.01
C PRO B 213 1.53 44.64 -8.34
N THR B 214 0.68 44.97 -9.31
CA THR B 214 -0.42 44.08 -9.68
C THR B 214 0.09 42.82 -10.36
N GLN B 215 1.09 42.95 -11.22
CA GLN B 215 1.72 41.76 -11.80
C GLN B 215 2.46 40.95 -10.75
N THR B 216 3.05 41.61 -9.74
CA THR B 216 3.66 40.86 -8.65
C THR B 216 2.62 40.10 -7.82
N VAL B 217 1.43 40.66 -7.67
CA VAL B 217 0.37 39.93 -6.98
C VAL B 217 -0.09 38.76 -7.82
N TYR B 218 -0.25 38.98 -9.14
CA TYR B 218 -0.68 37.87 -10.00
C TYR B 218 0.37 36.77 -10.02
N THR B 219 1.65 37.12 -10.05
CA THR B 219 2.66 36.06 -10.08
C THR B 219 2.76 35.33 -8.75
N ILE B 220 2.32 35.91 -7.63
CA ILE B 220 2.29 35.14 -6.39
C ILE B 220 1.31 33.98 -6.52
N VAL B 221 0.07 34.28 -6.93
CA VAL B 221 -0.96 33.24 -6.99
C VAL B 221 -0.69 32.29 -8.14
N ILE B 222 -0.12 32.75 -9.26
CA ILE B 222 0.18 31.79 -10.31
C ILE B 222 1.35 30.90 -9.94
N GLU B 223 2.33 31.42 -9.19
CA GLU B 223 3.42 30.58 -8.70
C GLU B 223 2.88 29.49 -7.78
N LEU B 224 2.02 29.88 -6.82
CA LEU B 224 1.43 28.93 -5.90
C LEU B 224 0.64 27.86 -6.64
N LEU B 225 -0.29 28.30 -7.51
CA LEU B 225 -1.19 27.36 -8.19
C LEU B 225 -0.41 26.48 -9.15
N GLY B 226 0.57 27.05 -9.87
CA GLY B 226 1.33 26.27 -10.82
C GLY B 226 2.23 25.23 -10.16
N ALA B 227 2.89 25.59 -9.06
CA ALA B 227 3.70 24.60 -8.38
C ALA B 227 2.85 23.57 -7.65
N ALA B 228 1.62 23.93 -7.28
CA ALA B 228 0.68 22.93 -6.79
C ALA B 228 0.29 21.96 -7.90
N MET B 229 -0.01 22.49 -9.09
CA MET B 229 -0.47 21.64 -10.17
C MET B 229 0.66 20.72 -10.62
N TYR B 230 1.87 21.29 -10.77
CA TYR B 230 3.04 20.52 -11.18
C TYR B 230 3.31 19.39 -10.20
N GLY B 231 3.41 19.72 -8.90
CA GLY B 231 3.67 18.68 -7.92
C GLY B 231 2.57 17.64 -7.88
N LEU B 232 1.32 18.08 -7.96
CA LEU B 232 0.17 17.17 -7.94
C LEU B 232 0.24 16.17 -9.07
N VAL B 233 0.36 16.67 -10.32
CA VAL B 233 0.32 15.77 -11.47
C VAL B 233 1.55 14.88 -11.51
N ILE B 234 2.74 15.42 -11.17
CA ILE B 234 3.94 14.62 -11.26
C ILE B 234 3.97 13.54 -10.18
N GLY B 235 3.56 13.88 -8.96
CA GLY B 235 3.46 12.86 -7.93
C GLY B 235 2.39 11.83 -8.23
N ASN B 236 1.27 12.27 -8.84
CA ASN B 236 0.23 11.33 -9.24
C ASN B 236 0.74 10.35 -10.28
N ILE B 237 1.44 10.84 -11.30
CA ILE B 237 1.97 9.97 -12.33
C ILE B 237 3.06 9.06 -11.77
N ALA B 238 3.88 9.58 -10.85
CA ALA B 238 4.92 8.74 -10.25
C ALA B 238 4.33 7.62 -9.41
N SER B 239 3.27 7.92 -8.65
CA SER B 239 2.58 6.87 -7.89
C SER B 239 1.73 5.97 -8.77
N LEU B 240 1.40 6.41 -9.98
CA LEU B 240 0.58 5.61 -10.88
C LEU B 240 1.42 4.68 -11.75
N VAL B 241 2.64 5.07 -12.12
CA VAL B 241 3.46 4.15 -12.88
C VAL B 241 3.92 3.00 -11.99
N SER B 242 4.04 3.25 -10.68
CA SER B 242 4.21 2.13 -9.76
C SER B 242 2.95 1.29 -9.62
N LYS B 243 1.82 1.77 -10.13
CA LYS B 243 0.63 0.93 -10.28
C LYS B 243 0.31 0.59 -11.73
N LEU B 244 0.88 1.32 -12.70
CA LEU B 244 0.60 1.06 -14.11
C LEU B 244 1.10 -0.34 -14.49
N ASP B 245 0.41 -0.95 -15.46
CA ASP B 245 0.56 -2.37 -15.80
C ASP B 245 0.78 -3.26 -14.55
N ALA B 246 -0.22 -3.20 -13.67
CA ALA B 246 -0.19 -3.81 -12.34
C ALA B 246 -0.08 -5.34 -12.37
N ALA B 247 -0.20 -5.96 -13.54
CA ALA B 247 0.07 -7.39 -13.67
C ALA B 247 1.54 -7.74 -13.62
N LYS B 248 2.39 -7.08 -14.42
CA LYS B 248 3.82 -7.33 -14.31
C LYS B 248 4.40 -6.83 -12.99
N LEU B 249 3.92 -5.70 -12.48
CA LEU B 249 4.40 -5.20 -11.19
C LEU B 249 3.98 -6.08 -10.00
N LEU B 250 2.72 -6.49 -9.92
CA LEU B 250 2.34 -7.40 -8.84
C LEU B 250 2.93 -8.80 -9.06
N HIS B 251 2.78 -9.39 -10.24
CA HIS B 251 3.24 -10.76 -10.38
C HIS B 251 4.76 -10.85 -10.23
N ARG B 252 5.53 -10.00 -10.96
CA ARG B 252 6.98 -10.15 -10.83
C ARG B 252 7.42 -10.05 -9.37
N GLU B 253 6.71 -9.28 -8.52
CA GLU B 253 7.14 -9.23 -7.13
C GLU B 253 6.73 -10.52 -6.42
N ARG B 254 5.69 -11.17 -6.95
CA ARG B 254 5.25 -12.46 -6.41
C ARG B 254 6.35 -13.47 -6.63
N VAL B 255 6.91 -13.47 -7.85
CA VAL B 255 8.06 -14.32 -8.16
C VAL B 255 9.27 -13.88 -7.33
N GLU B 256 9.47 -12.57 -7.15
CA GLU B 256 10.67 -12.09 -6.49
C GLU B 256 10.73 -12.61 -5.06
N ARG B 257 9.63 -12.52 -4.31
CA ARG B 257 9.68 -12.89 -2.90
C ARG B 257 10.04 -14.37 -2.74
N VAL B 258 9.38 -15.24 -3.52
CA VAL B 258 9.61 -16.68 -3.42
C VAL B 258 11.04 -16.98 -3.85
N THR B 259 11.40 -16.56 -5.07
CA THR B 259 12.74 -16.78 -5.62
C THR B 259 13.78 -16.31 -4.61
N ALA B 260 13.53 -15.14 -3.99
CA ALA B 260 14.49 -14.52 -3.09
C ALA B 260 14.77 -15.45 -1.92
N PHE B 261 13.71 -16.04 -1.35
CA PHE B 261 13.96 -16.82 -0.15
C PHE B 261 14.49 -18.21 -0.50
N LEU B 262 14.02 -18.80 -1.60
CA LEU B 262 14.56 -20.09 -2.04
C LEU B 262 16.00 -19.99 -2.54
N SER B 263 16.44 -18.80 -2.96
CA SER B 263 17.84 -18.55 -3.26
C SER B 263 18.62 -18.04 -2.06
N TYR B 264 17.94 -17.60 -1.01
CA TYR B 264 18.60 -17.42 0.28
C TYR B 264 19.00 -18.78 0.84
N LYS B 265 18.14 -19.78 0.69
CA LYS B 265 18.57 -21.17 0.82
C LYS B 265 19.26 -21.60 -0.46
N ARG B 266 19.78 -22.83 -0.48
CA ARG B 266 20.45 -23.37 -1.65
C ARG B 266 19.71 -24.61 -2.13
N ILE B 267 19.38 -24.60 -3.43
CA ILE B 267 18.49 -25.56 -4.05
C ILE B 267 19.19 -26.09 -5.30
N SER B 268 18.98 -27.36 -5.60
CA SER B 268 19.75 -28.03 -6.64
C SER B 268 19.42 -27.45 -8.02
N PRO B 269 20.38 -27.52 -8.96
CA PRO B 269 20.12 -26.97 -10.31
C PRO B 269 18.97 -27.63 -11.04
N GLU B 270 18.76 -28.94 -10.85
CA GLU B 270 17.59 -29.59 -11.45
C GLU B 270 16.32 -29.37 -10.64
N LEU B 271 16.40 -28.65 -9.52
CA LEU B 271 15.23 -28.09 -8.85
C LEU B 271 15.17 -26.57 -8.90
N GLN B 272 16.30 -25.89 -9.14
CA GLN B 272 16.23 -24.50 -9.59
C GLN B 272 15.45 -24.38 -10.89
N ARG B 273 15.72 -25.26 -11.86
CA ARG B 273 14.79 -25.42 -12.96
C ARG B 273 13.53 -26.09 -12.46
N ARG B 274 12.42 -25.86 -13.19
CA ARG B 274 11.05 -26.26 -12.86
C ARG B 274 10.43 -25.39 -11.76
N ILE B 275 11.23 -24.60 -11.04
CA ILE B 275 10.69 -23.59 -10.15
C ILE B 275 10.47 -22.30 -10.93
N ILE B 276 11.58 -21.72 -11.43
CA ILE B 276 11.49 -20.60 -12.35
C ILE B 276 10.78 -21.01 -13.63
N GLU B 277 10.84 -22.30 -13.99
CA GLU B 277 10.13 -22.72 -15.20
C GLU B 277 8.67 -23.01 -14.96
N TYR B 278 8.27 -23.33 -13.72
CA TYR B 278 6.84 -23.34 -13.41
C TYR B 278 6.30 -21.93 -13.39
N PHE B 279 7.08 -20.98 -12.88
CA PHE B 279 6.68 -19.57 -12.99
C PHE B 279 6.66 -19.10 -14.43
N ASP B 280 7.52 -19.65 -15.28
CA ASP B 280 7.49 -19.31 -16.71
C ASP B 280 6.25 -19.88 -17.39
N TYR B 281 5.87 -21.11 -17.05
CA TYR B 281 4.63 -21.67 -17.57
C TYR B 281 3.41 -20.90 -17.06
N LEU B 282 3.46 -20.43 -15.82
CA LEU B 282 2.37 -19.63 -15.28
C LEU B 282 2.43 -18.19 -15.79
N TRP B 283 3.53 -17.81 -16.44
CA TRP B 283 3.75 -16.48 -16.99
C TRP B 283 3.44 -16.42 -18.48
N GLU B 284 3.49 -17.55 -19.17
CA GLU B 284 3.23 -17.64 -20.60
C GLU B 284 1.89 -18.28 -20.92
N THR B 285 1.54 -19.38 -20.26
CA THR B 285 0.24 -20.02 -20.47
C THR B 285 -0.85 -19.33 -19.66
N ARG B 286 -0.53 -18.89 -18.44
CA ARG B 286 -1.50 -18.24 -17.58
C ARG B 286 -1.22 -16.77 -17.32
N ARG B 287 -0.03 -16.27 -17.69
CA ARG B 287 0.32 -14.86 -17.55
C ARG B 287 0.25 -14.40 -16.10
N GLY B 288 1.02 -15.10 -15.26
CA GLY B 288 1.17 -14.74 -13.87
C GLY B 288 -0.06 -14.75 -12.97
N TYR B 289 -0.79 -15.87 -12.94
CA TYR B 289 -2.14 -15.88 -12.40
C TYR B 289 -2.58 -17.28 -12.01
N GLU B 290 -3.05 -17.43 -10.78
CA GLU B 290 -3.88 -18.55 -10.38
C GLU B 290 -5.33 -18.10 -10.42
N GLU B 291 -6.24 -19.06 -10.45
CA GLU B 291 -7.62 -18.76 -10.83
C GLU B 291 -8.57 -18.67 -9.64
N ARG B 292 -8.58 -19.67 -8.76
CA ARG B 292 -9.65 -19.79 -7.77
C ARG B 292 -9.56 -18.71 -6.69
N GLU B 293 -8.34 -18.32 -6.29
CA GLU B 293 -8.16 -17.30 -5.26
C GLU B 293 -8.71 -15.93 -5.67
N VAL B 294 -8.91 -15.69 -6.97
CA VAL B 294 -9.51 -14.46 -7.44
C VAL B 294 -10.99 -14.61 -7.82
N LEU B 295 -11.48 -15.82 -8.05
CA LEU B 295 -12.88 -15.97 -8.40
C LEU B 295 -13.84 -16.26 -7.25
N LYS B 296 -13.41 -16.31 -5.98
CA LYS B 296 -14.43 -16.32 -4.91
C LYS B 296 -15.32 -15.08 -4.91
N GLU B 297 -14.77 -13.87 -5.07
CA GLU B 297 -15.62 -12.70 -4.86
C GLU B 297 -16.70 -12.58 -5.94
N LEU B 298 -16.53 -13.24 -7.08
CA LEU B 298 -17.57 -13.25 -8.11
C LEU B 298 -18.71 -14.18 -7.66
N PRO B 299 -19.97 -13.76 -7.79
CA PRO B 299 -21.08 -14.50 -7.16
C PRO B 299 -21.25 -15.92 -7.69
N HIS B 300 -22.05 -16.70 -6.95
CA HIS B 300 -22.24 -18.12 -7.26
C HIS B 300 -22.90 -18.38 -8.62
N PRO B 301 -24.02 -17.73 -8.99
CA PRO B 301 -24.46 -17.87 -10.39
C PRO B 301 -23.45 -17.30 -11.36
N LEU B 302 -22.65 -16.34 -10.92
CA LEU B 302 -21.63 -15.79 -11.80
C LEU B 302 -20.41 -16.70 -11.86
N ARG B 303 -20.11 -17.49 -10.94
CA ARG B 303 -19.01 -18.47 -11.10
C ARG B 303 -19.58 -19.54 -12.03
N LEU B 304 -20.96 -19.84 -11.90
CA LEU B 304 -21.54 -20.78 -12.85
C LEU B 304 -21.36 -20.31 -14.28
N ALA B 305 -21.77 -19.08 -14.57
CA ALA B 305 -21.74 -18.56 -15.93
C ALA B 305 -20.32 -18.41 -16.45
N VAL B 306 -19.44 -17.77 -15.67
CA VAL B 306 -18.08 -17.53 -16.13
C VAL B 306 -17.33 -18.85 -16.30
N ALA B 307 -17.56 -19.81 -15.41
CA ALA B 307 -16.86 -21.09 -15.51
C ALA B 307 -17.35 -21.92 -16.69
N MET B 308 -18.67 -21.93 -16.95
CA MET B 308 -19.15 -22.68 -18.11
C MET B 308 -18.74 -22.00 -19.42
N GLU B 309 -18.53 -20.68 -19.39
CA GLU B 309 -18.03 -20.02 -20.59
C GLU B 309 -16.54 -20.30 -20.81
N ILE B 310 -15.76 -20.34 -19.74
CA ILE B 310 -14.30 -20.41 -19.86
C ILE B 310 -13.83 -21.84 -20.02
N HIS B 311 -14.29 -22.75 -19.15
CA HIS B 311 -13.90 -24.15 -19.22
C HIS B 311 -14.71 -24.90 -20.26
N GLY B 312 -14.75 -24.38 -21.48
CA GLY B 312 -15.34 -25.06 -22.61
C GLY B 312 -14.45 -26.06 -23.29
N ASP B 313 -13.18 -26.14 -22.87
CA ASP B 313 -12.19 -27.05 -23.46
C ASP B 313 -12.34 -28.46 -22.90
N VAL B 314 -12.42 -28.58 -21.58
CA VAL B 314 -12.46 -29.91 -20.96
C VAL B 314 -13.76 -30.64 -21.29
N ILE B 315 -14.88 -29.91 -21.39
CA ILE B 315 -16.19 -30.54 -21.55
C ILE B 315 -16.51 -30.71 -23.05
N GLU B 316 -17.51 -31.57 -23.32
CA GLU B 316 -18.10 -31.95 -24.62
C GLU B 316 -17.09 -32.35 -25.71
N LYS B 317 -15.94 -32.90 -25.32
CA LYS B 317 -15.04 -33.56 -26.27
C LYS B 317 -14.64 -34.97 -25.83
N VAL B 318 -14.62 -35.24 -24.53
CA VAL B 318 -14.46 -36.63 -24.09
C VAL B 318 -15.87 -37.21 -23.98
N PRO B 319 -16.07 -38.50 -24.32
CA PRO B 319 -17.43 -39.08 -24.26
C PRO B 319 -18.09 -39.04 -22.90
N LEU B 320 -17.33 -38.93 -21.81
CA LEU B 320 -17.94 -38.65 -20.52
C LEU B 320 -18.66 -37.32 -20.53
N PHE B 321 -17.97 -36.27 -20.97
CA PHE B 321 -18.46 -34.90 -20.81
C PHE B 321 -19.41 -34.44 -21.91
N LYS B 322 -19.49 -35.13 -23.04
CA LYS B 322 -20.50 -34.80 -24.04
C LYS B 322 -21.78 -35.59 -23.81
N GLY B 323 -22.91 -34.95 -24.12
CA GLY B 323 -24.20 -35.58 -23.93
C GLY B 323 -24.57 -35.84 -22.50
N ALA B 324 -23.92 -35.17 -21.55
CA ALA B 324 -24.12 -35.42 -20.12
C ALA B 324 -25.13 -34.48 -19.49
N GLY B 325 -26.09 -33.98 -20.26
CA GLY B 325 -27.05 -33.09 -19.63
C GLY B 325 -26.51 -31.71 -19.31
N GLU B 326 -27.16 -31.09 -18.30
CA GLU B 326 -26.85 -29.72 -17.92
C GLU B 326 -26.57 -29.53 -16.43
N GLU B 327 -27.18 -30.35 -15.56
CA GLU B 327 -27.02 -30.11 -14.13
C GLU B 327 -25.62 -30.49 -13.63
N PHE B 328 -24.94 -31.42 -14.30
CA PHE B 328 -23.48 -31.49 -14.23
C PHE B 328 -22.81 -30.15 -14.46
N ILE B 329 -22.88 -29.61 -15.69
CA ILE B 329 -21.97 -28.54 -16.06
C ILE B 329 -22.12 -27.35 -15.14
N ARG B 330 -23.30 -27.13 -14.56
CA ARG B 330 -23.37 -26.15 -13.47
C ARG B 330 -22.80 -26.68 -12.16
N ASP B 331 -22.96 -27.97 -11.84
CA ASP B 331 -22.59 -28.43 -10.50
C ASP B 331 -21.10 -28.68 -10.33
N ILE B 332 -20.38 -29.05 -11.38
CA ILE B 332 -19.03 -29.59 -11.26
C ILE B 332 -17.96 -28.68 -11.88
N ILE B 333 -18.33 -27.74 -12.73
CA ILE B 333 -17.32 -26.93 -13.41
C ILE B 333 -16.75 -25.88 -12.46
N LEU B 334 -17.48 -25.53 -11.40
CA LEU B 334 -16.90 -24.77 -10.30
C LEU B 334 -15.97 -25.64 -9.46
N HIS B 335 -16.31 -26.92 -9.29
CA HIS B 335 -15.42 -27.85 -8.63
C HIS B 335 -14.29 -28.35 -9.52
N LEU B 336 -14.32 -28.02 -10.81
CA LEU B 336 -13.24 -28.38 -11.73
C LEU B 336 -12.02 -27.54 -11.43
N GLU B 337 -11.06 -28.12 -10.71
CA GLU B 337 -9.89 -27.39 -10.21
C GLU B 337 -8.66 -27.83 -10.99
N PRO B 338 -7.97 -26.92 -11.69
CA PRO B 338 -6.81 -27.33 -12.48
C PRO B 338 -5.50 -27.25 -11.73
N VAL B 339 -4.59 -28.15 -12.10
CA VAL B 339 -3.21 -28.15 -11.63
C VAL B 339 -2.28 -28.37 -12.83
N ILE B 340 -1.01 -28.03 -12.63
CA ILE B 340 0.02 -28.11 -13.65
C ILE B 340 1.13 -29.01 -13.12
N TYR B 341 1.63 -29.90 -13.98
CA TYR B 341 2.67 -30.85 -13.61
C TYR B 341 3.81 -30.72 -14.61
N GLY B 342 5.04 -30.76 -14.11
CA GLY B 342 6.20 -30.63 -14.98
C GLY B 342 6.67 -31.96 -15.51
N PRO B 343 7.73 -31.93 -16.33
CA PRO B 343 8.25 -33.18 -16.91
C PRO B 343 8.74 -34.14 -15.84
N GLY B 344 8.50 -35.43 -16.08
CA GLY B 344 9.05 -36.49 -15.24
C GLY B 344 8.71 -36.38 -13.77
N GLU B 345 7.47 -36.01 -13.45
CA GLU B 345 7.05 -35.76 -12.08
C GLU B 345 6.11 -36.88 -11.63
N TYR B 346 6.39 -37.43 -10.45
CA TYR B 346 5.57 -38.49 -9.89
C TYR B 346 4.32 -37.95 -9.21
N ILE B 347 3.28 -38.77 -9.20
CA ILE B 347 2.04 -38.48 -8.48
C ILE B 347 1.71 -39.61 -7.50
N ILE B 348 1.77 -40.85 -7.97
CA ILE B 348 1.44 -42.03 -7.17
C ILE B 348 2.60 -43.01 -7.34
N ARG B 349 2.70 -43.98 -6.43
CA ARG B 349 3.87 -44.85 -6.41
C ARG B 349 3.56 -46.29 -6.81
N ALA B 350 2.77 -47.04 -6.04
CA ALA B 350 2.29 -48.33 -6.53
C ALA B 350 0.82 -48.58 -6.20
N GLY B 351 0.48 -48.49 -4.92
CA GLY B 351 -0.79 -48.96 -4.42
C GLY B 351 -1.40 -48.10 -3.33
N GLU B 352 -1.14 -46.80 -3.40
CA GLU B 352 -1.56 -45.85 -2.36
C GLU B 352 -3.08 -45.78 -2.28
N MET B 353 -3.55 -45.03 -1.27
CA MET B 353 -4.96 -44.77 -1.05
C MET B 353 -5.32 -43.39 -1.58
N GLY B 354 -6.62 -43.17 -1.75
CA GLY B 354 -7.12 -41.86 -2.16
C GLY B 354 -6.66 -41.42 -3.53
N SER B 355 -6.74 -42.32 -4.51
CA SER B 355 -6.35 -42.03 -5.88
C SER B 355 -7.59 -41.57 -6.64
N ASP B 356 -7.79 -40.26 -6.68
CA ASP B 356 -8.96 -39.70 -7.35
C ASP B 356 -8.83 -39.87 -8.86
N VAL B 357 -9.94 -39.61 -9.56
CA VAL B 357 -10.03 -39.88 -10.99
C VAL B 357 -9.39 -38.75 -11.79
N TYR B 358 -8.49 -39.11 -12.69
CA TYR B 358 -7.61 -38.16 -13.37
C TYR B 358 -8.17 -37.86 -14.75
N PHE B 359 -8.52 -36.59 -15.00
CA PHE B 359 -9.07 -36.17 -16.28
C PHE B 359 -7.98 -35.43 -17.05
N ILE B 360 -7.42 -36.07 -18.06
CA ILE B 360 -6.40 -35.46 -18.91
C ILE B 360 -7.07 -34.78 -20.09
N ASN B 361 -6.80 -33.48 -20.26
CA ASN B 361 -7.37 -32.71 -21.37
C ASN B 361 -6.48 -32.77 -22.60
N ARG B 362 -5.23 -32.34 -22.46
CA ARG B 362 -4.26 -32.39 -23.55
C ARG B 362 -2.89 -32.79 -23.02
N GLY B 363 -2.14 -33.50 -23.83
CA GLY B 363 -0.86 -34.03 -23.45
C GLY B 363 -0.88 -35.55 -23.33
N SER B 364 0.27 -36.17 -23.59
CA SER B 364 0.43 -37.62 -23.57
C SER B 364 1.33 -38.03 -22.41
N VAL B 365 0.85 -38.97 -21.60
CA VAL B 365 1.56 -39.48 -20.45
C VAL B 365 1.69 -41.01 -20.56
N GLU B 366 2.89 -41.51 -20.30
CA GLU B 366 3.17 -42.93 -20.38
C GLU B 366 2.72 -43.63 -19.09
N VAL B 367 2.34 -44.90 -19.20
CA VAL B 367 2.10 -45.73 -18.03
C VAL B 367 3.07 -46.91 -18.08
N LEU B 368 3.77 -47.15 -16.97
CA LEU B 368 4.74 -48.22 -16.87
C LEU B 368 4.39 -49.11 -15.67
N SER B 369 5.20 -50.14 -15.45
CA SER B 369 4.98 -51.05 -14.34
C SER B 369 5.46 -50.41 -13.03
N ALA B 370 5.35 -51.17 -11.94
CA ALA B 370 5.86 -50.70 -10.65
C ALA B 370 7.35 -50.41 -10.70
N ASP B 371 8.09 -51.16 -11.52
CA ASP B 371 9.49 -50.87 -11.80
C ASP B 371 9.59 -50.12 -13.13
N GLU B 372 10.83 -49.80 -13.52
CA GLU B 372 11.07 -49.05 -14.74
C GLU B 372 10.90 -49.89 -16.00
N LYS B 373 10.85 -51.22 -15.88
CA LYS B 373 10.82 -52.10 -17.04
C LYS B 373 9.36 -52.41 -17.41
N THR B 374 9.19 -53.04 -18.58
CA THR B 374 7.89 -53.52 -19.09
C THR B 374 6.89 -52.37 -19.26
N ARG B 375 7.24 -51.50 -20.20
CA ARG B 375 6.36 -50.47 -20.75
C ARG B 375 4.94 -50.97 -21.02
N TYR B 376 3.95 -50.32 -20.42
CA TYR B 376 2.57 -50.71 -20.67
C TYR B 376 2.01 -50.08 -21.94
N ALA B 377 1.85 -48.75 -21.94
CA ALA B 377 1.13 -48.05 -23.00
C ALA B 377 1.15 -46.53 -22.83
N ILE B 378 0.58 -45.83 -23.83
CA ILE B 378 0.49 -44.37 -23.84
C ILE B 378 -0.96 -43.98 -23.60
N LEU B 379 -1.18 -43.01 -22.71
CA LEU B 379 -2.50 -42.44 -22.48
C LEU B 379 -2.46 -40.99 -22.91
N SER B 380 -3.49 -40.54 -23.62
CA SER B 380 -3.38 -39.28 -24.35
C SER B 380 -4.74 -38.59 -24.35
N GLU B 381 -4.94 -37.66 -25.29
CA GLU B 381 -6.12 -36.82 -25.32
C GLU B 381 -7.40 -37.64 -25.52
N GLY B 382 -8.50 -37.10 -25.03
CA GLY B 382 -9.82 -37.65 -25.26
C GLY B 382 -10.23 -38.76 -24.32
N GLN B 383 -9.40 -39.12 -23.35
CA GLN B 383 -9.73 -40.19 -22.41
C GLN B 383 -9.47 -39.77 -20.97
N PHE B 384 -9.58 -40.72 -20.04
CA PHE B 384 -9.37 -40.46 -18.62
C PHE B 384 -9.02 -41.76 -17.93
N PHE B 385 -8.49 -41.65 -16.72
CA PHE B 385 -8.27 -42.81 -15.86
C PHE B 385 -8.31 -42.36 -14.41
N GLY B 386 -7.98 -43.28 -13.49
CA GLY B 386 -8.01 -42.99 -12.07
C GLY B 386 -9.27 -43.40 -11.34
N GLU B 387 -10.13 -44.22 -11.95
CA GLU B 387 -11.49 -44.41 -11.48
C GLU B 387 -11.70 -45.63 -10.59
N MET B 388 -10.97 -46.74 -10.78
CA MET B 388 -11.27 -47.93 -9.98
C MET B 388 -10.72 -47.86 -8.56
N ALA B 389 -10.35 -46.68 -8.05
CA ALA B 389 -9.94 -46.57 -6.66
C ALA B 389 -11.14 -46.57 -5.72
N LEU B 390 -12.17 -45.81 -6.06
CA LEU B 390 -13.34 -45.62 -5.20
C LEU B 390 -14.53 -46.50 -5.58
N ILE B 391 -14.75 -46.76 -6.87
CA ILE B 391 -15.90 -47.57 -7.27
C ILE B 391 -15.68 -49.03 -6.87
N LEU B 392 -14.45 -49.52 -7.03
CA LEU B 392 -14.12 -50.91 -6.71
C LEU B 392 -13.63 -51.08 -5.27
N ARG B 393 -13.37 -49.97 -4.56
CA ARG B 393 -12.92 -49.97 -3.17
C ARG B 393 -11.66 -50.81 -2.98
N ALA B 394 -10.73 -50.69 -3.92
CA ALA B 394 -9.58 -51.59 -4.01
C ALA B 394 -8.29 -50.78 -4.07
N PRO B 395 -7.17 -51.38 -3.66
CA PRO B 395 -5.87 -50.72 -3.84
C PRO B 395 -5.51 -50.64 -5.32
N ARG B 396 -4.40 -49.94 -5.59
CA ARG B 396 -4.11 -49.46 -6.93
C ARG B 396 -2.91 -50.20 -7.51
N THR B 397 -2.84 -50.22 -8.85
CA THR B 397 -1.70 -50.74 -9.61
C THR B 397 -1.46 -49.74 -10.74
N ALA B 398 -0.63 -48.73 -10.48
CA ALA B 398 -0.36 -47.71 -11.50
C ALA B 398 0.87 -46.91 -11.15
N THR B 399 1.58 -46.47 -12.19
CA THR B 399 2.71 -45.56 -12.09
C THR B 399 2.56 -44.52 -13.19
N VAL B 400 2.80 -43.26 -12.84
CA VAL B 400 2.57 -42.14 -13.75
C VAL B 400 3.74 -41.18 -13.70
N ARG B 401 4.14 -40.69 -14.88
CA ARG B 401 5.04 -39.56 -15.03
C ARG B 401 4.42 -38.60 -16.04
N ALA B 402 5.15 -37.53 -16.37
CA ALA B 402 4.69 -36.55 -17.34
C ALA B 402 5.81 -36.19 -18.30
N ARG B 403 5.46 -36.04 -19.58
CA ARG B 403 6.45 -35.72 -20.60
C ARG B 403 6.93 -34.27 -20.48
N ALA B 404 6.00 -33.34 -20.27
CA ALA B 404 6.34 -31.93 -20.30
C ALA B 404 5.45 -31.20 -19.31
N PHE B 405 5.34 -29.87 -19.47
CA PHE B 405 4.48 -29.04 -18.62
C PHE B 405 3.02 -29.28 -18.99
N CYS B 406 2.46 -30.35 -18.42
CA CYS B 406 1.14 -30.83 -18.76
C CYS B 406 0.09 -30.27 -17.80
N ASP B 407 -1.09 -30.00 -18.33
CA ASP B 407 -2.22 -29.49 -17.57
C ASP B 407 -3.17 -30.63 -17.25
N LEU B 408 -3.53 -30.76 -15.98
CA LEU B 408 -4.41 -31.84 -15.55
C LEU B 408 -5.40 -31.30 -14.54
N TYR B 409 -6.64 -31.74 -14.63
CA TYR B 409 -7.71 -31.19 -13.79
C TYR B 409 -7.91 -32.11 -12.61
N ARG B 410 -7.91 -31.53 -11.40
CA ARG B 410 -8.00 -32.30 -10.18
C ARG B 410 -9.20 -31.84 -9.36
N LEU B 411 -10.23 -32.69 -9.29
CA LEU B 411 -11.44 -32.40 -8.55
C LEU B 411 -11.52 -33.31 -7.33
N ASP B 412 -12.34 -32.91 -6.36
CA ASP B 412 -12.41 -33.61 -5.09
C ASP B 412 -13.26 -34.87 -5.22
N LYS B 413 -13.31 -35.65 -4.14
CA LYS B 413 -13.91 -36.98 -4.21
C LYS B 413 -15.29 -37.06 -3.59
N GLU B 414 -15.56 -36.31 -2.51
CA GLU B 414 -16.83 -36.47 -1.81
C GLU B 414 -17.99 -35.94 -2.66
N THR B 415 -17.79 -34.81 -3.34
CA THR B 415 -18.80 -34.32 -4.27
C THR B 415 -18.96 -35.25 -5.47
N PHE B 416 -17.86 -35.87 -5.92
CA PHE B 416 -17.94 -36.82 -7.03
C PHE B 416 -18.87 -37.98 -6.70
N ASP B 417 -18.66 -38.60 -5.53
CA ASP B 417 -19.50 -39.73 -5.16
C ASP B 417 -20.89 -39.27 -4.73
N ARG B 418 -21.04 -38.02 -4.29
CA ARG B 418 -22.36 -37.49 -4.02
C ARG B 418 -23.17 -37.35 -5.31
N ILE B 419 -22.54 -36.93 -6.39
CA ILE B 419 -23.30 -36.60 -7.60
C ILE B 419 -23.46 -37.81 -8.51
N LEU B 420 -22.48 -38.74 -8.50
CA LEU B 420 -22.63 -39.96 -9.31
C LEU B 420 -23.79 -40.82 -8.84
N SER B 421 -24.16 -40.74 -7.56
CA SER B 421 -25.29 -41.53 -7.06
C SER B 421 -26.61 -41.05 -7.63
N ARG B 422 -26.73 -39.75 -7.95
CA ARG B 422 -27.95 -39.18 -8.49
C ARG B 422 -28.10 -39.41 -9.99
N TYR B 423 -27.10 -40.02 -10.63
CA TYR B 423 -27.06 -40.17 -12.09
C TYR B 423 -26.67 -41.59 -12.49
N PRO B 424 -27.67 -42.45 -12.72
CA PRO B 424 -27.36 -43.81 -13.21
C PRO B 424 -26.67 -43.84 -14.56
N GLU B 425 -27.10 -42.99 -15.51
CA GLU B 425 -26.61 -43.08 -16.88
C GLU B 425 -25.11 -42.81 -16.96
N ILE B 426 -24.61 -41.83 -16.21
CA ILE B 426 -23.23 -41.41 -16.42
C ILE B 426 -22.30 -42.18 -15.49
N ALA B 427 -22.80 -42.63 -14.33
CA ALA B 427 -22.02 -43.60 -13.56
C ALA B 427 -21.90 -44.92 -14.32
N ALA B 428 -22.93 -45.31 -15.07
CA ALA B 428 -22.78 -46.44 -15.99
C ALA B 428 -21.77 -46.13 -17.11
N GLN B 429 -21.77 -44.88 -17.59
CA GLN B 429 -20.80 -44.48 -18.62
C GLN B 429 -19.37 -44.59 -18.09
N ILE B 430 -19.15 -44.17 -16.85
CA ILE B 430 -17.91 -44.47 -16.14
C ILE B 430 -17.69 -45.98 -16.07
N GLN B 431 -18.77 -46.73 -15.87
CA GLN B 431 -18.66 -48.14 -15.51
C GLN B 431 -18.18 -49.02 -16.66
N GLU B 432 -18.57 -48.73 -17.92
CA GLU B 432 -18.09 -49.65 -18.96
C GLU B 432 -16.58 -49.50 -19.14
N LEU B 433 -16.08 -48.25 -19.15
CA LEU B 433 -14.65 -48.03 -19.23
C LEU B 433 -13.93 -48.52 -17.98
N ALA B 434 -14.62 -48.58 -16.84
CA ALA B 434 -14.05 -49.23 -15.66
C ALA B 434 -13.93 -50.74 -15.85
N VAL B 435 -14.91 -51.36 -16.49
CA VAL B 435 -14.98 -52.81 -16.54
C VAL B 435 -14.30 -53.38 -17.79
N ARG B 436 -14.19 -52.59 -18.85
CA ARG B 436 -13.58 -53.06 -20.09
C ARG B 436 -12.42 -52.17 -20.51
N THR C 29 27.60 -20.02 -21.01
CA THR C 29 27.29 -20.12 -22.43
C THR C 29 28.04 -19.07 -23.23
N TYR C 30 27.75 -18.98 -24.52
CA TYR C 30 28.39 -18.01 -25.40
C TYR C 30 27.45 -16.93 -25.90
N THR C 31 26.13 -17.15 -25.83
CA THR C 31 25.19 -16.20 -26.41
C THR C 31 25.05 -14.94 -25.56
N LEU C 32 25.32 -15.03 -24.25
CA LEU C 32 25.29 -13.84 -23.40
C LEU C 32 26.39 -12.86 -23.78
N VAL C 33 27.54 -13.38 -24.21
CA VAL C 33 28.61 -12.52 -24.74
C VAL C 33 28.12 -11.81 -25.99
N TRP C 34 27.35 -12.51 -26.82
CA TRP C 34 26.79 -11.88 -28.01
C TRP C 34 25.79 -10.79 -27.66
N LYS C 35 24.94 -11.03 -26.65
CA LYS C 35 24.02 -9.96 -26.21
C LYS C 35 24.77 -8.76 -25.64
N VAL C 36 25.83 -8.99 -24.86
CA VAL C 36 26.53 -7.83 -24.31
C VAL C 36 27.30 -7.10 -25.41
N TRP C 37 27.76 -7.81 -26.44
CA TRP C 37 28.49 -7.12 -27.51
C TRP C 37 27.52 -6.32 -28.37
N ILE C 38 26.34 -6.86 -28.67
CA ILE C 38 25.36 -6.08 -29.42
C ILE C 38 24.85 -4.91 -28.58
N LEU C 39 24.76 -5.08 -27.25
CA LEU C 39 24.45 -3.97 -26.37
C LEU C 39 25.51 -2.88 -26.47
N ALA C 40 26.79 -3.27 -26.51
CA ALA C 40 27.86 -2.30 -26.65
C ALA C 40 27.76 -1.60 -28.01
N VAL C 41 27.38 -2.34 -29.05
CA VAL C 41 27.22 -1.76 -30.39
C VAL C 41 26.09 -0.74 -30.40
N THR C 42 24.98 -1.06 -29.73
CA THR C 42 23.87 -0.11 -29.67
C THR C 42 24.23 1.12 -28.85
N LEU C 43 25.00 0.95 -27.78
CA LEU C 43 25.48 2.12 -27.05
C LEU C 43 26.43 2.96 -27.90
N TYR C 44 27.30 2.29 -28.66
CA TYR C 44 28.20 2.96 -29.60
C TYR C 44 27.41 3.82 -30.58
N TYR C 45 26.35 3.26 -31.15
CA TYR C 45 25.53 4.06 -32.07
C TYR C 45 24.82 5.20 -31.36
N ALA C 46 24.27 4.92 -30.17
CA ALA C 46 23.53 5.95 -29.43
C ALA C 46 24.43 7.11 -29.02
N ILE C 47 25.72 6.87 -28.83
CA ILE C 47 26.64 7.95 -28.50
C ILE C 47 27.17 8.64 -29.76
N ARG C 48 27.38 7.88 -30.85
CA ARG C 48 28.11 8.37 -32.00
C ARG C 48 27.23 8.99 -33.08
N ILE C 49 26.07 8.39 -33.38
CA ILE C 49 25.22 8.88 -34.48
C ILE C 49 24.76 10.32 -34.29
N PRO C 50 24.27 10.74 -33.11
CA PRO C 50 23.98 12.18 -32.95
C PRO C 50 25.21 13.07 -33.12
N LEU C 51 26.38 12.60 -32.68
CA LEU C 51 27.60 13.36 -32.89
C LEU C 51 27.91 13.52 -34.37
N THR C 52 27.72 12.45 -35.16
CA THR C 52 27.93 12.55 -36.59
C THR C 52 26.89 13.46 -37.25
N LEU C 53 25.66 13.48 -36.72
CA LEU C 53 24.65 14.43 -37.19
C LEU C 53 25.13 15.86 -36.97
N VAL C 54 25.61 16.17 -35.77
CA VAL C 54 26.08 17.52 -35.48
C VAL C 54 27.44 17.76 -36.13
N PHE C 55 28.36 16.80 -36.04
CA PHE C 55 29.70 16.93 -36.60
C PHE C 55 29.85 16.03 -37.83
N PRO C 56 29.79 16.58 -39.04
CA PRO C 56 30.09 15.75 -40.23
C PRO C 56 31.56 15.43 -40.40
N SER C 57 32.44 15.98 -39.56
CA SER C 57 33.86 15.67 -39.60
C SER C 57 34.17 14.22 -39.23
N LEU C 58 33.26 13.55 -38.51
CA LEU C 58 33.42 12.15 -38.20
C LEU C 58 33.02 11.30 -39.41
N PHE C 59 32.95 9.98 -39.20
CA PHE C 59 32.50 8.98 -40.17
C PHE C 59 33.54 8.76 -41.28
N SER C 60 34.56 9.61 -41.34
CA SER C 60 35.61 9.45 -42.33
C SER C 60 36.67 8.45 -41.87
N PRO C 61 37.23 8.54 -40.63
CA PRO C 61 38.21 7.53 -40.21
C PRO C 61 37.59 6.28 -39.61
N LEU C 62 36.32 6.39 -39.22
CA LEU C 62 35.62 5.35 -38.47
C LEU C 62 34.99 4.29 -39.37
N LEU C 63 35.12 4.44 -40.69
CA LEU C 63 34.51 3.50 -41.65
C LEU C 63 34.80 2.02 -41.39
N PRO C 64 36.01 1.57 -41.03
CA PRO C 64 36.16 0.17 -40.60
C PRO C 64 35.32 -0.17 -39.36
N LEU C 65 35.42 0.65 -38.32
CA LEU C 65 34.59 0.50 -37.13
C LEU C 65 33.09 0.72 -37.40
N ASP C 66 32.74 1.36 -38.52
CA ASP C 66 31.34 1.48 -38.88
C ASP C 66 30.85 0.27 -39.67
N ILE C 67 31.65 -0.26 -40.60
CA ILE C 67 31.24 -1.43 -41.37
C ILE C 67 31.17 -2.67 -40.48
N LEU C 68 32.10 -2.81 -39.52
CA LEU C 68 32.03 -3.98 -38.64
C LEU C 68 30.80 -3.90 -37.75
N ALA C 69 30.47 -2.71 -37.24
CA ALA C 69 29.28 -2.55 -36.43
C ALA C 69 28.01 -2.80 -37.24
N SER C 70 28.00 -2.34 -38.49
CA SER C 70 26.83 -2.55 -39.34
C SER C 70 26.63 -4.02 -39.65
N LEU C 71 27.72 -4.74 -39.97
CA LEU C 71 27.57 -6.16 -40.26
C LEU C 71 27.16 -6.94 -39.01
N ALA C 72 27.67 -6.55 -37.84
CA ALA C 72 27.24 -7.19 -36.60
C ALA C 72 25.77 -6.94 -36.33
N LEU C 73 25.30 -5.71 -36.59
CA LEU C 73 23.90 -5.36 -36.32
C LEU C 73 22.95 -6.01 -37.30
N ILE C 74 23.37 -6.23 -38.55
CA ILE C 74 22.49 -6.89 -39.51
C ILE C 74 22.50 -8.41 -39.37
N ALA C 75 23.53 -8.97 -38.73
CA ALA C 75 23.62 -10.39 -38.47
C ALA C 75 23.06 -10.75 -37.10
N ASP C 76 21.84 -10.32 -36.82
CA ASP C 76 21.17 -10.70 -35.57
C ASP C 76 19.71 -11.12 -35.73
N ILE C 77 19.09 -10.93 -36.89
CA ILE C 77 17.66 -11.25 -37.03
C ILE C 77 17.34 -12.73 -36.83
N PRO C 78 18.04 -13.70 -37.44
CA PRO C 78 17.52 -15.08 -37.39
C PRO C 78 17.71 -15.78 -36.05
N LEU C 79 18.45 -15.20 -35.11
CA LEU C 79 18.69 -15.81 -33.81
C LEU C 79 17.50 -15.54 -32.90
N ASP C 80 16.44 -16.35 -33.09
CA ASP C 80 15.26 -16.20 -32.26
C ASP C 80 15.48 -16.74 -30.86
N LEU C 81 16.23 -17.82 -30.73
CA LEU C 81 16.52 -18.42 -29.43
C LEU C 81 18.00 -18.68 -29.25
N ARG C 100 9.86 -8.02 -33.72
CA ARG C 100 10.90 -8.08 -34.74
C ARG C 100 10.93 -6.80 -35.57
N LEU C 101 9.95 -5.93 -35.35
CA LEU C 101 9.90 -4.65 -36.05
C LEU C 101 11.10 -3.75 -35.75
N PRO C 102 11.51 -3.54 -34.48
CA PRO C 102 12.70 -2.67 -34.25
C PRO C 102 13.96 -3.21 -34.91
N ASP C 103 14.19 -4.52 -34.85
CA ASP C 103 15.40 -5.10 -35.44
C ASP C 103 15.41 -4.90 -36.96
N LEU C 104 14.27 -5.14 -37.61
CA LEU C 104 14.21 -4.98 -39.06
C LEU C 104 14.36 -3.51 -39.46
N LEU C 105 13.74 -2.60 -38.69
CA LEU C 105 13.85 -1.18 -39.01
C LEU C 105 15.27 -0.66 -38.78
N ALA C 106 15.96 -1.16 -37.76
CA ALA C 106 17.34 -0.74 -37.52
C ALA C 106 18.33 -1.40 -38.49
N ALA C 107 18.01 -2.59 -39.00
CA ALA C 107 18.98 -3.33 -39.79
C ALA C 107 19.09 -2.84 -41.23
N LEU C 108 18.16 -2.03 -41.70
CA LEU C 108 18.23 -1.54 -43.08
C LEU C 108 19.39 -0.56 -43.22
N PRO C 109 20.21 -0.69 -44.26
CA PRO C 109 21.47 0.09 -44.35
C PRO C 109 21.26 1.54 -44.76
N LEU C 110 20.54 2.29 -43.92
CA LEU C 110 20.37 3.72 -44.16
C LEU C 110 21.66 4.48 -43.92
N ASP C 111 22.45 4.07 -42.91
CA ASP C 111 23.78 4.62 -42.75
C ASP C 111 24.72 4.10 -43.84
N LEU C 112 25.89 4.75 -43.93
CA LEU C 112 26.86 4.66 -45.03
C LEU C 112 26.32 5.37 -46.28
N LEU C 113 25.08 5.83 -46.21
CA LEU C 113 24.47 6.65 -47.26
C LEU C 113 24.02 8.02 -46.76
N VAL C 114 23.56 8.12 -45.50
CA VAL C 114 23.08 9.38 -44.95
C VAL C 114 24.18 10.43 -44.99
N PHE C 115 25.42 10.04 -44.67
CA PHE C 115 26.53 10.96 -44.58
C PHE C 115 27.44 10.92 -45.81
N ALA C 116 27.27 9.94 -46.69
CA ALA C 116 28.05 9.88 -47.93
C ALA C 116 27.38 10.69 -49.04
N LEU C 117 26.12 10.38 -49.35
CA LEU C 117 25.35 11.18 -50.29
C LEU C 117 24.91 12.51 -49.69
N HIS C 118 25.09 12.68 -48.38
CA HIS C 118 24.96 13.92 -47.61
C HIS C 118 23.52 14.36 -47.39
N LEU C 119 22.55 13.76 -48.11
CA LEU C 119 21.13 13.58 -47.76
C LEU C 119 20.58 14.70 -46.87
N PRO C 120 20.34 15.91 -47.41
CA PRO C 120 20.21 17.15 -46.61
C PRO C 120 19.39 17.07 -45.33
N SER C 121 19.73 17.97 -44.40
CA SER C 121 19.37 17.83 -42.99
C SER C 121 17.88 17.59 -42.67
N PRO C 122 16.89 18.26 -43.30
CA PRO C 122 15.50 17.99 -42.87
C PRO C 122 15.05 16.55 -43.06
N LEU C 123 15.58 15.83 -44.05
CA LEU C 123 15.23 14.44 -44.27
C LEU C 123 16.21 13.46 -43.63
N SER C 124 17.25 13.94 -42.95
CA SER C 124 18.21 13.06 -42.31
C SER C 124 17.79 12.66 -40.89
N LEU C 125 16.71 13.22 -40.37
CA LEU C 125 16.26 12.88 -39.02
C LEU C 125 15.72 11.46 -38.91
N LEU C 126 15.48 10.78 -40.03
CA LEU C 126 15.09 9.37 -40.00
C LEU C 126 16.24 8.44 -39.68
N SER C 127 17.47 8.97 -39.50
CA SER C 127 18.58 8.15 -39.05
C SER C 127 18.44 7.70 -37.59
N LEU C 128 17.50 8.26 -36.84
CA LEU C 128 17.33 7.92 -35.43
C LEU C 128 16.59 6.61 -35.21
N VAL C 129 16.09 5.97 -36.26
CA VAL C 129 15.30 4.75 -36.14
C VAL C 129 16.18 3.56 -35.80
N ARG C 130 17.49 3.76 -35.76
CA ARG C 130 18.41 2.69 -35.39
C ARG C 130 18.48 2.45 -33.89
N LEU C 131 17.96 3.37 -33.07
CA LEU C 131 18.05 3.24 -31.62
C LEU C 131 16.90 2.44 -31.03
N LEU C 132 15.95 1.97 -31.84
CA LEU C 132 14.80 1.23 -31.33
C LEU C 132 15.16 -0.14 -30.76
N LYS C 133 16.42 -0.57 -30.84
CA LYS C 133 16.87 -1.77 -30.15
C LYS C 133 16.85 -1.60 -28.64
N LEU C 134 16.67 -0.36 -28.15
CA LEU C 134 16.53 -0.11 -26.72
C LEU C 134 15.36 -0.89 -26.13
N ILE C 135 14.23 -0.95 -26.83
CA ILE C 135 13.07 -1.69 -26.35
C ILE C 135 13.40 -3.17 -26.23
N SER C 136 14.06 -3.72 -27.26
CA SER C 136 14.39 -5.14 -27.26
C SER C 136 15.36 -5.48 -26.15
N VAL C 137 16.40 -4.66 -25.96
CA VAL C 137 17.40 -4.95 -24.94
C VAL C 137 16.82 -4.76 -23.54
N GLN C 138 15.93 -3.78 -23.36
CA GLN C 138 15.29 -3.59 -22.06
C GLN C 138 14.35 -4.75 -21.74
N ALA C 139 13.66 -5.28 -22.75
CA ALA C 139 12.83 -6.45 -22.53
C ALA C 139 13.69 -7.68 -22.22
N SER C 140 14.80 -7.84 -22.92
CA SER C 140 15.67 -8.99 -22.71
C SER C 140 16.49 -8.86 -21.42
N ALA C 141 16.63 -7.65 -20.87
CA ALA C 141 17.34 -7.47 -19.62
C ALA C 141 16.69 -8.19 -18.46
N THR C 142 15.38 -8.48 -18.54
CA THR C 142 14.73 -9.32 -17.55
C THR C 142 15.08 -10.79 -17.73
N ARG C 143 15.33 -11.23 -18.95
CA ARG C 143 15.65 -12.63 -19.25
C ARG C 143 17.17 -12.83 -19.32
N ILE C 144 17.85 -12.47 -18.23
CA ILE C 144 19.28 -12.75 -18.10
C ILE C 144 19.55 -13.37 -16.74
N PRO C 151 15.02 -5.64 -7.09
CA PRO C 151 14.85 -4.32 -7.71
C PRO C 151 16.16 -3.70 -8.15
N ALA C 152 17.21 -4.52 -8.24
CA ALA C 152 18.53 -4.02 -8.56
C ALA C 152 18.68 -3.65 -10.03
N LEU C 153 17.84 -4.21 -10.91
CA LEU C 153 17.97 -3.98 -12.33
C LEU C 153 16.66 -3.68 -13.06
N LEU C 154 15.49 -3.92 -12.43
CA LEU C 154 14.23 -3.71 -13.14
C LEU C 154 13.95 -2.23 -13.35
N ARG C 155 14.08 -1.42 -12.29
CA ARG C 155 13.84 0.01 -12.37
C ARG C 155 15.06 0.83 -11.96
N LEU C 156 16.26 0.25 -12.05
CA LEU C 156 17.49 0.96 -11.75
C LEU C 156 18.35 1.16 -12.99
N LEU C 157 18.74 0.06 -13.65
CA LEU C 157 19.56 0.17 -14.87
C LEU C 157 18.72 0.58 -16.07
N SER C 158 17.43 0.26 -16.07
CA SER C 158 16.52 0.70 -17.13
C SER C 158 16.11 2.16 -16.99
N LEU C 159 16.46 2.83 -15.88
CA LEU C 159 16.06 4.22 -15.67
C LEU C 159 17.23 5.19 -15.68
N VAL C 160 18.26 4.98 -14.86
CA VAL C 160 19.37 5.94 -14.84
C VAL C 160 20.19 5.86 -16.13
N GLY C 161 20.36 4.65 -16.68
CA GLY C 161 21.06 4.53 -17.95
C GLY C 161 20.26 5.14 -19.09
N PHE C 162 18.94 4.94 -19.08
CA PHE C 162 18.08 5.58 -20.06
C PHE C 162 18.13 7.10 -19.92
N ILE C 163 18.15 7.59 -18.68
CA ILE C 163 18.26 9.04 -18.44
C ILE C 163 19.56 9.58 -19.00
N LEU C 164 20.68 8.88 -18.77
CA LEU C 164 21.97 9.35 -19.27
C LEU C 164 22.02 9.34 -20.80
N LEU C 165 21.55 8.25 -21.43
CA LEU C 165 21.53 8.19 -22.89
C LEU C 165 20.64 9.28 -23.48
N ALA C 166 19.45 9.45 -22.90
CA ALA C 166 18.54 10.48 -23.38
C ALA C 166 19.14 11.87 -23.20
N ALA C 167 19.83 12.10 -22.08
CA ALA C 167 20.48 13.38 -21.82
C ALA C 167 21.54 13.67 -22.87
N HIS C 168 22.37 12.67 -23.19
CA HIS C 168 23.38 12.84 -24.22
C HIS C 168 22.73 13.18 -25.56
N GLY C 169 21.70 12.41 -25.93
CA GLY C 169 21.04 12.64 -27.21
C GLY C 169 20.41 14.02 -27.30
N ILE C 170 19.77 14.47 -26.22
CA ILE C 170 19.04 15.73 -26.29
C ILE C 170 20.02 16.89 -26.19
N ALA C 171 21.16 16.71 -25.51
CA ALA C 171 22.19 17.74 -25.53
C ALA C 171 22.78 17.89 -26.92
N CYS C 172 23.03 16.77 -27.62
CA CYS C 172 23.49 16.86 -29.00
C CYS C 172 22.44 17.51 -29.90
N GLY C 173 21.17 17.20 -29.67
CA GLY C 173 20.12 17.86 -30.45
C GLY C 173 20.04 19.34 -30.17
N TRP C 174 20.19 19.75 -28.91
CA TRP C 174 20.19 21.17 -28.61
C TRP C 174 21.42 21.85 -29.19
N MET C 175 22.53 21.12 -29.30
CA MET C 175 23.69 21.63 -30.01
C MET C 175 23.39 21.88 -31.48
N SER C 176 22.50 21.06 -32.07
CA SER C 176 22.29 21.15 -33.51
C SER C 176 21.71 22.51 -33.92
N LEU C 177 20.75 23.02 -33.35
CA LEU C 177 20.11 24.31 -33.75
C LEU C 177 20.77 25.46 -33.01
N GLN C 178 22.04 25.62 -33.10
CA GLN C 178 22.80 26.76 -32.64
C GLN C 178 23.45 27.46 -33.82
N PRO C 179 23.69 28.77 -33.73
CA PRO C 179 24.53 29.44 -34.73
C PRO C 179 25.95 28.89 -34.71
N PRO C 180 26.60 28.80 -35.87
CA PRO C 180 27.96 28.27 -35.92
C PRO C 180 28.99 29.19 -35.28
N SER C 181 29.50 28.80 -34.12
CA SER C 181 30.45 29.60 -33.36
C SER C 181 31.87 29.06 -33.58
N GLU C 182 32.84 29.69 -32.93
CA GLU C 182 34.24 29.30 -33.03
C GLU C 182 34.72 28.95 -31.62
N ASN C 183 34.50 27.70 -31.22
CA ASN C 183 34.95 27.18 -29.94
C ASN C 183 35.27 25.71 -30.12
N PRO C 184 36.15 25.15 -29.27
CA PRO C 184 36.44 23.71 -29.33
C PRO C 184 35.19 22.89 -29.11
N ALA C 185 35.13 21.74 -29.80
CA ALA C 185 33.97 20.87 -29.71
C ALA C 185 33.81 20.28 -28.31
N GLY C 186 34.92 20.01 -27.62
CA GLY C 186 34.84 19.45 -26.28
C GLY C 186 34.18 20.39 -25.28
N THR C 187 34.66 21.64 -25.24
CA THR C 187 34.10 22.59 -24.27
C THR C 187 32.68 22.97 -24.62
N ARG C 188 32.33 23.01 -25.91
CA ARG C 188 30.97 23.28 -26.31
C ARG C 188 30.06 22.11 -25.95
N TYR C 189 30.57 20.88 -26.05
CA TYR C 189 29.80 19.72 -25.63
C TYR C 189 29.55 19.73 -24.13
N LEU C 190 30.57 20.09 -23.35
CA LEU C 190 30.39 20.22 -21.91
C LEU C 190 29.39 21.32 -21.56
N SER C 191 29.45 22.45 -22.27
CA SER C 191 28.48 23.53 -22.01
C SER C 191 27.05 23.10 -22.37
N ALA C 192 26.89 22.40 -23.49
CA ALA C 192 25.57 21.95 -23.90
C ALA C 192 25.01 20.93 -22.93
N PHE C 193 25.84 19.96 -22.50
CA PHE C 193 25.39 19.00 -21.51
C PHE C 193 25.11 19.65 -20.17
N TYR C 194 25.86 20.72 -19.84
CA TYR C 194 25.61 21.48 -18.62
C TYR C 194 24.23 22.12 -18.64
N TRP C 195 23.90 22.80 -19.74
CA TRP C 195 22.56 23.40 -19.87
C TRP C 195 21.49 22.31 -19.87
N THR C 196 21.76 21.19 -20.54
CA THR C 196 20.80 20.10 -20.61
C THR C 196 20.50 19.53 -19.22
N ILE C 197 21.54 19.15 -18.47
CA ILE C 197 21.33 18.63 -17.12
C ILE C 197 20.77 19.70 -16.18
N THR C 198 20.96 20.98 -16.50
CA THR C 198 20.31 22.05 -15.74
C THR C 198 18.81 22.09 -15.97
N THR C 199 18.36 21.92 -17.21
CA THR C 199 16.93 22.05 -17.50
C THR C 199 16.17 20.73 -17.42
N LEU C 200 16.86 19.61 -17.65
CA LEU C 200 16.27 18.27 -17.52
C LEU C 200 16.03 17.87 -16.07
N THR C 201 16.85 18.37 -15.14
CA THR C 201 16.75 17.95 -13.74
C THR C 201 16.10 19.05 -12.90
N THR C 202 15.58 20.10 -13.54
CA THR C 202 14.81 21.17 -12.90
C THR C 202 15.63 21.88 -11.81
N ILE C 203 16.69 22.54 -12.27
CA ILE C 203 17.53 23.38 -11.41
C ILE C 203 17.32 24.85 -11.71
N GLY C 204 17.53 25.26 -12.96
CA GLY C 204 17.20 26.61 -13.40
C GLY C 204 18.19 27.69 -13.01
N TYR C 205 19.42 27.61 -13.52
CA TYR C 205 20.37 28.71 -13.34
C TYR C 205 20.02 29.88 -14.25
N GLY C 206 20.01 29.65 -15.56
CA GLY C 206 19.64 30.66 -16.52
C GLY C 206 20.81 31.37 -17.19
N ASP C 207 22.05 30.92 -16.98
CA ASP C 207 23.18 31.54 -17.67
C ASP C 207 23.13 31.30 -19.17
N ILE C 208 22.48 30.21 -19.60
CA ILE C 208 22.28 29.92 -21.02
C ILE C 208 20.78 29.92 -21.28
N THR C 209 20.33 30.78 -22.19
CA THR C 209 18.92 30.92 -22.49
C THR C 209 18.71 30.94 -24.01
N PRO C 210 17.56 30.45 -24.47
CA PRO C 210 17.25 30.51 -25.90
C PRO C 210 17.06 31.95 -26.37
N SER C 211 17.37 32.17 -27.65
CA SER C 211 17.23 33.49 -28.24
C SER C 211 16.34 33.51 -29.48
N THR C 212 16.43 32.47 -30.34
CA THR C 212 15.62 32.41 -31.55
C THR C 212 14.26 31.79 -31.25
N PRO C 213 13.23 32.13 -32.03
CA PRO C 213 11.91 31.51 -31.82
C PRO C 213 11.91 29.99 -31.95
N THR C 214 12.72 29.45 -32.85
CA THR C 214 12.78 27.99 -33.00
C THR C 214 13.44 27.33 -31.80
N GLN C 215 14.50 27.95 -31.25
CA GLN C 215 15.08 27.45 -30.01
C GLN C 215 14.13 27.61 -28.84
N THR C 216 13.31 28.67 -28.83
CA THR C 216 12.30 28.81 -27.79
C THR C 216 11.22 27.73 -27.91
N VAL C 217 10.89 27.32 -29.12
CA VAL C 217 9.94 26.22 -29.28
C VAL C 217 10.58 24.92 -28.81
N TYR C 218 11.84 24.69 -29.18
CA TYR C 218 12.50 23.46 -28.75
C TYR C 218 12.63 23.41 -27.22
N THR C 219 12.95 24.55 -26.59
CA THR C 219 13.08 24.52 -25.13
C THR C 219 11.73 24.34 -24.44
N ILE C 220 10.61 24.67 -25.09
CA ILE C 220 9.32 24.36 -24.47
C ILE C 220 9.15 22.85 -24.32
N VAL C 221 9.33 22.12 -25.41
CA VAL C 221 9.11 20.69 -25.39
C VAL C 221 10.20 19.97 -24.60
N ILE C 222 11.44 20.47 -24.63
CA ILE C 222 12.45 19.79 -23.81
C ILE C 222 12.22 20.08 -22.33
N GLU C 223 11.73 21.27 -21.97
CA GLU C 223 11.39 21.55 -20.58
C GLU C 223 10.29 20.60 -20.11
N LEU C 224 9.23 20.46 -20.90
CA LEU C 224 8.12 19.57 -20.55
C LEU C 224 8.60 18.14 -20.40
N LEU C 225 9.30 17.63 -21.41
CA LEU C 225 9.70 16.23 -21.41
C LEU C 225 10.73 15.96 -20.31
N GLY C 226 11.67 16.89 -20.09
CA GLY C 226 12.67 16.69 -19.08
C GLY C 226 12.12 16.73 -17.66
N ALA C 227 11.20 17.66 -17.38
CA ALA C 227 10.60 17.67 -16.06
C ALA C 227 9.63 16.52 -15.85
N ALA C 228 9.07 15.99 -16.95
CA ALA C 228 8.31 14.74 -16.83
C ALA C 228 9.24 13.58 -16.49
N MET C 229 10.38 13.49 -17.17
CA MET C 229 11.28 12.36 -16.95
C MET C 229 11.86 12.43 -15.54
N TYR C 230 12.30 13.63 -15.13
CA TYR C 230 12.85 13.84 -13.79
C TYR C 230 11.84 13.44 -12.72
N GLY C 231 10.63 13.99 -12.79
CA GLY C 231 9.63 13.66 -11.79
C GLY C 231 9.28 12.18 -11.80
N LEU C 232 9.15 11.60 -13.00
CA LEU C 232 8.83 10.19 -13.13
C LEU C 232 9.86 9.31 -12.45
N VAL C 233 11.14 9.49 -12.81
CA VAL C 233 12.18 8.60 -12.28
C VAL C 233 12.39 8.85 -10.79
N ILE C 234 12.33 10.10 -10.34
CA ILE C 234 12.60 10.38 -8.93
C ILE C 234 11.45 9.86 -8.06
N GLY C 235 10.20 10.07 -8.51
CA GLY C 235 9.08 9.50 -7.77
C GLY C 235 9.09 7.98 -7.79
N ASN C 236 9.49 7.38 -8.91
CA ASN C 236 9.60 5.93 -9.00
C ASN C 236 10.63 5.40 -8.01
N ILE C 237 11.81 6.02 -7.96
CA ILE C 237 12.84 5.58 -7.04
C ILE C 237 12.42 5.82 -5.59
N ALA C 238 11.72 6.94 -5.32
CA ALA C 238 11.27 7.20 -3.96
C ALA C 238 10.23 6.19 -3.51
N SER C 239 9.31 5.79 -4.40
CA SER C 239 8.34 4.76 -4.07
C SER C 239 8.96 3.37 -4.07
N LEU C 240 10.11 3.20 -4.71
CA LEU C 240 10.76 1.90 -4.76
C LEU C 240 11.69 1.65 -3.58
N VAL C 241 12.32 2.71 -3.04
CA VAL C 241 13.15 2.48 -1.86
C VAL C 241 12.27 2.19 -0.66
N SER C 242 11.03 2.71 -0.66
CA SER C 242 10.07 2.25 0.33
C SER C 242 9.61 0.82 0.07
N LYS C 243 9.94 0.25 -1.09
CA LYS C 243 9.78 -1.18 -1.32
C LYS C 243 11.09 -1.93 -1.40
N LEU C 244 12.22 -1.23 -1.60
CA LEU C 244 13.52 -1.88 -1.71
C LEU C 244 13.86 -2.58 -0.41
N ASP C 245 14.62 -3.67 -0.50
CA ASP C 245 14.85 -4.61 0.59
C ASP C 245 13.61 -4.82 1.46
N ALA C 246 12.55 -5.30 0.80
CA ALA C 246 11.21 -5.43 1.36
C ALA C 246 11.12 -6.41 2.53
N ALA C 247 12.18 -7.17 2.81
CA ALA C 247 12.24 -8.00 4.02
C ALA C 247 12.45 -7.20 5.29
N LYS C 248 13.45 -6.32 5.34
CA LYS C 248 13.61 -5.47 6.52
C LYS C 248 12.47 -4.46 6.66
N LEU C 249 11.97 -3.91 5.56
CA LEU C 249 10.85 -2.97 5.62
C LEU C 249 9.54 -3.63 6.06
N LEU C 250 9.17 -4.77 5.48
CA LEU C 250 7.97 -5.44 5.96
C LEU C 250 8.17 -6.05 7.35
N HIS C 251 9.25 -6.79 7.58
CA HIS C 251 9.35 -7.44 8.88
C HIS C 251 9.49 -6.42 10.00
N ARG C 252 10.42 -5.45 9.87
CA ARG C 252 10.57 -4.52 10.98
C ARG C 252 9.24 -3.85 11.33
N GLU C 253 8.34 -3.64 10.34
CA GLU C 253 7.06 -3.03 10.72
C GLU C 253 6.18 -4.06 11.40
N ARG C 254 6.43 -5.34 11.12
CA ARG C 254 5.70 -6.41 11.78
C ARG C 254 6.05 -6.41 13.26
N VAL C 255 7.34 -6.26 13.54
CA VAL C 255 7.80 -6.10 14.93
C VAL C 255 7.27 -4.80 15.51
N GLU C 256 7.24 -3.73 14.72
CA GLU C 256 6.87 -2.42 15.26
C GLU C 256 5.45 -2.45 15.78
N ARG C 257 4.51 -3.00 15.01
CA ARG C 257 3.10 -2.94 15.41
C ARG C 257 2.90 -3.67 16.73
N VAL C 258 3.45 -4.88 16.84
CA VAL C 258 3.27 -5.70 18.04
C VAL C 258 3.93 -5.00 19.21
N THR C 259 5.25 -4.72 19.08
CA THR C 259 6.01 -4.04 20.12
C THR C 259 5.27 -2.79 20.57
N ALA C 260 4.73 -2.03 19.61
CA ALA C 260 4.09 -0.76 19.89
C ALA C 260 2.93 -0.97 20.84
N PHE C 261 2.11 -2.00 20.57
CA PHE C 261 0.91 -2.13 21.40
C PHE C 261 1.24 -2.78 22.74
N LEU C 262 2.17 -3.74 22.76
CA LEU C 262 2.59 -4.34 24.02
C LEU C 262 3.36 -3.36 24.90
N SER C 263 3.96 -2.33 24.32
CA SER C 263 4.55 -1.25 25.10
C SER C 263 3.58 -0.11 25.36
N TYR C 264 2.46 -0.06 24.64
CA TYR C 264 1.34 0.78 25.07
C TYR C 264 0.75 0.24 26.36
N LYS C 265 0.65 -1.08 26.48
CA LYS C 265 0.48 -1.73 27.78
C LYS C 265 1.83 -1.79 28.48
N ARG C 266 1.83 -2.28 29.71
CA ARG C 266 3.06 -2.43 30.49
C ARG C 266 3.29 -3.90 30.82
N ILE C 267 4.49 -4.38 30.49
CA ILE C 267 4.83 -5.78 30.52
C ILE C 267 6.15 -5.91 31.29
N SER C 268 6.28 -7.00 32.04
CA SER C 268 7.38 -7.14 32.98
C SER C 268 8.72 -7.25 32.24
N PRO C 269 9.82 -6.82 32.88
CA PRO C 269 11.14 -6.89 32.20
C PRO C 269 11.57 -8.30 31.83
N GLU C 270 11.23 -9.30 32.63
CA GLU C 270 11.53 -10.68 32.25
C GLU C 270 10.50 -11.24 31.27
N LEU C 271 9.49 -10.46 30.90
CA LEU C 271 8.66 -10.77 29.74
C LEU C 271 8.83 -9.77 28.60
N GLN C 272 9.35 -8.56 28.87
CA GLN C 272 9.90 -7.74 27.79
C GLN C 272 11.03 -8.46 27.07
N ARG C 273 11.94 -9.08 27.81
CA ARG C 273 12.83 -10.05 27.21
C ARG C 273 12.03 -11.31 26.85
N ARG C 274 12.55 -12.05 25.86
CA ARG C 274 11.92 -13.21 25.22
C ARG C 274 10.80 -12.83 24.26
N ILE C 275 10.33 -11.57 24.29
CA ILE C 275 9.44 -11.08 23.26
C ILE C 275 10.28 -10.49 22.13
N ILE C 276 11.02 -9.43 22.44
CA ILE C 276 12.01 -8.90 21.50
C ILE C 276 13.09 -9.95 21.22
N GLU C 277 13.34 -10.86 22.16
CA GLU C 277 14.35 -11.88 21.89
C GLU C 277 13.79 -13.05 21.10
N TYR C 278 12.48 -13.30 21.14
CA TYR C 278 11.90 -14.23 20.18
C TYR C 278 11.88 -13.63 18.79
N PHE C 279 11.63 -12.33 18.68
CA PHE C 279 11.78 -11.66 17.39
C PHE C 279 13.23 -11.64 16.93
N ASP C 280 14.19 -11.59 17.86
CA ASP C 280 15.60 -11.67 17.49
C ASP C 280 15.98 -13.07 16.99
N TYR C 281 15.45 -14.11 17.64
CA TYR C 281 15.68 -15.46 17.14
C TYR C 281 15.01 -15.67 15.79
N LEU C 282 13.84 -15.07 15.58
CA LEU C 282 13.18 -15.16 14.29
C LEU C 282 13.81 -14.23 13.26
N TRP C 283 14.69 -13.33 13.70
CA TRP C 283 15.39 -12.38 12.85
C TRP C 283 16.79 -12.84 12.48
N GLU C 284 17.38 -13.73 13.29
CA GLU C 284 18.72 -14.26 13.06
C GLU C 284 18.72 -15.71 12.57
N THR C 285 17.89 -16.57 13.17
CA THR C 285 17.80 -17.95 12.71
C THR C 285 16.85 -18.08 11.52
N ARG C 286 15.77 -17.31 11.51
CA ARG C 286 14.79 -17.36 10.44
C ARG C 286 14.72 -16.09 9.60
N ARG C 287 15.37 -15.00 10.03
CA ARG C 287 15.42 -13.75 9.27
C ARG C 287 14.02 -13.19 9.00
N GLY C 288 13.30 -12.97 10.09
CA GLY C 288 11.99 -12.35 10.04
C GLY C 288 10.88 -13.03 9.27
N TYR C 289 10.61 -14.29 9.58
CA TYR C 289 9.81 -15.13 8.68
C TYR C 289 9.23 -16.33 9.41
N GLU C 290 7.91 -16.51 9.28
CA GLU C 290 7.26 -17.77 9.55
C GLU C 290 7.06 -18.47 8.21
N GLU C 291 6.83 -19.79 8.27
CA GLU C 291 6.96 -20.61 7.08
C GLU C 291 5.61 -20.98 6.44
N ARG C 292 4.67 -21.48 7.22
CA ARG C 292 3.48 -22.10 6.64
C ARG C 292 2.53 -21.09 6.01
N GLU C 293 2.42 -19.89 6.59
CA GLU C 293 1.55 -18.85 6.06
C GLU C 293 1.95 -18.38 4.66
N VAL C 294 3.20 -18.61 4.26
CA VAL C 294 3.67 -18.28 2.93
C VAL C 294 3.73 -19.48 1.99
N LEU C 295 3.75 -20.71 2.50
CA LEU C 295 3.82 -21.86 1.61
C LEU C 295 2.47 -22.49 1.24
N LYS C 296 1.31 -21.98 1.66
CA LYS C 296 0.07 -22.47 1.05
C LYS C 296 0.00 -22.24 -0.46
N GLU C 297 0.36 -21.05 -0.96
CA GLU C 297 0.10 -20.80 -2.38
C GLU C 297 0.95 -21.68 -3.29
N LEU C 298 2.04 -22.25 -2.78
CA LEU C 298 2.84 -23.18 -3.57
C LEU C 298 2.10 -24.52 -3.65
N PRO C 299 2.01 -25.14 -4.83
CA PRO C 299 1.12 -26.30 -5.03
C PRO C 299 1.48 -27.49 -4.16
N HIS C 300 0.54 -28.44 -4.11
CA HIS C 300 0.67 -29.62 -3.24
C HIS C 300 1.84 -30.53 -3.61
N PRO C 301 2.05 -30.94 -4.87
CA PRO C 301 3.32 -31.62 -5.18
C PRO C 301 4.52 -30.72 -4.96
N LEU C 302 4.33 -29.41 -5.06
CA LEU C 302 5.43 -28.51 -4.82
C LEU C 302 5.64 -28.28 -3.32
N ARG C 303 4.74 -28.44 -2.49
CA ARG C 303 5.02 -28.39 -1.05
C ARG C 303 5.73 -29.71 -0.73
N LEU C 304 5.31 -30.85 -1.46
CA LEU C 304 6.02 -32.09 -1.25
C LEU C 304 7.51 -31.93 -1.57
N ALA C 305 7.82 -31.42 -2.76
CA ALA C 305 9.21 -31.32 -3.21
C ALA C 305 10.00 -30.32 -2.37
N VAL C 306 9.46 -29.12 -2.16
CA VAL C 306 10.20 -28.10 -1.42
C VAL C 306 10.40 -28.53 0.02
N ALA C 307 9.40 -29.17 0.63
CA ALA C 307 9.52 -29.57 2.01
C ALA C 307 10.50 -30.74 2.18
N MET C 308 10.50 -31.71 1.26
CA MET C 308 11.48 -32.79 1.38
C MET C 308 12.89 -32.31 1.09
N GLU C 309 13.02 -31.24 0.29
CA GLU C 309 14.35 -30.68 0.07
C GLU C 309 14.83 -29.88 1.28
N ILE C 310 13.93 -29.15 1.92
CA ILE C 310 14.33 -28.21 2.98
C ILE C 310 14.45 -28.91 4.32
N HIS C 311 13.43 -29.67 4.73
CA HIS C 311 13.45 -30.38 6.00
C HIS C 311 14.24 -31.69 5.90
N GLY C 312 15.48 -31.59 5.40
CA GLY C 312 16.41 -32.70 5.40
C GLY C 312 17.16 -32.90 6.69
N ASP C 313 16.99 -31.99 7.65
CA ASP C 313 17.67 -32.06 8.94
C ASP C 313 16.97 -33.01 9.90
N VAL C 314 15.66 -32.90 10.02
CA VAL C 314 14.93 -33.70 11.00
C VAL C 314 14.92 -35.19 10.60
N ILE C 315 14.87 -35.49 9.30
CA ILE C 315 14.72 -36.86 8.83
C ILE C 315 16.10 -37.51 8.61
N GLU C 316 16.09 -38.84 8.52
CA GLU C 316 17.22 -39.78 8.28
C GLU C 316 18.44 -39.57 9.20
N LYS C 317 18.25 -39.07 10.41
CA LYS C 317 19.28 -39.09 11.45
C LYS C 317 18.80 -39.70 12.77
N VAL C 318 17.51 -39.62 13.07
CA VAL C 318 16.99 -40.38 14.21
C VAL C 318 16.56 -41.73 13.66
N PRO C 319 16.74 -42.82 14.42
CA PRO C 319 16.37 -44.15 13.90
C PRO C 319 14.91 -44.32 13.52
N LEU C 320 14.01 -43.49 14.05
CA LEU C 320 12.65 -43.46 13.52
C LEU C 320 12.63 -43.04 12.06
N PHE C 321 13.29 -41.93 11.75
CA PHE C 321 13.17 -41.29 10.44
C PHE C 321 14.09 -41.86 9.36
N LYS C 322 15.13 -42.62 9.74
CA LYS C 322 15.92 -43.29 8.72
C LYS C 322 15.39 -44.69 8.42
N GLY C 323 15.52 -45.09 7.16
CA GLY C 323 15.04 -46.38 6.72
C GLY C 323 13.53 -46.54 6.76
N ALA C 324 12.80 -45.42 6.81
CA ALA C 324 11.35 -45.44 6.96
C ALA C 324 10.62 -45.38 5.62
N GLY C 325 11.22 -45.85 4.54
CA GLY C 325 10.50 -45.79 3.29
C GLY C 325 10.41 -44.39 2.69
N GLU C 326 9.36 -44.21 1.87
CA GLU C 326 9.15 -42.97 1.13
C GLU C 326 7.77 -42.35 1.30
N GLU C 327 6.74 -43.16 1.52
CA GLU C 327 5.39 -42.59 1.57
C GLU C 327 5.14 -41.79 2.85
N PHE C 328 5.84 -42.09 3.94
CA PHE C 328 6.05 -41.11 5.00
C PHE C 328 6.54 -39.76 4.48
N ILE C 329 7.76 -39.69 3.96
CA ILE C 329 8.41 -38.39 3.80
C ILE C 329 7.58 -37.47 2.90
N ARG C 330 6.80 -38.04 1.96
CA ARG C 330 5.81 -37.19 1.30
C ARG C 330 4.59 -36.89 2.17
N ASP C 331 4.14 -37.85 3.01
CA ASP C 331 2.86 -37.63 3.69
C ASP C 331 2.96 -36.73 4.92
N ILE C 332 4.10 -36.70 5.60
CA ILE C 332 4.19 -36.10 6.92
C ILE C 332 5.08 -34.86 6.97
N ILE C 333 5.94 -34.65 5.98
CA ILE C 333 6.86 -33.52 6.05
C ILE C 333 6.14 -32.20 5.76
N LEU C 334 4.99 -32.26 5.08
CA LEU C 334 4.10 -31.10 5.01
C LEU C 334 3.38 -30.89 6.34
N HIS C 335 3.04 -31.97 7.03
CA HIS C 335 2.48 -31.86 8.38
C HIS C 335 3.53 -31.61 9.45
N LEU C 336 4.81 -31.66 9.09
CA LEU C 336 5.89 -31.35 10.03
C LEU C 336 5.91 -29.85 10.30
N GLU C 337 5.33 -29.44 11.44
CA GLU C 337 5.16 -28.03 11.75
C GLU C 337 6.11 -27.62 12.86
N PRO C 338 6.99 -26.66 12.64
CA PRO C 338 7.98 -26.29 13.66
C PRO C 338 7.49 -25.17 14.58
N VAL C 339 7.96 -25.24 15.83
CA VAL C 339 7.78 -24.18 16.81
C VAL C 339 9.11 -23.93 17.53
N ILE C 340 9.18 -22.78 18.17
CA ILE C 340 10.37 -22.32 18.87
C ILE C 340 9.99 -22.07 20.32
N TYR C 341 10.84 -22.50 21.25
CA TYR C 341 10.61 -22.35 22.67
C TYR C 341 11.82 -21.68 23.30
N GLY C 342 11.57 -20.74 24.22
CA GLY C 342 12.66 -20.03 24.86
C GLY C 342 13.15 -20.73 26.10
N PRO C 343 14.16 -20.14 26.75
CA PRO C 343 14.71 -20.75 27.97
C PRO C 343 13.68 -20.86 29.07
N GLY C 344 13.76 -21.96 29.81
CA GLY C 344 12.95 -22.15 31.02
C GLY C 344 11.46 -22.01 30.81
N GLU C 345 10.94 -22.55 29.71
CA GLU C 345 9.54 -22.40 29.35
C GLU C 345 8.82 -23.73 29.53
N TYR C 346 7.67 -23.68 30.20
CA TYR C 346 6.87 -24.87 30.45
C TYR C 346 6.00 -25.22 29.24
N ILE C 347 5.72 -26.51 29.11
CA ILE C 347 4.80 -27.03 28.10
C ILE C 347 3.69 -27.84 28.74
N ILE C 348 4.05 -28.75 29.65
CA ILE C 348 3.10 -29.63 30.33
C ILE C 348 3.40 -29.54 31.82
N ARG C 349 2.44 -29.95 32.65
CA ARG C 349 2.57 -29.73 34.09
C ARG C 349 2.78 -31.03 34.88
N ALA C 350 1.81 -31.94 34.93
CA ALA C 350 2.07 -33.26 35.50
C ALA C 350 1.46 -34.39 34.68
N GLY C 351 0.15 -34.30 34.47
CA GLY C 351 -0.64 -35.41 33.95
C GLY C 351 -1.75 -35.02 33.01
N GLU C 352 -1.52 -33.95 32.25
CA GLU C 352 -2.52 -33.39 31.36
C GLU C 352 -2.90 -34.38 30.25
N MET C 353 -3.90 -33.98 29.47
CA MET C 353 -4.36 -34.74 28.32
C MET C 353 -3.81 -34.14 27.03
N GLY C 354 -3.87 -34.93 25.96
CA GLY C 354 -3.46 -34.45 24.65
C GLY C 354 -1.98 -34.11 24.56
N SER C 355 -1.13 -34.98 25.08
CA SER C 355 0.32 -34.79 25.03
C SER C 355 0.86 -35.48 23.79
N ASP C 356 0.97 -34.73 22.70
CA ASP C 356 1.44 -35.30 21.45
C ASP C 356 2.94 -35.62 21.54
N VAL C 357 3.42 -36.35 20.55
CA VAL C 357 4.78 -36.90 20.58
C VAL C 357 5.78 -35.83 20.14
N TYR C 358 6.81 -35.63 20.96
CA TYR C 358 7.73 -34.50 20.83
C TYR C 358 9.00 -34.96 20.13
N PHE C 359 9.27 -34.38 18.96
CA PHE C 359 10.46 -34.73 18.17
C PHE C 359 11.49 -33.62 18.34
N ILE C 360 12.53 -33.87 19.12
CA ILE C 360 13.61 -32.92 19.33
C ILE C 360 14.70 -33.15 18.28
N ASN C 361 15.02 -32.10 17.53
CA ASN C 361 16.06 -32.19 16.50
C ASN C 361 17.44 -31.86 17.07
N ARG C 362 17.59 -30.66 17.64
CA ARG C 362 18.84 -30.24 18.26
C ARG C 362 18.55 -29.45 19.52
N GLY C 363 19.43 -29.59 20.50
CA GLY C 363 19.26 -28.99 21.81
C GLY C 363 19.00 -30.03 22.88
N SER C 364 19.42 -29.71 24.10
CA SER C 364 19.31 -30.59 25.26
C SER C 364 18.32 -30.01 26.26
N VAL C 365 17.35 -30.84 26.66
CA VAL C 365 16.32 -30.46 27.62
C VAL C 365 16.31 -31.44 28.78
N GLU C 366 16.24 -30.91 29.99
CA GLU C 366 16.25 -31.72 31.20
C GLU C 366 14.86 -32.24 31.49
N VAL C 367 14.77 -33.41 32.12
CA VAL C 367 13.50 -33.90 32.66
C VAL C 367 13.64 -34.06 34.16
N LEU C 368 12.68 -33.53 34.90
CA LEU C 368 12.67 -33.56 36.35
C LEU C 368 11.35 -34.18 36.83
N SER C 369 11.20 -34.28 38.14
CA SER C 369 9.99 -34.84 38.73
C SER C 369 8.87 -33.81 38.70
N ALA C 370 7.72 -34.18 39.26
CA ALA C 370 6.60 -33.25 39.36
C ALA C 370 6.97 -32.02 40.18
N ASP C 371 7.84 -32.18 41.16
CA ASP C 371 8.41 -31.06 41.90
C ASP C 371 9.80 -30.74 41.35
N GLU C 372 10.45 -29.75 41.94
CA GLU C 372 11.76 -29.30 41.48
C GLU C 372 12.88 -30.26 41.88
N LYS C 373 12.63 -31.19 42.79
CA LYS C 373 13.67 -32.04 43.34
C LYS C 373 13.73 -33.35 42.52
N THR C 374 14.78 -34.14 42.75
CA THR C 374 14.98 -35.48 42.18
C THR C 374 15.05 -35.41 40.64
N ARG C 375 16.11 -34.77 40.19
CA ARG C 375 16.57 -34.77 38.81
C ARG C 375 16.52 -36.16 38.17
N TYR C 376 15.80 -36.27 37.05
CA TYR C 376 15.72 -37.56 36.35
C TYR C 376 16.92 -37.77 35.43
N ALA C 377 17.00 -36.96 34.35
CA ALA C 377 17.97 -37.19 33.27
C ALA C 377 17.95 -36.09 32.21
N ILE C 378 18.86 -36.20 31.25
CA ILE C 378 18.98 -35.27 30.14
C ILE C 378 18.51 -35.96 28.86
N LEU C 379 17.67 -35.26 28.08
CA LEU C 379 17.25 -35.74 26.78
C LEU C 379 17.81 -34.79 25.73
N SER C 380 18.34 -35.34 24.64
CA SER C 380 19.18 -34.55 23.75
C SER C 380 18.97 -35.01 22.31
N GLU C 381 19.94 -34.71 21.45
CA GLU C 381 19.80 -34.96 20.02
C GLU C 381 19.69 -36.44 19.72
N GLY C 382 19.04 -36.74 18.60
CA GLY C 382 18.95 -38.08 18.06
C GLY C 382 17.85 -38.95 18.64
N GLN C 383 17.05 -38.42 19.56
CA GLN C 383 15.97 -39.20 20.17
C GLN C 383 14.65 -38.43 20.15
N PHE C 384 13.63 -38.99 20.82
CA PHE C 384 12.31 -38.38 20.87
C PHE C 384 11.59 -38.90 22.12
N PHE C 385 10.52 -38.20 22.49
CA PHE C 385 9.62 -38.67 23.54
C PHE C 385 8.24 -38.09 23.29
N GLY C 386 7.32 -38.32 24.24
CA GLY C 386 5.95 -37.85 24.12
C GLY C 386 4.96 -38.87 23.60
N GLU C 387 5.32 -40.15 23.55
CA GLU C 387 4.57 -41.13 22.77
C GLU C 387 3.56 -41.94 23.57
N MET C 388 3.78 -42.24 24.87
CA MET C 388 2.83 -43.11 25.57
C MET C 388 1.56 -42.38 26.01
N ALA C 389 1.25 -41.22 25.45
CA ALA C 389 -0.03 -40.57 25.75
C ALA C 389 -1.18 -41.22 24.99
N LEU C 390 -0.98 -41.48 23.70
CA LEU C 390 -2.03 -41.98 22.83
C LEU C 390 -1.97 -43.50 22.61
N ILE C 391 -0.77 -44.09 22.54
CA ILE C 391 -0.69 -45.52 22.31
C ILE C 391 -1.15 -46.30 23.54
N LEU C 392 -0.80 -45.82 24.74
CA LEU C 392 -1.18 -46.48 25.98
C LEU C 392 -2.50 -45.97 26.54
N ARG C 393 -3.05 -44.89 25.97
CA ARG C 393 -4.32 -44.29 26.39
C ARG C 393 -4.33 -43.94 27.89
N ALA C 394 -3.21 -43.42 28.37
CA ALA C 394 -2.99 -43.26 29.79
C ALA C 394 -2.60 -41.81 30.11
N PRO C 395 -2.84 -41.36 31.34
CA PRO C 395 -2.34 -40.04 31.76
C PRO C 395 -0.83 -40.02 31.84
N ARG C 396 -0.29 -38.83 32.09
CA ARG C 396 1.12 -38.56 31.84
C ARG C 396 1.86 -38.36 33.16
N THR C 397 3.18 -38.60 33.13
CA THR C 397 4.09 -38.31 34.24
C THR C 397 5.34 -37.69 33.60
N ALA C 398 5.34 -36.36 33.46
CA ALA C 398 6.47 -35.68 32.84
C ALA C 398 6.44 -34.19 33.16
N THR C 399 7.63 -33.62 33.25
CA THR C 399 7.84 -32.18 33.38
C THR C 399 8.98 -31.79 32.46
N VAL C 400 8.79 -30.68 31.73
CA VAL C 400 9.73 -30.25 30.70
C VAL C 400 10.00 -28.76 30.83
N ARG C 401 11.27 -28.39 30.67
CA ARG C 401 11.69 -27.00 30.46
C ARG C 401 12.66 -26.97 29.28
N ALA C 402 13.21 -25.79 28.99
CA ALA C 402 14.15 -25.63 27.89
C ALA C 402 15.34 -24.81 28.35
N ARG C 403 16.53 -25.20 27.90
CA ARG C 403 17.75 -24.49 28.28
C ARG C 403 17.85 -23.15 27.58
N ALA C 404 17.55 -23.10 26.29
CA ALA C 404 17.78 -21.90 25.50
C ALA C 404 16.69 -21.81 24.43
N PHE C 405 16.95 -21.01 23.39
CA PHE C 405 16.02 -20.86 22.26
C PHE C 405 16.07 -22.12 21.40
N CYS C 406 15.32 -23.13 21.82
CA CYS C 406 15.35 -24.45 21.22
C CYS C 406 14.26 -24.59 20.17
N ASP C 407 14.58 -25.34 19.12
CA ASP C 407 13.65 -25.62 18.03
C ASP C 407 13.05 -27.00 18.21
N LEU C 408 11.72 -27.09 18.15
CA LEU C 408 11.05 -28.36 18.35
C LEU C 408 9.91 -28.46 17.35
N TYR C 409 9.72 -29.66 16.79
CA TYR C 409 8.74 -29.85 15.73
C TYR C 409 7.45 -30.38 16.34
N ARG C 410 6.33 -29.74 16.01
CA ARG C 410 5.05 -30.09 16.59
C ARG C 410 4.06 -30.45 15.49
N LEU C 411 3.73 -31.73 15.39
CA LEU C 411 2.78 -32.22 14.40
C LEU C 411 1.49 -32.66 15.09
N ASP C 412 0.43 -32.75 14.30
CA ASP C 412 -0.89 -33.04 14.85
C ASP C 412 -1.05 -34.52 15.16
N LYS C 413 -2.17 -34.88 15.76
CA LYS C 413 -2.35 -36.22 16.30
C LYS C 413 -3.23 -37.12 15.44
N GLU C 414 -4.27 -36.57 14.81
CA GLU C 414 -5.21 -37.42 14.08
C GLU C 414 -4.57 -38.03 12.84
N THR C 415 -3.76 -37.25 12.12
CA THR C 415 -3.00 -37.80 11.00
C THR C 415 -1.95 -38.79 11.48
N PHE C 416 -1.35 -38.55 12.65
CA PHE C 416 -0.36 -39.48 13.18
C PHE C 416 -0.97 -40.86 13.41
N ASP C 417 -2.13 -40.91 14.09
CA ASP C 417 -2.76 -42.20 14.33
C ASP C 417 -3.40 -42.77 13.08
N ARG C 418 -3.74 -41.91 12.11
CA ARG C 418 -4.22 -42.41 10.82
C ARG C 418 -3.12 -43.14 10.07
N ILE C 419 -1.90 -42.63 10.13
CA ILE C 419 -0.84 -43.17 9.28
C ILE C 419 -0.09 -44.30 9.98
N LEU C 420 0.02 -44.27 11.32
CA LEU C 420 0.66 -45.37 12.03
C LEU C 420 -0.09 -46.68 11.88
N SER C 421 -1.41 -46.62 11.65
CA SER C 421 -2.18 -47.84 11.48
C SER C 421 -1.84 -48.55 10.18
N ARG C 422 -1.45 -47.80 9.16
CA ARG C 422 -1.10 -48.37 7.86
C ARG C 422 0.31 -48.92 7.80
N TYR C 423 1.08 -48.78 8.89
CA TYR C 423 2.50 -49.15 8.92
C TYR C 423 2.83 -49.95 10.17
N PRO C 424 2.80 -51.28 10.09
CA PRO C 424 3.22 -52.11 11.24
C PRO C 424 4.67 -51.92 11.64
N GLU C 425 5.58 -51.82 10.67
CA GLU C 425 7.02 -51.81 10.96
C GLU C 425 7.41 -50.60 11.81
N ILE C 426 6.86 -49.43 11.50
CA ILE C 426 7.37 -48.23 12.14
C ILE C 426 6.57 -47.92 13.40
N ALA C 427 5.30 -48.34 13.47
CA ALA C 427 4.62 -48.31 14.76
C ALA C 427 5.27 -49.29 15.74
N ALA C 428 5.77 -50.43 15.25
CA ALA C 428 6.60 -51.29 16.09
C ALA C 428 7.91 -50.60 16.48
N GLN C 429 8.49 -49.83 15.56
CA GLN C 429 9.71 -49.09 15.86
C GLN C 429 9.48 -48.07 16.97
N ILE C 430 8.34 -47.38 16.91
CA ILE C 430 7.87 -46.57 18.04
C ILE C 430 7.71 -47.45 19.28
N GLN C 431 7.24 -48.68 19.09
CA GLN C 431 6.77 -49.50 20.21
C GLN C 431 7.92 -50.00 21.08
N GLU C 432 9.09 -50.33 20.50
CA GLU C 432 10.12 -50.84 21.43
C GLU C 432 10.62 -49.72 22.35
N LEU C 433 10.83 -48.52 21.80
CA LEU C 433 11.21 -47.39 22.62
C LEU C 433 10.08 -46.98 23.58
N ALA C 434 8.83 -47.26 23.21
CA ALA C 434 7.74 -47.08 24.16
C ALA C 434 7.81 -48.07 25.32
N VAL C 435 8.19 -49.32 25.03
CA VAL C 435 8.09 -50.38 26.03
C VAL C 435 9.39 -50.55 26.81
N ARG C 436 10.52 -50.13 26.25
CA ARG C 436 11.82 -50.29 26.91
C ARG C 436 12.51 -48.95 27.04
N THR D 29 25.04 1.03 31.42
CA THR D 29 26.34 0.44 31.13
C THR D 29 27.35 1.52 30.80
N TYR D 30 28.56 1.10 30.42
CA TYR D 30 29.63 2.02 30.06
C TYR D 30 29.99 2.00 28.59
N THR D 31 29.60 0.95 27.86
CA THR D 31 30.03 0.82 26.47
C THR D 31 29.27 1.77 25.55
N LEU D 32 28.05 2.18 25.92
CA LEU D 32 27.32 3.15 25.13
C LEU D 32 28.01 4.51 25.14
N VAL D 33 28.65 4.86 26.25
CA VAL D 33 29.45 6.07 26.30
C VAL D 33 30.62 5.96 25.33
N TRP D 34 31.20 4.77 25.22
CA TRP D 34 32.28 4.55 24.28
C TRP D 34 31.80 4.68 22.83
N LYS D 35 30.61 4.14 22.52
CA LYS D 35 30.06 4.32 21.19
C LYS D 35 29.77 5.80 20.88
N VAL D 36 29.23 6.54 21.85
CA VAL D 36 28.95 7.95 21.53
C VAL D 36 30.24 8.74 21.41
N TRP D 37 31.29 8.35 22.15
CA TRP D 37 32.54 9.10 22.05
C TRP D 37 33.23 8.80 20.71
N ILE D 38 33.20 7.54 20.26
CA ILE D 38 33.78 7.23 18.96
C ILE D 38 32.94 7.86 17.85
N LEU D 39 31.62 7.96 18.05
CA LEU D 39 30.77 8.71 17.11
C LEU D 39 31.19 10.17 17.04
N ALA D 40 31.48 10.77 18.19
CA ALA D 40 31.95 12.15 18.21
C ALA D 40 33.29 12.28 17.49
N VAL D 41 34.16 11.29 17.67
CA VAL D 41 35.47 11.28 17.01
C VAL D 41 35.30 11.19 15.49
N THR D 42 34.39 10.34 15.03
CA THR D 42 34.14 10.23 13.59
C THR D 42 33.54 11.51 13.03
N LEU D 43 32.65 12.16 13.79
CA LEU D 43 32.13 13.45 13.34
C LEU D 43 33.24 14.51 13.31
N TYR D 44 34.12 14.49 14.31
CA TYR D 44 35.29 15.36 14.35
C TYR D 44 36.13 15.21 13.08
N TYR D 45 36.41 13.96 12.70
CA TYR D 45 37.18 13.73 11.48
C TYR D 45 36.41 14.17 10.23
N ALA D 46 35.10 13.85 10.17
CA ALA D 46 34.31 14.20 9.00
C ALA D 46 34.20 15.71 8.81
N ILE D 47 34.29 16.49 9.89
CA ILE D 47 34.25 17.95 9.77
C ILE D 47 35.65 18.50 9.51
N ARG D 48 36.69 17.90 10.10
CA ARG D 48 38.02 18.51 10.12
C ARG D 48 38.92 18.08 8.96
N ILE D 49 38.89 16.79 8.57
CA ILE D 49 39.82 16.31 7.54
C ILE D 49 39.64 17.02 6.19
N PRO D 50 38.41 17.22 5.67
CA PRO D 50 38.31 18.04 4.44
C PRO D 50 38.82 19.46 4.63
N LEU D 51 38.61 20.05 5.81
CA LEU D 51 39.15 21.39 6.07
C LEU D 51 40.67 21.38 6.02
N THR D 52 41.31 20.35 6.59
CA THR D 52 42.76 20.25 6.50
C THR D 52 43.23 20.01 5.08
N LEU D 53 42.44 19.29 4.28
CA LEU D 53 42.75 19.15 2.86
C LEU D 53 42.75 20.50 2.17
N VAL D 54 41.71 21.30 2.39
CA VAL D 54 41.64 22.62 1.77
C VAL D 54 42.60 23.60 2.45
N PHE D 55 42.65 23.58 3.79
CA PHE D 55 43.50 24.49 4.55
C PHE D 55 44.65 23.72 5.19
N PRO D 56 45.87 23.79 4.63
CA PRO D 56 47.02 23.17 5.31
C PRO D 56 47.49 23.94 6.53
N SER D 57 46.91 25.11 6.81
CA SER D 57 47.25 25.88 8.01
C SER D 57 46.84 25.17 9.30
N LEU D 58 45.89 24.24 9.24
CA LEU D 58 45.51 23.45 10.39
C LEU D 58 46.53 22.33 10.62
N PHE D 59 46.22 21.41 11.55
CA PHE D 59 46.99 20.22 11.87
C PHE D 59 48.28 20.55 12.61
N SER D 60 48.63 21.83 12.69
CA SER D 60 49.81 22.24 13.43
C SER D 60 49.52 22.38 14.93
N PRO D 61 48.45 23.10 15.37
CA PRO D 61 48.19 23.18 16.81
C PRO D 61 47.37 22.02 17.34
N LEU D 62 46.72 21.30 16.44
CA LEU D 62 45.75 20.27 16.79
C LEU D 62 46.40 18.90 17.03
N LEU D 63 47.73 18.80 16.89
CA LEU D 63 48.44 17.54 17.06
C LEU D 63 48.14 16.78 18.34
N PRO D 64 48.04 17.40 19.53
CA PRO D 64 47.53 16.63 20.68
C PRO D 64 46.13 16.08 20.49
N LEU D 65 45.18 16.93 20.08
CA LEU D 65 43.84 16.50 19.73
C LEU D 65 43.79 15.56 18.52
N ASP D 66 44.84 15.52 17.70
CA ASP D 66 44.90 14.54 16.63
C ASP D 66 45.46 13.19 17.09
N ILE D 67 46.50 13.21 17.92
CA ILE D 67 47.06 11.95 18.42
C ILE D 67 46.08 11.25 19.36
N LEU D 68 45.35 12.00 20.19
CA LEU D 68 44.39 11.34 21.07
C LEU D 68 43.25 10.72 20.27
N ALA D 69 42.78 11.42 19.23
CA ALA D 69 41.73 10.88 18.38
C ALA D 69 42.22 9.65 17.62
N SER D 70 43.47 9.69 17.14
CA SER D 70 44.02 8.55 16.42
C SER D 70 44.16 7.33 17.32
N LEU D 71 44.65 7.52 18.54
CA LEU D 71 44.80 6.38 19.45
C LEU D 71 43.43 5.83 19.85
N ALA D 72 42.44 6.72 20.04
CA ALA D 72 41.09 6.23 20.33
C ALA D 72 40.52 5.45 19.16
N LEU D 73 40.75 5.91 17.93
CA LEU D 73 40.20 5.23 16.76
C LEU D 73 40.90 3.91 16.48
N ILE D 74 42.20 3.78 16.80
CA ILE D 74 42.87 2.51 16.58
C ILE D 74 42.62 1.51 17.70
N ALA D 75 42.19 1.99 18.87
CA ALA D 75 41.85 1.12 19.99
C ALA D 75 40.36 0.78 20.01
N ASP D 76 39.85 0.28 18.88
CA ASP D 76 38.47 -0.17 18.83
C ASP D 76 38.25 -1.50 18.11
N ILE D 77 39.26 -2.06 17.44
CA ILE D 77 39.05 -3.30 16.69
C ILE D 77 38.67 -4.50 17.55
N PRO D 78 39.34 -4.80 18.68
CA PRO D 78 39.07 -6.10 19.32
C PRO D 78 37.76 -6.17 20.09
N LEU D 79 37.06 -5.04 20.27
CA LEU D 79 35.80 -5.02 21.01
C LEU D 79 34.67 -5.47 20.09
N ASP D 80 34.56 -6.80 19.93
CA ASP D 80 33.50 -7.34 19.10
C ASP D 80 32.14 -7.25 19.79
N LEU D 81 32.10 -7.45 21.10
CA LEU D 81 30.85 -7.39 21.84
C LEU D 81 31.00 -6.49 23.07
N ARG D 100 34.34 -5.80 9.34
CA ARG D 100 35.56 -5.34 10.00
C ARG D 100 36.47 -4.61 9.01
N LEU D 101 36.10 -4.66 7.73
CA LEU D 101 36.87 -3.96 6.71
C LEU D 101 36.91 -2.45 6.91
N PRO D 102 35.79 -1.74 7.16
CA PRO D 102 35.91 -0.28 7.36
C PRO D 102 36.78 0.10 8.55
N ASP D 103 36.67 -0.63 9.66
CA ASP D 103 37.47 -0.32 10.85
C ASP D 103 38.96 -0.50 10.56
N LEU D 104 39.32 -1.59 9.89
CA LEU D 104 40.73 -1.84 9.58
C LEU D 104 41.26 -0.82 8.58
N LEU D 105 40.46 -0.45 7.58
CA LEU D 105 40.90 0.53 6.59
C LEU D 105 41.04 1.92 7.20
N ALA D 106 40.17 2.27 8.14
CA ALA D 106 40.27 3.57 8.81
C ALA D 106 41.38 3.60 9.86
N ALA D 107 41.71 2.47 10.45
CA ALA D 107 42.63 2.45 11.58
C ALA D 107 44.10 2.55 11.16
N LEU D 108 44.41 2.36 9.88
CA LEU D 108 45.80 2.45 9.44
C LEU D 108 46.26 3.90 9.51
N PRO D 109 47.46 4.17 10.06
CA PRO D 109 47.89 5.55 10.35
C PRO D 109 48.35 6.32 9.11
N LEU D 110 47.43 6.51 8.16
CA LEU D 110 47.75 7.32 6.99
C LEU D 110 47.84 8.80 7.34
N ASP D 111 47.02 9.28 8.27
CA ASP D 111 47.20 10.62 8.80
C ASP D 111 48.43 10.68 9.70
N LEU D 112 48.83 11.91 10.05
CA LEU D 112 50.11 12.29 10.65
C LEU D 112 51.25 12.13 9.65
N LEU D 113 50.95 11.60 8.47
CA LEU D 113 51.88 11.51 7.35
C LEU D 113 51.41 12.25 6.11
N VAL D 114 50.10 12.27 5.85
CA VAL D 114 49.55 12.92 4.66
C VAL D 114 49.91 14.40 4.65
N PHE D 115 49.86 15.04 5.81
CA PHE D 115 50.09 16.48 5.91
C PHE D 115 51.48 16.82 6.44
N ALA D 116 52.22 15.84 6.95
CA ALA D 116 53.60 16.08 7.40
C ALA D 116 54.58 15.93 6.24
N LEU D 117 54.58 14.77 5.58
CA LEU D 117 55.38 14.58 4.37
C LEU D 117 54.80 15.32 3.18
N HIS D 118 53.58 15.84 3.31
CA HIS D 118 52.90 16.77 2.40
C HIS D 118 52.40 16.11 1.12
N LEU D 119 52.84 14.87 0.82
CA LEU D 119 52.17 13.85 0.00
C LEU D 119 51.26 14.41 -1.08
N PRO D 120 51.83 14.96 -2.18
CA PRO D 120 51.11 15.89 -3.08
C PRO D 120 49.69 15.55 -3.47
N SER D 121 48.92 16.60 -3.79
CA SER D 121 47.46 16.55 -3.80
C SER D 121 46.80 15.43 -4.60
N PRO D 122 47.24 15.06 -5.82
CA PRO D 122 46.51 14.00 -6.54
C PRO D 122 46.47 12.66 -5.82
N LEU D 123 47.50 12.32 -5.04
CA LEU D 123 47.52 11.07 -4.29
C LEU D 123 47.04 11.21 -2.85
N SER D 124 46.66 12.41 -2.42
CA SER D 124 46.17 12.62 -1.06
C SER D 124 44.68 12.36 -0.90
N LEU D 125 43.96 12.10 -2.00
CA LEU D 125 42.53 11.85 -1.93
C LEU D 125 42.20 10.51 -1.26
N LEU D 126 43.18 9.64 -1.05
CA LEU D 126 42.95 8.42 -0.30
C LEU D 126 42.83 8.65 1.20
N SER D 127 42.97 9.89 1.67
CA SER D 127 42.71 10.20 3.07
C SER D 127 41.23 10.11 3.45
N LEU D 128 40.34 10.00 2.47
CA LEU D 128 38.91 9.96 2.75
C LEU D 128 38.43 8.59 3.21
N VAL D 129 39.28 7.58 3.22
CA VAL D 129 38.89 6.22 3.57
C VAL D 129 38.66 6.09 5.08
N ARG D 130 38.94 7.15 5.83
CA ARG D 130 38.70 7.14 7.27
C ARG D 130 37.23 7.35 7.64
N LEU D 131 36.39 7.79 6.70
CA LEU D 131 35.00 8.07 7.00
C LEU D 131 34.09 6.85 6.86
N LEU D 132 34.64 5.69 6.46
CA LEU D 132 33.83 4.50 6.26
C LEU D 132 33.26 3.93 7.56
N LYS D 133 33.59 4.48 8.72
CA LYS D 133 32.92 4.12 9.97
C LYS D 133 31.46 4.56 9.98
N LEU D 134 31.05 5.38 9.01
CA LEU D 134 29.64 5.77 8.87
C LEU D 134 28.74 4.54 8.70
N ILE D 135 29.17 3.57 7.90
CA ILE D 135 28.38 2.36 7.69
C ILE D 135 28.23 1.60 9.00
N SER D 136 29.33 1.45 9.75
CA SER D 136 29.30 0.71 11.00
C SER D 136 28.40 1.39 12.02
N VAL D 137 28.52 2.72 12.15
CA VAL D 137 27.73 3.43 13.15
C VAL D 137 26.26 3.47 12.76
N GLN D 138 25.95 3.55 11.46
CA GLN D 138 24.57 3.52 11.02
C GLN D 138 23.96 2.14 11.24
N ALA D 139 24.74 1.08 11.05
CA ALA D 139 24.25 -0.26 11.37
C ALA D 139 24.05 -0.44 12.86
N SER D 140 24.96 0.08 13.67
CA SER D 140 24.87 -0.05 15.12
C SER D 140 23.81 0.86 15.72
N ALA D 141 23.40 1.91 14.99
CA ALA D 141 22.35 2.81 15.47
C ALA D 141 21.01 2.10 15.66
N THR D 142 20.79 0.98 14.97
CA THR D 142 19.61 0.16 15.23
C THR D 142 19.75 -0.65 16.51
N ARG D 143 20.97 -1.03 16.88
CA ARG D 143 21.22 -1.82 18.08
C ARG D 143 21.60 -0.93 19.26
N ILE D 144 20.73 0.03 19.57
CA ILE D 144 20.90 0.86 20.77
C ILE D 144 19.59 0.92 21.53
N PRO D 151 9.81 5.14 13.80
CA PRO D 151 10.47 5.78 12.66
C PRO D 151 11.24 7.03 13.08
N ALA D 152 11.49 7.18 14.38
CA ALA D 152 12.14 8.37 14.89
C ALA D 152 13.63 8.41 14.57
N LEU D 153 14.25 7.25 14.32
CA LEU D 153 15.69 7.20 14.09
C LEU D 153 16.11 6.34 12.91
N LEU D 154 15.24 5.49 12.35
CA LEU D 154 15.65 4.61 11.27
C LEU D 154 15.91 5.39 9.98
N ARG D 155 14.97 6.25 9.60
CA ARG D 155 15.11 7.06 8.39
C ARG D 155 15.04 8.55 8.66
N LEU D 156 15.35 8.97 9.89
CA LEU D 156 15.39 10.39 10.25
C LEU D 156 16.80 10.84 10.58
N LEU D 157 17.45 10.23 11.57
CA LEU D 157 18.82 10.61 11.92
C LEU D 157 19.84 10.05 10.93
N SER D 158 19.53 8.93 10.29
CA SER D 158 20.39 8.38 9.24
C SER D 158 20.26 9.12 7.92
N LEU D 159 19.33 10.06 7.78
CA LEU D 159 19.13 10.78 6.53
C LEU D 159 19.49 12.26 6.62
N VAL D 160 18.90 13.01 7.56
CA VAL D 160 19.20 14.44 7.63
C VAL D 160 20.63 14.68 8.12
N GLY D 161 21.11 13.86 9.06
CA GLY D 161 22.49 13.97 9.48
C GLY D 161 23.47 13.60 8.39
N PHE D 162 23.15 12.54 7.63
CA PHE D 162 23.95 12.17 6.48
C PHE D 162 23.94 13.28 5.43
N ILE D 163 22.78 13.91 5.22
CA ILE D 163 22.68 15.01 4.26
C ILE D 163 23.56 16.18 4.71
N LEU D 164 23.54 16.52 6.00
CA LEU D 164 24.35 17.63 6.48
C LEU D 164 25.84 17.33 6.38
N LEU D 165 26.27 16.13 6.78
CA LEU D 165 27.68 15.76 6.67
C LEU D 165 28.14 15.75 5.22
N ALA D 166 27.32 15.17 4.33
CA ALA D 166 27.66 15.14 2.91
C ALA D 166 27.72 16.55 2.34
N ALA D 167 26.80 17.43 2.77
CA ALA D 167 26.80 18.81 2.31
C ALA D 167 28.08 19.52 2.71
N HIS D 168 28.49 19.34 3.97
CA HIS D 168 29.74 19.95 4.43
C HIS D 168 30.93 19.43 3.62
N GLY D 169 30.99 18.12 3.42
CA GLY D 169 32.11 17.54 2.68
C GLY D 169 32.17 18.03 1.24
N ILE D 170 31.00 18.13 0.59
CA ILE D 170 31.01 18.47 -0.82
C ILE D 170 31.21 19.97 -0.99
N ALA D 171 30.80 20.77 -0.01
CA ALA D 171 31.12 22.20 -0.06
C ALA D 171 32.61 22.42 0.10
N CYS D 172 33.26 21.66 1.00
CA CYS D 172 34.72 21.75 1.12
C CYS D 172 35.41 21.28 -0.15
N GLY D 173 34.88 20.22 -0.78
CA GLY D 173 35.45 19.78 -2.04
C GLY D 173 35.29 20.80 -3.15
N TRP D 174 34.12 21.46 -3.22
CA TRP D 174 33.93 22.50 -4.22
C TRP D 174 34.83 23.69 -3.92
N MET D 175 35.13 23.94 -2.64
CA MET D 175 36.12 24.95 -2.29
C MET D 175 37.49 24.59 -2.83
N SER D 176 37.81 23.29 -2.90
CA SER D 176 39.17 22.90 -3.25
C SER D 176 39.53 23.33 -4.68
N LEU D 177 38.81 23.14 -5.65
CA LEU D 177 39.15 23.49 -7.05
C LEU D 177 38.68 24.91 -7.37
N GLN D 178 39.06 25.88 -6.61
CA GLN D 178 38.86 27.29 -6.88
C GLN D 178 40.22 27.97 -7.05
N PRO D 179 40.28 29.04 -7.84
CA PRO D 179 41.50 29.87 -7.84
C PRO D 179 41.75 30.49 -6.47
N PRO D 180 43.02 30.63 -6.08
CA PRO D 180 43.33 31.21 -4.77
C PRO D 180 43.01 32.69 -4.68
N SER D 181 41.97 33.02 -3.93
CA SER D 181 41.50 34.40 -3.78
C SER D 181 41.98 34.96 -2.44
N GLU D 182 41.62 36.21 -2.18
CA GLU D 182 42.00 36.90 -0.94
C GLU D 182 40.71 37.30 -0.22
N ASN D 183 40.19 36.36 0.57
CA ASN D 183 39.00 36.60 1.39
C ASN D 183 39.13 35.78 2.65
N PRO D 184 38.45 36.19 3.74
CA PRO D 184 38.47 35.39 4.97
C PRO D 184 37.91 33.99 4.73
N ALA D 185 38.48 33.02 5.45
CA ALA D 185 38.06 31.64 5.31
C ALA D 185 36.63 31.42 5.76
N GLY D 186 36.18 32.17 6.78
CA GLY D 186 34.82 32.00 7.26
C GLY D 186 33.78 32.41 6.24
N THR D 187 33.94 33.61 5.66
CA THR D 187 32.94 34.08 4.70
C THR D 187 32.99 33.27 3.41
N ARG D 188 34.17 32.80 3.02
CA ARG D 188 34.27 31.94 1.84
C ARG D 188 33.62 30.58 2.11
N TYR D 189 33.75 30.07 3.34
CA TYR D 189 33.08 28.83 3.69
C TYR D 189 31.57 28.98 3.67
N LEU D 190 31.07 30.11 4.19
CA LEU D 190 29.63 30.38 4.11
C LEU D 190 29.16 30.51 2.67
N SER D 191 29.94 31.18 1.81
CA SER D 191 29.56 31.29 0.41
C SER D 191 29.55 29.94 -0.30
N ALA D 192 30.56 29.10 -0.02
CA ALA D 192 30.63 27.79 -0.64
C ALA D 192 29.47 26.91 -0.18
N PHE D 193 29.17 26.92 1.12
CA PHE D 193 28.04 26.15 1.62
C PHE D 193 26.72 26.70 1.09
N TYR D 194 26.65 28.01 0.86
CA TYR D 194 25.46 28.62 0.26
C TYR D 194 25.23 28.09 -1.15
N TRP D 195 26.28 28.10 -1.97
CA TRP D 195 26.15 27.55 -3.33
C TRP D 195 25.82 26.07 -3.28
N THR D 196 26.45 25.34 -2.34
CA THR D 196 26.22 23.91 -2.22
C THR D 196 24.76 23.60 -1.87
N ILE D 197 24.23 24.23 -0.83
CA ILE D 197 22.84 24.01 -0.44
C ILE D 197 21.87 24.56 -1.51
N THR D 198 22.33 25.50 -2.34
CA THR D 198 21.54 25.95 -3.48
C THR D 198 21.41 24.87 -4.56
N THR D 199 22.51 24.19 -4.87
CA THR D 199 22.48 23.22 -5.96
C THR D 199 22.13 21.80 -5.52
N LEU D 200 22.41 21.46 -4.26
CA LEU D 200 22.06 20.17 -3.68
C LEU D 200 20.57 20.04 -3.41
N THR D 201 19.88 21.15 -3.13
CA THR D 201 18.48 21.09 -2.75
C THR D 201 17.58 21.56 -3.91
N THR D 202 18.18 21.79 -5.08
CA THR D 202 17.47 22.13 -6.33
C THR D 202 16.66 23.42 -6.17
N ILE D 203 17.38 24.51 -5.97
CA ILE D 203 16.79 25.85 -5.91
C ILE D 203 17.15 26.66 -7.16
N GLY D 204 18.45 26.81 -7.43
CA GLY D 204 18.90 27.42 -8.66
C GLY D 204 18.84 28.93 -8.74
N TYR D 205 19.59 29.62 -7.88
CA TYR D 205 19.73 31.07 -8.02
C TYR D 205 20.62 31.43 -9.20
N GLY D 206 21.87 30.99 -9.17
CA GLY D 206 22.80 31.23 -10.25
C GLY D 206 23.77 32.38 -10.04
N ASP D 207 23.80 32.97 -8.85
CA ASP D 207 24.77 34.03 -8.58
C ASP D 207 26.20 33.51 -8.58
N ILE D 208 26.40 32.23 -8.29
CA ILE D 208 27.71 31.59 -8.36
C ILE D 208 27.62 30.49 -9.41
N THR D 209 28.47 30.57 -10.44
CA THR D 209 28.46 29.62 -11.53
C THR D 209 29.88 29.15 -11.83
N PRO D 210 30.04 27.92 -12.31
CA PRO D 210 31.36 27.45 -12.71
C PRO D 210 31.89 28.19 -13.93
N SER D 211 33.22 28.30 -14.01
CA SER D 211 33.87 28.98 -15.11
C SER D 211 34.87 28.09 -15.86
N THR D 212 35.65 27.26 -15.13
CA THR D 212 36.63 26.40 -15.76
C THR D 212 36.00 25.09 -16.20
N PRO D 213 36.55 24.44 -17.24
CA PRO D 213 36.00 23.14 -17.67
C PRO D 213 36.01 22.07 -16.59
N THR D 214 37.03 22.07 -15.72
CA THR D 214 37.08 21.09 -14.64
C THR D 214 35.99 21.34 -13.61
N GLN D 215 35.75 22.62 -13.27
CA GLN D 215 34.64 22.95 -12.38
C GLN D 215 33.30 22.65 -13.04
N THR D 216 33.19 22.81 -14.36
CA THR D 216 31.96 22.42 -15.05
C THR D 216 31.75 20.91 -15.01
N VAL D 217 32.83 20.14 -15.07
CA VAL D 217 32.68 18.69 -14.93
C VAL D 217 32.27 18.34 -13.51
N TYR D 218 32.89 18.99 -12.52
CA TYR D 218 32.52 18.69 -11.13
C TYR D 218 31.07 19.08 -10.85
N THR D 219 30.61 20.22 -11.40
CA THR D 219 29.23 20.59 -11.15
C THR D 219 28.24 19.68 -11.86
N ILE D 220 28.64 18.99 -12.94
CA ILE D 220 27.72 18.01 -13.53
C ILE D 220 27.42 16.90 -12.54
N VAL D 221 28.48 16.29 -12.00
CA VAL D 221 28.29 15.15 -11.11
C VAL D 221 27.72 15.58 -9.76
N ILE D 222 28.05 16.78 -9.27
CA ILE D 222 27.43 17.19 -8.02
C ILE D 222 25.97 17.55 -8.23
N GLU D 223 25.60 18.11 -9.40
CA GLU D 223 24.19 18.35 -9.69
C GLU D 223 23.41 17.05 -9.71
N LEU D 224 23.95 16.04 -10.41
CA LEU D 224 23.28 14.74 -10.49
C LEU D 224 23.13 14.12 -9.12
N LEU D 225 24.23 14.04 -8.37
CA LEU D 225 24.21 13.36 -7.07
C LEU D 225 23.36 14.12 -6.07
N GLY D 226 23.43 15.46 -6.08
CA GLY D 226 22.64 16.25 -5.15
C GLY D 226 21.16 16.19 -5.42
N ALA D 227 20.75 16.25 -6.69
CA ALA D 227 19.32 16.13 -6.98
C ALA D 227 18.82 14.71 -6.79
N ALA D 228 19.71 13.71 -6.89
CA ALA D 228 19.35 12.35 -6.49
C ALA D 228 19.13 12.28 -4.99
N MET D 229 20.03 12.87 -4.21
CA MET D 229 19.93 12.77 -2.76
C MET D 229 18.70 13.52 -2.27
N TYR D 230 18.49 14.73 -2.80
CA TYR D 230 17.34 15.54 -2.43
C TYR D 230 16.04 14.80 -2.73
N GLY D 231 15.88 14.32 -3.97
CA GLY D 231 14.65 13.61 -4.31
C GLY D 231 14.47 12.36 -3.48
N LEU D 232 15.56 11.62 -3.26
CA LEU D 232 15.51 10.38 -2.48
C LEU D 232 15.01 10.66 -1.06
N VAL D 233 15.65 11.58 -0.35
CA VAL D 233 15.31 11.81 1.04
C VAL D 233 13.93 12.44 1.16
N ILE D 234 13.58 13.36 0.26
CA ILE D 234 12.29 14.04 0.38
C ILE D 234 11.15 13.07 0.05
N GLY D 235 11.31 12.25 -1.00
CA GLY D 235 10.30 11.24 -1.26
C GLY D 235 10.20 10.19 -0.18
N ASN D 236 11.34 9.83 0.43
CA ASN D 236 11.34 8.89 1.54
C ASN D 236 10.56 9.45 2.73
N ILE D 237 10.83 10.71 3.08
CA ILE D 237 10.12 11.32 4.21
C ILE D 237 8.64 11.50 3.88
N ALA D 238 8.32 11.84 2.64
CA ALA D 238 6.91 12.00 2.27
C ALA D 238 6.16 10.68 2.34
N SER D 239 6.79 9.58 1.90
CA SER D 239 6.18 8.27 2.02
C SER D 239 6.21 7.75 3.45
N LEU D 240 7.08 8.30 4.30
CA LEU D 240 7.16 7.84 5.68
C LEU D 240 6.20 8.58 6.60
N VAL D 241 5.91 9.85 6.34
CA VAL D 241 4.93 10.53 7.17
C VAL D 241 3.54 9.97 6.89
N SER D 242 3.31 9.47 5.68
CA SER D 242 2.09 8.70 5.46
C SER D 242 2.13 7.34 6.15
N LYS D 243 3.29 6.93 6.67
CA LYS D 243 3.37 5.78 7.57
C LYS D 243 3.68 6.18 9.01
N LEU D 244 4.18 7.39 9.25
CA LEU D 244 4.53 7.82 10.60
C LEU D 244 3.29 7.87 11.47
N ASP D 245 3.47 7.63 12.77
CA ASP D 245 2.38 7.37 13.73
C ASP D 245 1.24 6.55 13.10
N ALA D 246 1.60 5.35 12.66
CA ALA D 246 0.75 4.43 11.90
C ALA D 246 -0.48 3.95 12.67
N ALA D 247 -0.58 4.25 13.96
CA ALA D 247 -1.79 3.96 14.71
C ALA D 247 -2.93 4.93 14.42
N LYS D 248 -2.67 6.24 14.47
CA LYS D 248 -3.72 7.19 14.08
C LYS D 248 -4.04 7.12 12.58
N LEU D 249 -3.03 6.91 11.74
CA LEU D 249 -3.27 6.79 10.29
C LEU D 249 -4.04 5.52 9.93
N LEU D 250 -3.64 4.36 10.45
CA LEU D 250 -4.43 3.16 10.15
C LEU D 250 -5.79 3.19 10.87
N HIS D 251 -5.82 3.47 12.17
CA HIS D 251 -7.12 3.38 12.84
C HIS D 251 -8.09 4.42 12.30
N ARG D 252 -7.69 5.71 12.23
CA ARG D 252 -8.66 6.68 11.76
C ARG D 252 -9.25 6.30 10.40
N GLU D 253 -8.48 5.60 9.54
CA GLU D 253 -9.07 5.21 8.26
C GLU D 253 -10.01 4.03 8.47
N ARG D 254 -9.78 3.27 9.55
CA ARG D 254 -10.67 2.17 9.89
C ARG D 254 -12.03 2.74 10.27
N VAL D 255 -12.00 3.80 11.08
CA VAL D 255 -13.23 4.52 11.41
C VAL D 255 -13.83 5.17 10.17
N GLU D 256 -12.98 5.72 9.29
CA GLU D 256 -13.48 6.47 8.15
C GLU D 256 -14.31 5.58 7.24
N ARG D 257 -13.81 4.37 6.93
CA ARG D 257 -14.51 3.53 5.96
C ARG D 257 -15.90 3.17 6.49
N VAL D 258 -15.98 2.74 7.75
CA VAL D 258 -17.25 2.32 8.33
C VAL D 258 -18.19 3.51 8.40
N THR D 259 -17.74 4.59 9.08
CA THR D 259 -18.52 5.81 9.22
C THR D 259 -19.04 6.25 7.85
N ALA D 260 -18.16 6.19 6.84
CA ALA D 260 -18.47 6.67 5.50
C ALA D 260 -19.68 5.92 4.95
N PHE D 261 -19.68 4.59 5.11
CA PHE D 261 -20.77 3.85 4.48
C PHE D 261 -22.04 3.91 5.31
N LEU D 262 -21.92 3.90 6.64
CA LEU D 262 -23.10 4.05 7.49
C LEU D 262 -23.72 5.45 7.39
N SER D 263 -22.94 6.45 6.99
CA SER D 263 -23.48 7.78 6.69
C SER D 263 -23.86 7.93 5.23
N TYR D 264 -23.40 7.03 4.36
CA TYR D 264 -24.01 6.93 3.04
C TYR D 264 -25.44 6.42 3.16
N LYS D 265 -25.68 5.47 4.05
CA LYS D 265 -27.02 5.20 4.52
C LYS D 265 -27.41 6.24 5.57
N ARG D 266 -28.65 6.17 6.04
CA ARG D 266 -29.14 7.08 7.07
C ARG D 266 -29.52 6.31 8.32
N ILE D 267 -28.97 6.74 9.45
CA ILE D 267 -29.02 6.02 10.71
C ILE D 267 -29.50 7.01 11.78
N SER D 268 -30.28 6.53 12.74
CA SER D 268 -30.95 7.40 13.67
C SER D 268 -29.95 8.09 14.60
N PRO D 269 -30.28 9.29 15.10
CA PRO D 269 -29.34 10.01 15.98
C PRO D 269 -28.99 9.26 17.26
N GLU D 270 -29.92 8.52 17.84
CA GLU D 270 -29.59 7.69 18.99
C GLU D 270 -28.91 6.38 18.61
N LEU D 271 -28.71 6.13 17.31
CA LEU D 271 -27.79 5.10 16.86
C LEU D 271 -26.57 5.66 16.13
N GLN D 272 -26.62 6.90 15.64
CA GLN D 272 -25.40 7.62 15.32
C GLN D 272 -24.50 7.75 16.53
N ARG D 273 -25.06 8.13 17.67
CA ARG D 273 -24.35 7.94 18.93
C ARG D 273 -24.28 6.46 19.26
N ARG D 274 -23.26 6.09 20.05
CA ARG D 274 -22.88 4.72 20.40
C ARG D 274 -22.15 4.00 19.26
N ILE D 275 -22.20 4.54 18.04
CA ILE D 275 -21.35 4.04 16.96
C ILE D 275 -20.02 4.78 17.00
N ILE D 276 -20.08 6.10 16.77
CA ILE D 276 -18.91 6.95 16.97
C ILE D 276 -18.47 6.93 18.43
N GLU D 277 -19.38 6.66 19.36
CA GLU D 277 -18.98 6.60 20.76
C GLU D 277 -18.43 5.24 21.15
N TYR D 278 -18.78 4.18 20.43
CA TYR D 278 -18.06 2.92 20.62
C TYR D 278 -16.65 3.03 20.04
N PHE D 279 -16.51 3.72 18.91
CA PHE D 279 -15.18 4.01 18.40
C PHE D 279 -14.40 4.94 19.33
N ASP D 280 -15.09 5.82 20.04
CA ASP D 280 -14.41 6.68 21.02
C ASP D 280 -13.95 5.88 22.24
N TYR D 281 -14.78 4.93 22.70
CA TYR D 281 -14.35 4.06 23.79
C TYR D 281 -13.20 3.16 23.35
N LEU D 282 -13.22 2.72 22.10
CA LEU D 282 -12.12 1.92 21.57
C LEU D 282 -10.90 2.77 21.24
N TRP D 283 -11.05 4.10 21.22
CA TRP D 283 -10.00 5.06 20.93
C TRP D 283 -9.37 5.63 22.19
N GLU D 284 -10.09 5.59 23.31
CA GLU D 284 -9.61 6.12 24.59
C GLU D 284 -9.25 5.03 25.57
N THR D 285 -10.08 3.99 25.70
CA THR D 285 -9.77 2.88 26.60
C THR D 285 -8.83 1.87 25.92
N ARG D 286 -9.01 1.64 24.62
CA ARG D 286 -8.19 0.70 23.88
C ARG D 286 -7.28 1.34 22.83
N ARG D 287 -7.48 2.62 22.53
CA ARG D 287 -6.62 3.36 21.59
C ARG D 287 -6.64 2.71 20.20
N GLY D 288 -7.84 2.59 19.65
CA GLY D 288 -8.03 2.11 18.31
C GLY D 288 -7.59 0.70 17.96
N TYR D 289 -8.05 -0.29 18.72
CA TYR D 289 -7.42 -1.61 18.69
C TYR D 289 -8.35 -2.68 19.23
N GLU D 290 -8.53 -3.74 18.45
CA GLU D 290 -9.03 -5.01 18.95
C GLU D 290 -7.83 -5.91 19.19
N GLU D 291 -8.04 -6.96 19.99
CA GLU D 291 -6.92 -7.70 20.55
C GLU D 291 -6.63 -9.02 19.83
N ARG D 292 -7.64 -9.86 19.64
CA ARG D 292 -7.39 -11.23 19.22
C ARG D 292 -6.91 -11.33 17.77
N GLU D 293 -7.42 -10.46 16.88
CA GLU D 293 -7.01 -10.48 15.48
C GLU D 293 -5.53 -10.17 15.28
N VAL D 294 -4.87 -9.55 16.26
CA VAL D 294 -3.45 -9.28 16.20
C VAL D 294 -2.60 -10.26 17.02
N LEU D 295 -3.20 -10.98 17.97
CA LEU D 295 -2.40 -11.92 18.76
C LEU D 295 -2.40 -13.37 18.27
N LYS D 296 -3.04 -13.72 17.14
CA LYS D 296 -2.76 -15.06 16.59
C LYS D 296 -1.29 -15.27 16.22
N GLU D 297 -0.63 -14.31 15.56
CA GLU D 297 0.72 -14.63 15.07
C GLU D 297 1.73 -14.83 16.19
N LEU D 298 1.44 -14.35 17.39
CA LEU D 298 2.31 -14.61 18.54
C LEU D 298 2.12 -16.06 19.00
N PRO D 299 3.20 -16.80 19.26
CA PRO D 299 3.10 -18.26 19.47
C PRO D 299 2.25 -18.65 20.67
N HIS D 300 1.91 -19.94 20.72
CA HIS D 300 1.00 -20.46 21.74
C HIS D 300 1.55 -20.35 23.17
N PRO D 301 2.79 -20.76 23.48
CA PRO D 301 3.32 -20.41 24.80
C PRO D 301 3.46 -18.92 25.00
N LEU D 302 3.61 -18.17 23.91
CA LEU D 302 3.68 -16.73 24.04
C LEU D 302 2.30 -16.10 24.17
N ARG D 303 1.27 -16.66 23.74
CA ARG D 303 -0.07 -16.12 24.05
C ARG D 303 -0.31 -16.47 25.52
N LEU D 304 0.22 -17.70 25.98
CA LEU D 304 0.07 -18.00 27.39
C LEU D 304 0.72 -16.93 28.26
N ALA D 305 1.99 -16.63 27.98
CA ALA D 305 2.75 -15.69 28.81
C ALA D 305 2.19 -14.27 28.72
N VAL D 306 1.96 -13.77 27.49
CA VAL D 306 1.48 -12.41 27.34
C VAL D 306 0.09 -12.25 27.93
N ALA D 307 -0.76 -13.26 27.77
CA ALA D 307 -2.12 -13.15 28.29
C ALA D 307 -2.15 -13.23 29.81
N MET D 308 -1.33 -14.10 30.42
CA MET D 308 -1.31 -14.13 31.88
C MET D 308 -0.67 -12.88 32.46
N GLU D 309 0.22 -12.23 31.72
CA GLU D 309 0.77 -10.97 32.19
C GLU D 309 -0.24 -9.83 32.06
N ILE D 310 -1.01 -9.81 30.97
CA ILE D 310 -1.87 -8.66 30.68
C ILE D 310 -3.20 -8.77 31.40
N HIS D 311 -3.88 -9.92 31.30
CA HIS D 311 -5.18 -10.11 31.95
C HIS D 311 -5.00 -10.48 33.42
N GLY D 312 -4.23 -9.67 34.15
CA GLY D 312 -4.10 -9.78 35.59
C GLY D 312 -5.21 -9.12 36.38
N ASP D 313 -6.11 -8.41 35.69
CA ASP D 313 -7.21 -7.70 36.34
C ASP D 313 -8.37 -8.64 36.65
N VAL D 314 -8.79 -9.45 35.68
CA VAL D 314 -9.96 -10.30 35.87
C VAL D 314 -9.68 -11.40 36.89
N ILE D 315 -8.45 -11.92 36.94
CA ILE D 315 -8.13 -13.07 37.79
C ILE D 315 -7.67 -12.60 39.17
N GLU D 316 -7.68 -13.54 40.12
CA GLU D 316 -7.28 -13.45 41.54
C GLU D 316 -7.88 -12.26 42.33
N LYS D 317 -9.06 -11.79 41.95
CA LYS D 317 -9.83 -10.86 42.77
C LYS D 317 -11.27 -11.33 43.02
N VAL D 318 -11.85 -12.10 42.11
CA VAL D 318 -13.12 -12.74 42.41
C VAL D 318 -12.80 -14.10 43.05
N PRO D 319 -13.57 -14.55 44.03
CA PRO D 319 -13.26 -15.83 44.70
C PRO D 319 -13.22 -17.04 43.78
N LEU D 320 -13.88 -16.99 42.62
CA LEU D 320 -13.67 -18.03 41.62
C LEU D 320 -12.22 -18.07 41.16
N PHE D 321 -11.68 -16.91 40.78
CA PHE D 321 -10.39 -16.84 40.09
C PHE D 321 -9.19 -16.82 41.03
N LYS D 322 -9.37 -16.54 42.32
CA LYS D 322 -8.26 -16.66 43.26
C LYS D 322 -8.19 -18.06 43.86
N GLY D 323 -6.97 -18.51 44.12
CA GLY D 323 -6.75 -19.83 44.68
C GLY D 323 -7.15 -20.97 43.77
N ALA D 324 -7.27 -20.71 42.47
CA ALA D 324 -7.73 -21.70 41.51
C ALA D 324 -6.60 -22.46 40.82
N GLY D 325 -5.45 -22.58 41.47
CA GLY D 325 -4.39 -23.31 40.81
C GLY D 325 -3.72 -22.55 39.67
N GLU D 326 -3.15 -23.32 38.75
CA GLU D 326 -2.38 -22.78 37.64
C GLU D 326 -2.80 -23.28 36.26
N GLU D 327 -3.30 -24.51 36.16
CA GLU D 327 -3.62 -25.05 34.84
C GLU D 327 -4.85 -24.39 34.21
N PHE D 328 -5.77 -23.88 35.03
CA PHE D 328 -6.68 -22.83 34.56
C PHE D 328 -5.97 -21.68 33.87
N ILE D 329 -5.18 -20.89 34.60
CA ILE D 329 -4.78 -19.58 34.08
C ILE D 329 -4.02 -19.73 32.76
N ARG D 330 -3.33 -20.86 32.55
CA ARG D 330 -2.84 -21.11 31.20
C ARG D 330 -3.94 -21.55 30.24
N ASP D 331 -4.93 -22.35 30.69
CA ASP D 331 -5.86 -22.95 29.73
C ASP D 331 -6.97 -21.99 29.27
N ILE D 332 -7.37 -21.04 30.10
CA ILE D 332 -8.59 -20.27 29.85
C ILE D 332 -8.34 -18.80 29.57
N ILE D 333 -7.17 -18.27 29.90
CA ILE D 333 -6.94 -16.83 29.72
C ILE D 333 -6.71 -16.49 28.25
N LEU D 334 -6.32 -17.48 27.44
CA LEU D 334 -6.37 -17.32 25.99
C LEU D 334 -7.80 -17.39 25.47
N HIS D 335 -8.63 -18.22 26.10
CA HIS D 335 -10.05 -18.25 25.77
C HIS D 335 -10.84 -17.11 26.41
N LEU D 336 -10.21 -16.34 27.28
CA LEU D 336 -10.85 -15.16 27.89
C LEU D 336 -11.00 -14.07 26.84
N GLU D 337 -12.19 -13.94 26.27
CA GLU D 337 -12.43 -13.04 25.15
C GLU D 337 -13.27 -11.86 25.62
N PRO D 338 -12.78 -10.63 25.52
CA PRO D 338 -13.54 -9.47 26.02
C PRO D 338 -14.44 -8.84 24.97
N VAL D 339 -15.56 -8.30 25.46
CA VAL D 339 -16.48 -7.49 24.67
C VAL D 339 -16.85 -6.24 25.46
N ILE D 340 -17.37 -5.25 24.74
CA ILE D 340 -17.75 -3.96 25.30
C ILE D 340 -19.23 -3.73 25.00
N TYR D 341 -19.96 -3.25 26.00
CA TYR D 341 -21.39 -3.01 25.86
C TYR D 341 -21.69 -1.57 26.26
N GLY D 342 -22.55 -0.90 25.51
CA GLY D 342 -22.87 0.47 25.79
C GLY D 342 -24.03 0.61 26.76
N PRO D 343 -24.39 1.86 27.09
CA PRO D 343 -25.49 2.09 28.03
C PRO D 343 -26.81 1.53 27.52
N GLY D 344 -27.59 0.98 28.44
CA GLY D 344 -28.95 0.56 28.14
C GLY D 344 -29.08 -0.44 27.01
N GLU D 345 -28.17 -1.40 26.94
CA GLU D 345 -28.12 -2.34 25.83
C GLU D 345 -28.56 -3.73 26.32
N TYR D 346 -29.46 -4.34 25.57
CA TYR D 346 -29.97 -5.67 25.91
C TYR D 346 -29.03 -6.76 25.45
N ILE D 347 -29.06 -7.88 26.18
CA ILE D 347 -28.32 -9.09 25.83
C ILE D 347 -29.26 -10.28 25.72
N ILE D 348 -30.13 -10.46 26.71
CA ILE D 348 -31.07 -11.58 26.76
C ILE D 348 -32.44 -10.98 27.06
N ARG D 349 -33.50 -11.76 26.79
CA ARG D 349 -34.85 -11.21 26.86
C ARG D 349 -35.67 -11.78 28.02
N ALA D 350 -36.02 -13.07 28.02
CA ALA D 350 -36.60 -13.67 29.21
C ALA D 350 -36.03 -15.05 29.52
N GLY D 351 -36.12 -15.95 28.54
CA GLY D 351 -35.88 -17.37 28.77
C GLY D 351 -35.17 -18.07 27.62
N GLU D 352 -34.30 -17.34 26.93
CA GLU D 352 -33.61 -17.84 25.75
C GLU D 352 -32.71 -19.02 26.09
N MET D 353 -32.14 -19.62 25.06
CA MET D 353 -31.18 -20.71 25.17
C MET D 353 -29.77 -20.18 24.99
N GLY D 354 -28.80 -21.00 25.41
CA GLY D 354 -27.39 -20.66 25.21
C GLY D 354 -26.94 -19.43 25.96
N SER D 355 -27.33 -19.32 27.23
CA SER D 355 -26.95 -18.18 28.08
C SER D 355 -25.67 -18.55 28.82
N ASP D 356 -24.53 -18.18 28.24
CA ASP D 356 -23.25 -18.52 28.85
C ASP D 356 -23.03 -17.69 30.11
N VAL D 357 -22.01 -18.06 30.88
CA VAL D 357 -21.78 -17.48 32.20
C VAL D 357 -21.05 -16.15 32.06
N TYR D 358 -21.60 -15.12 32.71
CA TYR D 358 -21.19 -13.73 32.50
C TYR D 358 -20.25 -13.32 33.64
N PHE D 359 -19.01 -12.98 33.29
CA PHE D 359 -18.01 -12.56 34.28
C PHE D 359 -17.86 -11.05 34.17
N ILE D 360 -18.40 -10.33 35.16
CA ILE D 360 -18.28 -8.87 35.22
C ILE D 360 -17.04 -8.50 36.03
N ASN D 361 -16.15 -7.72 35.42
CA ASN D 361 -14.93 -7.28 36.08
C ASN D 361 -15.15 -5.97 36.84
N ARG D 362 -15.57 -4.93 36.14
CA ARG D 362 -15.87 -3.65 36.76
C ARG D 362 -17.10 -3.04 36.11
N GLY D 363 -17.87 -2.30 36.90
CA GLY D 363 -19.13 -1.73 36.49
C GLY D 363 -20.31 -2.39 37.17
N SER D 364 -21.38 -1.61 37.35
CA SER D 364 -22.59 -2.04 38.02
C SER D 364 -23.73 -2.13 37.02
N VAL D 365 -24.41 -3.28 37.00
CA VAL D 365 -25.54 -3.53 36.12
C VAL D 365 -26.75 -3.97 36.94
N GLU D 366 -27.91 -3.38 36.64
CA GLU D 366 -29.14 -3.67 37.34
C GLU D 366 -29.77 -4.94 36.79
N VAL D 367 -30.50 -5.66 37.65
CA VAL D 367 -31.33 -6.77 37.21
C VAL D 367 -32.78 -6.46 37.56
N LEU D 368 -33.66 -6.60 36.58
CA LEU D 368 -35.08 -6.33 36.75
C LEU D 368 -35.89 -7.56 36.35
N SER D 369 -37.21 -7.45 36.45
CA SER D 369 -38.09 -8.55 36.08
C SER D 369 -38.23 -8.63 34.56
N ALA D 370 -39.06 -9.57 34.10
CA ALA D 370 -39.34 -9.69 32.67
C ALA D 370 -39.96 -8.41 32.11
N ASP D 371 -40.74 -7.71 32.92
CA ASP D 371 -41.24 -6.38 32.58
C ASP D 371 -40.36 -5.32 33.25
N GLU D 372 -40.72 -4.05 33.02
CA GLU D 372 -39.95 -2.94 33.55
C GLU D 372 -40.15 -2.73 35.05
N LYS D 373 -41.16 -3.34 35.65
CA LYS D 373 -41.52 -3.09 37.03
C LYS D 373 -40.82 -4.12 37.93
N THR D 374 -40.87 -3.88 39.25
CA THR D 374 -40.38 -4.78 40.30
C THR D 374 -38.87 -5.02 40.14
N ARG D 375 -38.13 -3.93 40.36
CA ARG D 375 -36.69 -3.90 40.53
C ARG D 375 -36.19 -5.04 41.43
N TYR D 376 -35.28 -5.86 40.91
CA TYR D 376 -34.71 -6.94 41.72
C TYR D 376 -33.55 -6.45 42.60
N ALA D 377 -32.43 -6.07 41.97
CA ALA D 377 -31.19 -5.79 42.68
C ALA D 377 -30.07 -5.28 41.77
N ILE D 378 -28.94 -4.94 42.37
CA ILE D 378 -27.76 -4.44 41.67
C ILE D 378 -26.68 -5.52 41.72
N LEU D 379 -26.06 -5.78 40.57
CA LEU D 379 -24.92 -6.69 40.49
C LEU D 379 -23.71 -5.87 40.08
N SER D 380 -22.58 -6.11 40.74
CA SER D 380 -21.46 -5.17 40.65
C SER D 380 -20.15 -5.95 40.70
N GLU D 381 -19.07 -5.25 41.05
CA GLU D 381 -17.73 -5.82 41.00
C GLU D 381 -17.58 -6.99 41.96
N GLY D 382 -16.65 -7.88 41.62
CA GLY D 382 -16.26 -8.98 42.48
C GLY D 382 -17.13 -10.21 42.42
N GLN D 383 -18.16 -10.22 41.57
CA GLN D 383 -19.05 -11.38 41.47
C GLN D 383 -19.27 -11.77 40.01
N PHE D 384 -20.20 -12.71 39.78
CA PHE D 384 -20.50 -13.20 38.44
C PHE D 384 -21.90 -13.79 38.45
N PHE D 385 -22.45 -13.98 37.25
CA PHE D 385 -23.71 -14.69 37.08
C PHE D 385 -23.74 -15.33 35.69
N GLY D 386 -24.88 -15.91 35.33
CA GLY D 386 -25.03 -16.57 34.05
C GLY D 386 -24.83 -18.07 34.05
N GLU D 387 -24.80 -18.70 35.22
CA GLU D 387 -24.29 -20.07 35.34
C GLU D 387 -25.35 -21.15 35.32
N MET D 388 -26.58 -20.92 35.81
CA MET D 388 -27.54 -22.02 35.87
C MET D 388 -28.20 -22.33 34.51
N ALA D 389 -27.64 -21.86 33.40
CA ALA D 389 -28.17 -22.24 32.10
C ALA D 389 -27.74 -23.64 31.70
N LEU D 390 -26.46 -23.96 31.90
CA LEU D 390 -25.88 -25.22 31.47
C LEU D 390 -25.78 -26.27 32.57
N ILE D 391 -25.49 -25.86 33.80
CA ILE D 391 -25.34 -26.84 34.88
C ILE D 391 -26.71 -27.42 35.25
N LEU D 392 -27.76 -26.59 35.27
CA LEU D 392 -29.10 -27.04 35.60
C LEU D 392 -29.91 -27.48 34.38
N ARG D 393 -29.39 -27.25 33.18
CA ARG D 393 -30.04 -27.64 31.92
C ARG D 393 -31.46 -27.09 31.81
N ALA D 394 -31.65 -25.84 32.24
CA ALA D 394 -32.97 -25.26 32.42
C ALA D 394 -33.08 -23.95 31.66
N PRO D 395 -34.29 -23.53 31.30
CA PRO D 395 -34.47 -22.20 30.72
C PRO D 395 -34.23 -21.11 31.77
N ARG D 396 -34.25 -19.87 31.29
CA ARG D 396 -33.67 -18.76 32.03
C ARG D 396 -34.77 -17.82 32.52
N THR D 397 -34.47 -17.08 33.59
CA THR D 397 -35.32 -16.00 34.12
C THR D 397 -34.37 -14.84 34.45
N ALA D 398 -34.13 -13.97 33.47
CA ALA D 398 -33.23 -12.85 33.69
C ALA D 398 -33.42 -11.77 32.64
N THR D 399 -33.20 -10.53 33.04
CA THR D 399 -33.17 -9.37 32.16
C THR D 399 -31.98 -8.51 32.55
N VAL D 400 -31.24 -8.04 31.55
CA VAL D 400 -29.99 -7.31 31.78
C VAL D 400 -29.95 -6.07 30.90
N ARG D 401 -29.47 -4.97 31.48
CA ARG D 401 -29.07 -3.77 30.75
C ARG D 401 -27.70 -3.34 31.27
N ALA D 402 -27.21 -2.21 30.75
CA ALA D 402 -25.92 -1.68 31.18
C ALA D 402 -26.03 -0.18 31.43
N ARG D 403 -25.36 0.28 32.49
CA ARG D 403 -25.41 1.69 32.85
C ARG D 403 -24.59 2.54 31.88
N ALA D 404 -23.40 2.08 31.51
CA ALA D 404 -22.49 2.90 30.71
C ALA D 404 -21.69 1.97 29.81
N PHE D 405 -20.56 2.47 29.29
CA PHE D 405 -19.67 1.69 28.45
C PHE D 405 -18.91 0.68 29.30
N CYS D 406 -19.57 -0.44 29.55
CA CYS D 406 -19.08 -1.46 30.48
C CYS D 406 -18.31 -2.54 29.73
N ASP D 407 -17.28 -3.06 30.38
CA ASP D 407 -16.45 -4.12 29.84
C ASP D 407 -16.86 -5.46 30.45
N LEU D 408 -17.11 -6.45 29.60
CA LEU D 408 -17.56 -7.75 30.08
C LEU D 408 -16.84 -8.83 29.28
N TYR D 409 -16.44 -9.90 29.95
CA TYR D 409 -15.64 -10.94 29.32
C TYR D 409 -16.55 -12.07 28.89
N ARG D 410 -16.43 -12.48 27.63
CA ARG D 410 -17.32 -13.49 27.06
C ARG D 410 -16.50 -14.66 26.53
N LEU D 411 -16.58 -15.79 27.22
CA LEU D 411 -15.86 -17.00 26.84
C LEU D 411 -16.86 -18.05 26.34
N ASP D 412 -16.34 -19.02 25.60
CA ASP D 412 -17.18 -20.01 24.96
C ASP D 412 -17.63 -21.07 25.96
N LYS D 413 -18.50 -21.98 25.50
CA LYS D 413 -19.17 -22.89 26.42
C LYS D 413 -18.61 -24.31 26.38
N GLU D 414 -18.18 -24.79 25.20
CA GLU D 414 -17.75 -26.19 25.11
C GLU D 414 -16.44 -26.42 25.87
N THR D 415 -15.50 -25.47 25.77
CA THR D 415 -14.29 -25.57 26.58
C THR D 415 -14.59 -25.42 28.07
N PHE D 416 -15.57 -24.59 28.42
CA PHE D 416 -15.95 -24.41 29.82
C PHE D 416 -16.41 -25.74 30.42
N ASP D 417 -17.33 -26.42 29.74
CA ASP D 417 -17.82 -27.70 30.26
C ASP D 417 -16.78 -28.80 30.12
N ARG D 418 -15.85 -28.67 29.16
CA ARG D 418 -14.75 -29.62 29.07
C ARG D 418 -13.82 -29.51 30.28
N ILE D 419 -13.57 -28.29 30.75
CA ILE D 419 -12.55 -28.12 31.78
C ILE D 419 -13.14 -28.22 33.18
N LEU D 420 -14.41 -27.84 33.36
CA LEU D 420 -15.05 -27.98 34.67
C LEU D 420 -15.18 -29.44 35.08
N SER D 421 -15.25 -30.36 34.12
CA SER D 421 -15.35 -31.78 34.46
C SER D 421 -14.05 -32.31 35.07
N ARG D 422 -12.91 -31.74 34.70
CA ARG D 422 -11.62 -32.16 35.21
C ARG D 422 -11.30 -31.57 36.58
N TYR D 423 -12.17 -30.71 37.11
CA TYR D 423 -11.91 -29.97 38.34
C TYR D 423 -13.11 -30.01 39.27
N PRO D 424 -13.14 -30.97 40.21
CA PRO D 424 -14.23 -31.01 41.20
C PRO D 424 -14.28 -29.78 42.10
N GLU D 425 -13.12 -29.29 42.56
CA GLU D 425 -13.09 -28.23 43.57
C GLU D 425 -13.72 -26.94 43.03
N ILE D 426 -13.46 -26.58 41.78
CA ILE D 426 -13.88 -25.26 41.33
C ILE D 426 -15.26 -25.33 40.68
N ALA D 427 -15.64 -26.49 40.12
CA ALA D 427 -17.04 -26.68 39.77
C ALA D 427 -17.92 -26.68 41.02
N ALA D 428 -17.42 -27.22 42.14
CA ALA D 428 -18.12 -27.05 43.41
C ALA D 428 -18.16 -25.59 43.85
N GLN D 429 -17.07 -24.85 43.59
CA GLN D 429 -17.04 -23.42 43.92
C GLN D 429 -18.09 -22.65 43.13
N ILE D 430 -18.23 -22.98 41.85
CA ILE D 430 -19.37 -22.52 41.06
C ILE D 430 -20.68 -22.96 41.71
N GLN D 431 -20.69 -24.17 42.26
CA GLN D 431 -21.95 -24.82 42.65
C GLN D 431 -22.58 -24.18 43.87
N GLU D 432 -21.78 -23.72 44.86
CA GLU D 432 -22.49 -23.15 46.03
C GLU D 432 -23.18 -21.84 45.64
N LEU D 433 -22.51 -20.99 44.86
CA LEU D 433 -23.13 -19.77 44.38
C LEU D 433 -24.28 -20.07 43.41
N ALA D 434 -24.24 -21.22 42.73
CA ALA D 434 -25.38 -21.64 41.94
C ALA D 434 -26.57 -22.03 42.83
N VAL D 435 -26.30 -22.67 43.96
CA VAL D 435 -27.38 -23.25 44.76
C VAL D 435 -27.86 -22.30 45.85
N ARG D 436 -27.02 -21.35 46.27
CA ARG D 436 -27.39 -20.41 47.33
C ARG D 436 -27.26 -18.98 46.85
P CMP E . -42.71 -23.30 -4.08
O1P CMP E . -42.48 -24.28 -2.94
O2P CMP E . -41.56 -22.43 -4.50
O5' CMP E . -43.22 -24.07 -5.40
C5' CMP E . -43.47 -23.29 -6.56
C4' CMP E . -44.28 -22.12 -6.12
O4' CMP E . -45.39 -21.86 -7.00
C3' CMP E . -44.95 -22.43 -4.80
O3' CMP E . -44.02 -22.38 -3.74
C2' CMP E . -46.16 -21.50 -4.77
O2' CMP E . -45.84 -20.28 -4.11
C1' CMP E . -46.38 -21.19 -6.26
N9 CMP E . -47.70 -21.66 -6.73
C8 CMP E . -48.48 -22.58 -6.15
N7 CMP E . -49.62 -22.78 -6.86
C5 CMP E . -49.57 -21.96 -7.93
C6 CMP E . -50.45 -21.66 -9.09
N6 CMP E . -51.64 -22.31 -9.24
N1 CMP E . -50.03 -20.75 -9.98
C2 CMP E . -48.85 -20.11 -9.83
N3 CMP E . -48.01 -20.32 -8.81
C4 CMP E . -48.30 -21.23 -7.85
P CMP F . -6.59 -46.46 -13.06
O1P CMP F . -7.71 -46.74 -12.10
O2P CMP F . -5.87 -45.14 -12.95
O5' CMP F . -5.47 -47.60 -13.00
C5' CMP F . -4.33 -47.48 -13.84
C4' CMP F . -4.86 -47.14 -15.20
O4' CMP F . -4.23 -47.90 -16.24
C3' CMP F . -6.31 -47.55 -15.30
O3' CMP F . -7.14 -46.65 -14.60
C2' CMP F . -6.54 -47.74 -16.81
O2' CMP F . -7.03 -46.55 -17.40
C1' CMP F . -5.11 -47.99 -17.33
N9 CMP F . -4.96 -49.33 -17.94
C8 CMP F . -5.76 -50.39 -17.75
N7 CMP F . -5.33 -51.46 -18.45
C5 CMP F . -4.22 -51.08 -19.12
C6 CMP F . -3.27 -51.73 -20.05
N6 CMP F . -3.42 -53.02 -20.43
N1 CMP F . -2.25 -50.98 -20.52
C2 CMP F . -2.09 -49.70 -20.16
N3 CMP F . -2.92 -49.05 -19.32
C4 CMP F . -3.98 -49.68 -18.77
P CMP G . 6.90 -39.45 27.52
O1P CMP G . 5.70 -40.23 27.01
O2P CMP G . 7.04 -38.02 27.08
O5' CMP G . 6.95 -39.44 29.12
C5' CMP G . 8.01 -38.75 29.76
C4' CMP G . 9.26 -39.15 29.06
O4' CMP G . 10.33 -39.45 29.97
C3' CMP G . 9.04 -40.48 28.34
O3' CMP G . 8.26 -40.28 27.17
C2' CMP G . 10.45 -41.06 28.20
O2' CMP G . 11.03 -40.70 26.96
C1' CMP G . 11.21 -40.34 29.34
N9 CMP G . 11.72 -41.28 30.35
C8 CMP G . 11.27 -42.54 30.57
N7 CMP G . 11.96 -43.12 31.59
C5 CMP G . 12.86 -42.22 32.04
C6 CMP G . 13.90 -42.19 33.09
N6 CMP G . 14.12 -43.26 33.90
N1 CMP G . 14.62 -41.06 33.23
C2 CMP G . 14.42 -39.99 32.44
N3 CMP G . 13.49 -39.95 31.46
C4 CMP G . 12.70 -41.02 31.22
P CMP H . -28.25 -16.28 36.19
O1P CMP H . -28.08 -17.75 35.89
O2P CMP H . -27.68 -15.28 35.21
O5' CMP H . -29.79 -15.89 36.38
C5' CMP H . -30.12 -14.54 36.65
C4' CMP H . -29.19 -14.10 37.74
O4' CMP H . -29.85 -13.37 38.78
C3' CMP H . -28.64 -15.31 38.46
O3' CMP H . -27.67 -15.97 37.69
C2' CMP H . -28.24 -14.76 39.85
O2' CMP H . -26.88 -14.37 39.86
C1' CMP H . -29.12 -13.50 39.96
N9 CMP H . -30.06 -13.57 41.09
C8 CMP H . -30.47 -14.69 41.72
N7 CMP H . -31.35 -14.40 42.71
C5 CMP H . -31.52 -13.06 42.72
C6 CMP H . -32.31 -12.09 43.51
N6 CMP H . -33.12 -12.50 44.52
N1 CMP H . -32.19 -10.77 43.19
C2 CMP H . -31.39 -10.36 42.20
N3 CMP H . -30.64 -11.18 41.45
C4 CMP H . -30.67 -12.52 41.64
#